data_3PO0
# 
_entry.id   3PO0 
# 
_audit_conform.dict_name       mmcif_pdbx.dic 
_audit_conform.dict_version    5.388 
_audit_conform.dict_location   http://mmcif.pdb.org/dictionaries/ascii/mmcif_pdbx.dic 
# 
loop_
_database_2.database_id 
_database_2.database_code 
_database_2.pdbx_database_accession 
_database_2.pdbx_DOI 
PDB   3PO0         pdb_00003po0 10.2210/pdb3po0/pdb 
RCSB  RCSB062607   ?            ?                   
WWPDB D_1000062607 ?            ?                   
# 
loop_
_pdbx_audit_revision_history.ordinal 
_pdbx_audit_revision_history.data_content_type 
_pdbx_audit_revision_history.major_revision 
_pdbx_audit_revision_history.minor_revision 
_pdbx_audit_revision_history.revision_date 
1 'Structure model' 1 0 2011-03-30 
2 'Structure model' 1 1 2011-07-13 
3 'Structure model' 1 2 2011-11-16 
4 'Structure model' 1 3 2024-03-20 
# 
_pdbx_audit_revision_details.ordinal             1 
_pdbx_audit_revision_details.revision_ordinal    1 
_pdbx_audit_revision_details.data_content_type   'Structure model' 
_pdbx_audit_revision_details.provider            repository 
_pdbx_audit_revision_details.type                'Initial release' 
_pdbx_audit_revision_details.description         ? 
_pdbx_audit_revision_details.details             ? 
# 
loop_
_pdbx_audit_revision_group.ordinal 
_pdbx_audit_revision_group.revision_ordinal 
_pdbx_audit_revision_group.data_content_type 
_pdbx_audit_revision_group.group 
1 2 'Structure model' 'Version format compliance' 
2 3 'Structure model' 'Database references'       
3 3 'Structure model' 'Structure summary'         
4 4 'Structure model' 'Data collection'           
5 4 'Structure model' 'Database references'       
6 4 'Structure model' 'Derived calculations'      
# 
loop_
_pdbx_audit_revision_category.ordinal 
_pdbx_audit_revision_category.revision_ordinal 
_pdbx_audit_revision_category.data_content_type 
_pdbx_audit_revision_category.category 
1 4 'Structure model' chem_comp_atom         
2 4 'Structure model' chem_comp_bond         
3 4 'Structure model' database_2             
4 4 'Structure model' pdbx_struct_conn_angle 
5 4 'Structure model' struct_conn            
6 4 'Structure model' struct_ref_seq_dif     
7 4 'Structure model' struct_site            
# 
loop_
_pdbx_audit_revision_item.ordinal 
_pdbx_audit_revision_item.revision_ordinal 
_pdbx_audit_revision_item.data_content_type 
_pdbx_audit_revision_item.item 
1  4 'Structure model' '_database_2.pdbx_DOI'                        
2  4 'Structure model' '_database_2.pdbx_database_accession'         
3  4 'Structure model' '_pdbx_struct_conn_angle.ptnr1_auth_comp_id'  
4  4 'Structure model' '_pdbx_struct_conn_angle.ptnr1_auth_seq_id'   
5  4 'Structure model' '_pdbx_struct_conn_angle.ptnr1_label_asym_id' 
6  4 'Structure model' '_pdbx_struct_conn_angle.ptnr1_label_atom_id' 
7  4 'Structure model' '_pdbx_struct_conn_angle.ptnr1_label_comp_id' 
8  4 'Structure model' '_pdbx_struct_conn_angle.ptnr1_label_seq_id'  
9  4 'Structure model' '_pdbx_struct_conn_angle.ptnr2_auth_seq_id'   
10 4 'Structure model' '_pdbx_struct_conn_angle.ptnr2_label_asym_id' 
11 4 'Structure model' '_pdbx_struct_conn_angle.ptnr3_auth_comp_id'  
12 4 'Structure model' '_pdbx_struct_conn_angle.ptnr3_auth_seq_id'   
13 4 'Structure model' '_pdbx_struct_conn_angle.ptnr3_label_asym_id' 
14 4 'Structure model' '_pdbx_struct_conn_angle.ptnr3_label_atom_id' 
15 4 'Structure model' '_pdbx_struct_conn_angle.ptnr3_label_comp_id' 
16 4 'Structure model' '_pdbx_struct_conn_angle.ptnr3_label_seq_id'  
17 4 'Structure model' '_pdbx_struct_conn_angle.value'               
18 4 'Structure model' '_struct_conn.pdbx_dist_value'                
19 4 'Structure model' '_struct_conn.ptnr1_auth_comp_id'             
20 4 'Structure model' '_struct_conn.ptnr1_auth_seq_id'              
21 4 'Structure model' '_struct_conn.ptnr1_label_asym_id'            
22 4 'Structure model' '_struct_conn.ptnr1_label_atom_id'            
23 4 'Structure model' '_struct_conn.ptnr1_label_comp_id'            
24 4 'Structure model' '_struct_conn.ptnr1_label_seq_id'             
25 4 'Structure model' '_struct_conn.ptnr2_auth_comp_id'             
26 4 'Structure model' '_struct_conn.ptnr2_auth_seq_id'              
27 4 'Structure model' '_struct_conn.ptnr2_label_asym_id'            
28 4 'Structure model' '_struct_conn.ptnr2_label_atom_id'            
29 4 'Structure model' '_struct_conn.ptnr2_label_comp_id'            
30 4 'Structure model' '_struct_ref_seq_dif.details'                 
31 4 'Structure model' '_struct_site.pdbx_auth_asym_id'              
32 4 'Structure model' '_struct_site.pdbx_auth_comp_id'              
33 4 'Structure model' '_struct_site.pdbx_auth_seq_id'               
# 
_pdbx_database_status.status_code                     REL 
_pdbx_database_status.entry_id                        3PO0 
_pdbx_database_status.recvd_initial_deposition_date   2010-11-21 
_pdbx_database_status.deposit_site                    RCSB 
_pdbx_database_status.process_site                    PDBJ 
_pdbx_database_status.status_code_sf                  REL 
_pdbx_database_status.status_code_mr                  ? 
_pdbx_database_status.SG_entry                        ? 
_pdbx_database_status.status_code_cs                  ? 
_pdbx_database_status.pdb_format_compatible           Y 
_pdbx_database_status.status_code_nmr_data            ? 
_pdbx_database_status.methods_development_category    ? 
# 
loop_
_audit_author.name 
_audit_author.pdbx_ordinal 
'Jeong, Y.J.'  1 
'Jeong, B.-C.' 2 
'Song, H.K.'   3 
# 
_citation.id                        primary 
_citation.title                     
'Crystal structure of ubiquitin-like small archaeal modifier protein 1 (SAMP1) from Haloferax volcanii.' 
_citation.journal_abbrev            Biochem.Biophys.Res.Commun. 
_citation.journal_volume            405 
_citation.page_first                112 
_citation.page_last                 117 
_citation.year                      2011 
_citation.journal_id_ASTM           BBRCA9 
_citation.country                   US 
_citation.journal_id_ISSN           0006-291X 
_citation.journal_id_CSD            0146 
_citation.book_publisher            ? 
_citation.pdbx_database_id_PubMed   21216237 
_citation.pdbx_database_id_DOI      10.1016/j.bbrc.2011.01.004 
# 
loop_
_citation_author.citation_id 
_citation_author.name 
_citation_author.ordinal 
_citation_author.identifier_ORCID 
primary 'Jeong, Y.J.'  1 ? 
primary 'Jeong, B.-C.' 2 ? 
primary 'Song, H.K.'   3 ? 
# 
loop_
_entity.id 
_entity.type 
_entity.src_method 
_entity.pdbx_description 
_entity.formula_weight 
_entity.pdbx_number_of_molecules 
_entity.pdbx_ec 
_entity.pdbx_mutation 
_entity.pdbx_fragment 
_entity.details 
1 polymer     man 'Small archaeal modifier protein 1' 9087.910 1  ? ? ? ? 
2 non-polymer syn 'ACETATE ION'                       59.044   1  ? ? ? ? 
3 non-polymer syn 'CADMIUM ION'                       112.411  2  ? ? ? ? 
4 non-polymer syn 'MAGNESIUM ION'                     24.305   2  ? ? ? ? 
5 water       nat water                               18.015   89 ? ? ? ? 
# 
_entity_name_com.entity_id   1 
_entity_name_com.name        'SAMP 1, Ubiquitin-like small archaeal modifier protein 1' 
# 
_entity_poly.entity_id                      1 
_entity_poly.type                           'polypeptide(L)' 
_entity_poly.nstd_linkage                   no 
_entity_poly.nstd_monomer                   no 
_entity_poly.pdbx_seq_one_letter_code       
;GSMEWKLFADLAEVAGSRTVRVDVDGDATVGDALDALVGAHPALESRVFGDDGELYDHINVLRNGEAAALGEATAAGDEL
ALFPPVSGG
;
_entity_poly.pdbx_seq_one_letter_code_can   
;GSMEWKLFADLAEVAGSRTVRVDVDGDATVGDALDALVGAHPALESRVFGDDGELYDHINVLRNGEAAALGEATAAGDEL
ALFPPVSGG
;
_entity_poly.pdbx_strand_id                 A 
_entity_poly.pdbx_target_identifier         ? 
# 
loop_
_pdbx_entity_nonpoly.entity_id 
_pdbx_entity_nonpoly.name 
_pdbx_entity_nonpoly.comp_id 
2 'ACETATE ION'   ACT 
3 'CADMIUM ION'   CD  
4 'MAGNESIUM ION' MG  
5 water           HOH 
# 
loop_
_entity_poly_seq.entity_id 
_entity_poly_seq.num 
_entity_poly_seq.mon_id 
_entity_poly_seq.hetero 
1 1  GLY n 
1 2  SER n 
1 3  MET n 
1 4  GLU n 
1 5  TRP n 
1 6  LYS n 
1 7  LEU n 
1 8  PHE n 
1 9  ALA n 
1 10 ASP n 
1 11 LEU n 
1 12 ALA n 
1 13 GLU n 
1 14 VAL n 
1 15 ALA n 
1 16 GLY n 
1 17 SER n 
1 18 ARG n 
1 19 THR n 
1 20 VAL n 
1 21 ARG n 
1 22 VAL n 
1 23 ASP n 
1 24 VAL n 
1 25 ASP n 
1 26 GLY n 
1 27 ASP n 
1 28 ALA n 
1 29 THR n 
1 30 VAL n 
1 31 GLY n 
1 32 ASP n 
1 33 ALA n 
1 34 LEU n 
1 35 ASP n 
1 36 ALA n 
1 37 LEU n 
1 38 VAL n 
1 39 GLY n 
1 40 ALA n 
1 41 HIS n 
1 42 PRO n 
1 43 ALA n 
1 44 LEU n 
1 45 GLU n 
1 46 SER n 
1 47 ARG n 
1 48 VAL n 
1 49 PHE n 
1 50 GLY n 
1 51 ASP n 
1 52 ASP n 
1 53 GLY n 
1 54 GLU n 
1 55 LEU n 
1 56 TYR n 
1 57 ASP n 
1 58 HIS n 
1 59 ILE n 
1 60 ASN n 
1 61 VAL n 
1 62 LEU n 
1 63 ARG n 
1 64 ASN n 
1 65 GLY n 
1 66 GLU n 
1 67 ALA n 
1 68 ALA n 
1 69 ALA n 
1 70 LEU n 
1 71 GLY n 
1 72 GLU n 
1 73 ALA n 
1 74 THR n 
1 75 ALA n 
1 76 ALA n 
1 77 GLY n 
1 78 ASP n 
1 79 GLU n 
1 80 LEU n 
1 81 ALA n 
1 82 LEU n 
1 83 PHE n 
1 84 PRO n 
1 85 PRO n 
1 86 VAL n 
1 87 SER n 
1 88 GLY n 
1 89 GLY n 
# 
_entity_src_gen.entity_id                          1 
_entity_src_gen.pdbx_src_id                        1 
_entity_src_gen.pdbx_alt_source_flag               sample 
_entity_src_gen.pdbx_seq_type                      ? 
_entity_src_gen.pdbx_beg_seq_num                   ? 
_entity_src_gen.pdbx_end_seq_num                   ? 
_entity_src_gen.gene_src_common_name               ? 
_entity_src_gen.gene_src_genus                     ? 
_entity_src_gen.pdbx_gene_src_gene                 ? 
_entity_src_gen.gene_src_species                   ? 
_entity_src_gen.gene_src_strain                    DS2 
_entity_src_gen.gene_src_tissue                    ? 
_entity_src_gen.gene_src_tissue_fraction           ? 
_entity_src_gen.gene_src_details                   ? 
_entity_src_gen.pdbx_gene_src_fragment             ? 
_entity_src_gen.pdbx_gene_src_scientific_name      'Haloferax volcanii' 
_entity_src_gen.pdbx_gene_src_ncbi_taxonomy_id     309800 
_entity_src_gen.pdbx_gene_src_variant              ? 
_entity_src_gen.pdbx_gene_src_cell_line            ? 
_entity_src_gen.pdbx_gene_src_atcc                 ? 
_entity_src_gen.pdbx_gene_src_organ                ? 
_entity_src_gen.pdbx_gene_src_organelle            ? 
_entity_src_gen.pdbx_gene_src_cell                 ? 
_entity_src_gen.pdbx_gene_src_cellular_location    ? 
_entity_src_gen.host_org_common_name               ? 
_entity_src_gen.pdbx_host_org_scientific_name      'Escherichia coli' 
_entity_src_gen.pdbx_host_org_ncbi_taxonomy_id     562 
_entity_src_gen.host_org_genus                     ? 
_entity_src_gen.pdbx_host_org_gene                 ? 
_entity_src_gen.pdbx_host_org_organ                ? 
_entity_src_gen.host_org_species                   ? 
_entity_src_gen.pdbx_host_org_tissue               ? 
_entity_src_gen.pdbx_host_org_tissue_fraction      ? 
_entity_src_gen.pdbx_host_org_strain               'Rosetta(DE3)' 
_entity_src_gen.pdbx_host_org_variant              ? 
_entity_src_gen.pdbx_host_org_cell_line            ? 
_entity_src_gen.pdbx_host_org_atcc                 ? 
_entity_src_gen.pdbx_host_org_culture_collection   ? 
_entity_src_gen.pdbx_host_org_cell                 ? 
_entity_src_gen.pdbx_host_org_organelle            ? 
_entity_src_gen.pdbx_host_org_cellular_location    ? 
_entity_src_gen.pdbx_host_org_vector_type          PLASMID 
_entity_src_gen.pdbx_host_org_vector               ? 
_entity_src_gen.host_org_details                   ? 
_entity_src_gen.expression_system_id               ? 
_entity_src_gen.plasmid_name                       pET 
_entity_src_gen.plasmid_details                    ? 
_entity_src_gen.pdbx_description                   ? 
# 
loop_
_chem_comp.id 
_chem_comp.type 
_chem_comp.mon_nstd_flag 
_chem_comp.name 
_chem_comp.pdbx_synonyms 
_chem_comp.formula 
_chem_comp.formula_weight 
ACT non-polymer         . 'ACETATE ION'   ? 'C2 H3 O2 -1'    59.044  
ALA 'L-peptide linking' y ALANINE         ? 'C3 H7 N O2'     89.093  
ARG 'L-peptide linking' y ARGININE        ? 'C6 H15 N4 O2 1' 175.209 
ASN 'L-peptide linking' y ASPARAGINE      ? 'C4 H8 N2 O3'    132.118 
ASP 'L-peptide linking' y 'ASPARTIC ACID' ? 'C4 H7 N O4'     133.103 
CD  non-polymer         . 'CADMIUM ION'   ? 'Cd 2'           112.411 
GLU 'L-peptide linking' y 'GLUTAMIC ACID' ? 'C5 H9 N O4'     147.129 
GLY 'peptide linking'   y GLYCINE         ? 'C2 H5 N O2'     75.067  
HIS 'L-peptide linking' y HISTIDINE       ? 'C6 H10 N3 O2 1' 156.162 
HOH non-polymer         . WATER           ? 'H2 O'           18.015  
ILE 'L-peptide linking' y ISOLEUCINE      ? 'C6 H13 N O2'    131.173 
LEU 'L-peptide linking' y LEUCINE         ? 'C6 H13 N O2'    131.173 
LYS 'L-peptide linking' y LYSINE          ? 'C6 H15 N2 O2 1' 147.195 
MET 'L-peptide linking' y METHIONINE      ? 'C5 H11 N O2 S'  149.211 
MG  non-polymer         . 'MAGNESIUM ION' ? 'Mg 2'           24.305  
PHE 'L-peptide linking' y PHENYLALANINE   ? 'C9 H11 N O2'    165.189 
PRO 'L-peptide linking' y PROLINE         ? 'C5 H9 N O2'     115.130 
SER 'L-peptide linking' y SERINE          ? 'C3 H7 N O3'     105.093 
THR 'L-peptide linking' y THREONINE       ? 'C4 H9 N O3'     119.119 
TRP 'L-peptide linking' y TRYPTOPHAN      ? 'C11 H12 N2 O2'  204.225 
TYR 'L-peptide linking' y TYROSINE        ? 'C9 H11 N O3'    181.189 
VAL 'L-peptide linking' y VALINE          ? 'C5 H11 N O2'    117.146 
# 
loop_
_pdbx_poly_seq_scheme.asym_id 
_pdbx_poly_seq_scheme.entity_id 
_pdbx_poly_seq_scheme.seq_id 
_pdbx_poly_seq_scheme.mon_id 
_pdbx_poly_seq_scheme.ndb_seq_num 
_pdbx_poly_seq_scheme.pdb_seq_num 
_pdbx_poly_seq_scheme.auth_seq_num 
_pdbx_poly_seq_scheme.pdb_mon_id 
_pdbx_poly_seq_scheme.auth_mon_id 
_pdbx_poly_seq_scheme.pdb_strand_id 
_pdbx_poly_seq_scheme.pdb_ins_code 
_pdbx_poly_seq_scheme.hetero 
A 1 1  GLY 1  -1 -1 GLY GLY A . n 
A 1 2  SER 2  0  0  SER SER A . n 
A 1 3  MET 3  1  1  MET MET A . n 
A 1 4  GLU 4  2  2  GLU GLU A . n 
A 1 5  TRP 5  3  3  TRP TRP A . n 
A 1 6  LYS 6  4  4  LYS LYS A . n 
A 1 7  LEU 7  5  5  LEU LEU A . n 
A 1 8  PHE 8  6  6  PHE PHE A . n 
A 1 9  ALA 9  7  7  ALA ALA A . n 
A 1 10 ASP 10 8  8  ASP ASP A . n 
A 1 11 LEU 11 9  9  LEU LEU A . n 
A 1 12 ALA 12 10 10 ALA ALA A . n 
A 1 13 GLU 13 11 11 GLU GLU A . n 
A 1 14 VAL 14 12 12 VAL VAL A . n 
A 1 15 ALA 15 13 13 ALA ALA A . n 
A 1 16 GLY 16 14 14 GLY GLY A . n 
A 1 17 SER 17 15 15 SER SER A . n 
A 1 18 ARG 18 16 16 ARG ARG A . n 
A 1 19 THR 19 17 17 THR THR A . n 
A 1 20 VAL 20 18 18 VAL VAL A . n 
A 1 21 ARG 21 19 19 ARG ARG A . n 
A 1 22 VAL 22 20 20 VAL VAL A . n 
A 1 23 ASP 23 21 21 ASP ASP A . n 
A 1 24 VAL 24 22 22 VAL VAL A . n 
A 1 25 ASP 25 23 23 ASP ASP A . n 
A 1 26 GLY 26 24 24 GLY GLY A . n 
A 1 27 ASP 27 25 25 ASP ASP A . n 
A 1 28 ALA 28 26 26 ALA ALA A . n 
A 1 29 THR 29 27 27 THR THR A . n 
A 1 30 VAL 30 28 28 VAL VAL A . n 
A 1 31 GLY 31 29 29 GLY GLY A . n 
A 1 32 ASP 32 30 30 ASP ASP A . n 
A 1 33 ALA 33 31 31 ALA ALA A . n 
A 1 34 LEU 34 32 32 LEU LEU A . n 
A 1 35 ASP 35 33 33 ASP ASP A . n 
A 1 36 ALA 36 34 34 ALA ALA A . n 
A 1 37 LEU 37 35 35 LEU LEU A . n 
A 1 38 VAL 38 36 36 VAL VAL A . n 
A 1 39 GLY 39 37 37 GLY GLY A . n 
A 1 40 ALA 40 38 38 ALA ALA A . n 
A 1 41 HIS 41 39 39 HIS HIS A . n 
A 1 42 PRO 42 40 40 PRO PRO A . n 
A 1 43 ALA 43 41 41 ALA ALA A . n 
A 1 44 LEU 44 42 42 LEU LEU A . n 
A 1 45 GLU 45 43 43 GLU GLU A . n 
A 1 46 SER 46 44 44 SER SER A . n 
A 1 47 ARG 47 45 45 ARG ARG A . n 
A 1 48 VAL 48 46 46 VAL VAL A . n 
A 1 49 PHE 49 47 47 PHE PHE A . n 
A 1 50 GLY 50 48 48 GLY GLY A . n 
A 1 51 ASP 51 49 49 ASP ASP A . n 
A 1 52 ASP 52 50 50 ASP ASP A . n 
A 1 53 GLY 53 51 51 GLY GLY A . n 
A 1 54 GLU 54 52 52 GLU GLU A . n 
A 1 55 LEU 55 53 53 LEU LEU A . n 
A 1 56 TYR 56 54 54 TYR TYR A . n 
A 1 57 ASP 57 55 55 ASP ASP A . n 
A 1 58 HIS 58 56 56 HIS HIS A . n 
A 1 59 ILE 59 57 57 ILE ILE A . n 
A 1 60 ASN 60 58 58 ASN ASN A . n 
A 1 61 VAL 61 59 59 VAL VAL A . n 
A 1 62 LEU 62 60 60 LEU LEU A . n 
A 1 63 ARG 63 61 61 ARG ARG A . n 
A 1 64 ASN 64 62 62 ASN ASN A . n 
A 1 65 GLY 65 63 63 GLY GLY A . n 
A 1 66 GLU 66 64 64 GLU GLU A . n 
A 1 67 ALA 67 65 65 ALA ALA A . n 
A 1 68 ALA 68 66 66 ALA ALA A . n 
A 1 69 ALA 69 67 67 ALA ALA A . n 
A 1 70 LEU 70 68 68 LEU LEU A . n 
A 1 71 GLY 71 69 69 GLY GLY A . n 
A 1 72 GLU 72 70 70 GLU GLU A . n 
A 1 73 ALA 73 71 71 ALA ALA A . n 
A 1 74 THR 74 72 72 THR THR A . n 
A 1 75 ALA 75 73 73 ALA ALA A . n 
A 1 76 ALA 76 74 74 ALA ALA A . n 
A 1 77 GLY 77 75 75 GLY GLY A . n 
A 1 78 ASP 78 76 76 ASP ASP A . n 
A 1 79 GLU 79 77 77 GLU GLU A . n 
A 1 80 LEU 80 78 78 LEU LEU A . n 
A 1 81 ALA 81 79 79 ALA ALA A . n 
A 1 82 LEU 82 80 80 LEU LEU A . n 
A 1 83 PHE 83 81 81 PHE PHE A . n 
A 1 84 PRO 84 82 82 PRO PRO A . n 
A 1 85 PRO 85 83 83 PRO PRO A . n 
A 1 86 VAL 86 84 84 VAL VAL A . n 
A 1 87 SER 87 85 85 SER SER A . n 
A 1 88 GLY 88 86 86 GLY GLY A . n 
A 1 89 GLY 89 87 87 GLY GLY A . n 
# 
loop_
_pdbx_nonpoly_scheme.asym_id 
_pdbx_nonpoly_scheme.entity_id 
_pdbx_nonpoly_scheme.mon_id 
_pdbx_nonpoly_scheme.ndb_seq_num 
_pdbx_nonpoly_scheme.pdb_seq_num 
_pdbx_nonpoly_scheme.auth_seq_num 
_pdbx_nonpoly_scheme.pdb_mon_id 
_pdbx_nonpoly_scheme.auth_mon_id 
_pdbx_nonpoly_scheme.pdb_strand_id 
_pdbx_nonpoly_scheme.pdb_ins_code 
B 2 ACT 1  88  1  ACT ACT A . 
C 3 CD  1  89  2  CD  CD  A . 
D 3 CD  1  90  3  CD  CD  A . 
E 4 MG  1  91  4  MG  MG  A . 
F 4 MG  1  92  5  MG  MG  A . 
G 5 HOH 1  93  1  HOH HOH A . 
G 5 HOH 2  94  2  HOH HOH A . 
G 5 HOH 3  95  3  HOH HOH A . 
G 5 HOH 4  96  4  HOH HOH A . 
G 5 HOH 5  97  6  HOH HOH A . 
G 5 HOH 6  98  7  HOH HOH A . 
G 5 HOH 7  99  8  HOH HOH A . 
G 5 HOH 8  100 9  HOH HOH A . 
G 5 HOH 9  101 10 HOH HOH A . 
G 5 HOH 10 102 11 HOH HOH A . 
G 5 HOH 11 103 12 HOH HOH A . 
G 5 HOH 12 104 13 HOH HOH A . 
G 5 HOH 13 105 14 HOH HOH A . 
G 5 HOH 14 106 15 HOH HOH A . 
G 5 HOH 15 107 16 HOH HOH A . 
G 5 HOH 16 108 17 HOH HOH A . 
G 5 HOH 17 109 18 HOH HOH A . 
G 5 HOH 18 110 19 HOH HOH A . 
G 5 HOH 19 111 20 HOH HOH A . 
G 5 HOH 20 112 21 HOH HOH A . 
G 5 HOH 21 113 22 HOH HOH A . 
G 5 HOH 22 114 23 HOH HOH A . 
G 5 HOH 23 115 24 HOH HOH A . 
G 5 HOH 24 116 25 HOH HOH A . 
G 5 HOH 25 117 26 HOH HOH A . 
G 5 HOH 26 118 27 HOH HOH A . 
G 5 HOH 27 119 28 HOH HOH A . 
G 5 HOH 28 120 29 HOH HOH A . 
G 5 HOH 29 121 30 HOH HOH A . 
G 5 HOH 30 122 31 HOH HOH A . 
G 5 HOH 31 123 32 HOH HOH A . 
G 5 HOH 32 124 33 HOH HOH A . 
G 5 HOH 33 125 34 HOH HOH A . 
G 5 HOH 34 126 35 HOH HOH A . 
G 5 HOH 35 127 36 HOH HOH A . 
G 5 HOH 36 128 37 HOH HOH A . 
G 5 HOH 37 129 38 HOH HOH A . 
G 5 HOH 38 130 39 HOH HOH A . 
G 5 HOH 39 131 40 HOH HOH A . 
G 5 HOH 40 132 41 HOH HOH A . 
G 5 HOH 41 133 42 HOH HOH A . 
G 5 HOH 42 134 43 HOH HOH A . 
G 5 HOH 43 135 44 HOH HOH A . 
G 5 HOH 44 136 45 HOH HOH A . 
G 5 HOH 45 137 46 HOH HOH A . 
G 5 HOH 46 138 47 HOH HOH A . 
G 5 HOH 47 139 48 HOH HOH A . 
G 5 HOH 48 140 49 HOH HOH A . 
G 5 HOH 49 141 50 HOH HOH A . 
G 5 HOH 50 142 51 HOH HOH A . 
G 5 HOH 51 143 52 HOH HOH A . 
G 5 HOH 52 144 53 HOH HOH A . 
G 5 HOH 53 145 54 HOH HOH A . 
G 5 HOH 54 146 55 HOH HOH A . 
G 5 HOH 55 147 56 HOH HOH A . 
G 5 HOH 56 148 57 HOH HOH A . 
G 5 HOH 57 149 58 HOH HOH A . 
G 5 HOH 58 150 59 HOH HOH A . 
G 5 HOH 59 151 60 HOH HOH A . 
G 5 HOH 60 152 61 HOH HOH A . 
G 5 HOH 61 153 62 HOH HOH A . 
G 5 HOH 62 154 63 HOH HOH A . 
G 5 HOH 63 155 64 HOH HOH A . 
G 5 HOH 64 156 65 HOH HOH A . 
G 5 HOH 65 157 66 HOH HOH A . 
G 5 HOH 66 158 67 HOH HOH A . 
G 5 HOH 67 159 68 HOH HOH A . 
G 5 HOH 68 160 69 HOH HOH A . 
G 5 HOH 69 161 70 HOH HOH A . 
G 5 HOH 70 162 71 HOH HOH A . 
G 5 HOH 71 163 72 HOH HOH A . 
G 5 HOH 72 164 73 HOH HOH A . 
G 5 HOH 73 165 74 HOH HOH A . 
G 5 HOH 74 166 75 HOH HOH A . 
G 5 HOH 75 167 76 HOH HOH A . 
G 5 HOH 76 168 77 HOH HOH A . 
G 5 HOH 77 169 78 HOH HOH A . 
G 5 HOH 78 170 79 HOH HOH A . 
G 5 HOH 79 171 80 HOH HOH A . 
G 5 HOH 80 172 81 HOH HOH A . 
G 5 HOH 81 173 82 HOH HOH A . 
G 5 HOH 82 174 83 HOH HOH A . 
G 5 HOH 83 175 84 HOH HOH A . 
G 5 HOH 84 176 85 HOH HOH A . 
G 5 HOH 85 177 86 HOH HOH A . 
G 5 HOH 86 178 87 HOH HOH A . 
G 5 HOH 87 179 88 HOH HOH A . 
G 5 HOH 88 180 89 HOH HOH A . 
G 5 HOH 89 181 90 HOH HOH A . 
# 
loop_
_software.name 
_software.classification 
_software.version 
_software.citation_id 
_software.pdbx_ordinal 
HKL-2000 'data collection' .                            ? 1 
SOLVE    phasing           .                            ? 2 
PHENIX   refinement        '(phenix.refine: 1.6.4_486)' ? 3 
HKL-2000 'data reduction'  .                            ? 4 
HKL-2000 'data scaling'    .                            ? 5 
# 
_cell.entry_id           3PO0 
_cell.length_a           41.881 
_cell.length_b           42.251 
_cell.length_c           43.568 
_cell.angle_alpha        90.00 
_cell.angle_beta         90.00 
_cell.angle_gamma        90.00 
_cell.Z_PDB              4 
_cell.pdbx_unique_axis   ? 
_cell.length_a_esd       ? 
_cell.length_b_esd       ? 
_cell.length_c_esd       ? 
_cell.angle_alpha_esd    ? 
_cell.angle_beta_esd     ? 
_cell.angle_gamma_esd    ? 
# 
_symmetry.entry_id                         3PO0 
_symmetry.space_group_name_H-M             'P 21 21 21' 
_symmetry.pdbx_full_space_group_name_H-M   ? 
_symmetry.cell_setting                     ? 
_symmetry.Int_Tables_number                19 
_symmetry.space_group_name_Hall            ? 
# 
_exptl.entry_id          3PO0 
_exptl.method            'X-RAY DIFFRACTION' 
_exptl.crystals_number   2 
# 
loop_
_exptl_crystal.id 
_exptl_crystal.density_meas 
_exptl_crystal.density_Matthews 
_exptl_crystal.density_percent_sol 
_exptl_crystal.description 
_exptl_crystal.F_000 
_exptl_crystal.preparation 
1 ? 2.12 42.00 ? ? ? 
2 ? ?    ?     ? ? ? 
# 
loop_
_diffrn.id 
_diffrn.ambient_temp 
_diffrn.ambient_temp_details 
_diffrn.crystal_id 
1 100 ? 1 
2 100 ? 2 
# 
loop_
_diffrn_radiation.diffrn_id 
_diffrn_radiation.wavelength_id 
_diffrn_radiation.pdbx_monochromatic_or_laue_m_l 
_diffrn_radiation.monochromator 
_diffrn_radiation.pdbx_diffrn_protocol 
_diffrn_radiation.pdbx_scattering_type 
1 1 M ? 'SINGLE WAVELENGTH' x-ray 
2 2 M ? MAD                 x-ray 
# 
loop_
_diffrn_radiation_wavelength.id 
_diffrn_radiation_wavelength.wavelength 
_diffrn_radiation_wavelength.wt 
1 1.23985 1.0 
2 0.97951 1.0 
3 0.97973 1.0 
4 0.98361 1.0 
# 
loop_
_diffrn_source.diffrn_id 
_diffrn_source.source 
_diffrn_source.type 
_diffrn_source.pdbx_synchrotron_site 
_diffrn_source.pdbx_synchrotron_beamline 
_diffrn_source.pdbx_wavelength 
_diffrn_source.pdbx_wavelength_list 
1 SYNCHROTRON 'PAL/PLS BEAMLINE 6C1'            PAL/PLS          6C1     ? 1.23985                     
2 SYNCHROTRON 'PHOTON FACTORY BEAMLINE AR-NE3A' 'Photon Factory' AR-NE3A ? '0.97951, 0.97973, 0.98361' 
# 
_reflns.entry_id                     3PO0 
_reflns.observed_criterion_sigma_I   ? 
_reflns.observed_criterion_sigma_F   ? 
_reflns.d_resolution_low             50.0 
_reflns.d_resolution_high            1.55 
_reflns.number_obs                   11712 
_reflns.number_all                   11712 
_reflns.percent_possible_obs         ? 
_reflns.pdbx_Rmerge_I_obs            ? 
_reflns.pdbx_Rsym_value              0.064 
_reflns.pdbx_netI_over_sigmaI        ? 
_reflns.B_iso_Wilson_estimate        ? 
_reflns.pdbx_redundancy              12.8 
_reflns.R_free_details               ? 
_reflns.limit_h_max                  ? 
_reflns.limit_h_min                  ? 
_reflns.limit_k_max                  ? 
_reflns.limit_k_min                  ? 
_reflns.limit_l_max                  ? 
_reflns.limit_l_min                  ? 
_reflns.observed_criterion_F_max     ? 
_reflns.observed_criterion_F_min     ? 
_reflns.pdbx_chi_squared             ? 
_reflns.pdbx_scaling_rejects         ? 
_reflns.pdbx_ordinal                 1 
_reflns.pdbx_diffrn_id               1,2 
# 
_refine.entry_id                                 3PO0 
_refine.ls_number_reflns_obs                     11459 
_refine.ls_number_reflns_all                     11712 
_refine.pdbx_ls_sigma_I                          ? 
_refine.pdbx_ls_sigma_F                          0.00 
_refine.pdbx_data_cutoff_high_absF               ? 
_refine.pdbx_data_cutoff_low_absF                ? 
_refine.pdbx_data_cutoff_high_rms_absF           ? 
_refine.ls_d_res_low                             30.193 
_refine.ls_d_res_high                            1.550 
_refine.ls_percent_reflns_obs                    97.98 
_refine.ls_R_factor_obs                          0.2037 
_refine.ls_R_factor_all                          0.2037 
_refine.ls_R_factor_R_work                       0.1995 
_refine.ls_R_factor_R_free                       0.2434 
_refine.ls_R_factor_R_free_error                 ? 
_refine.ls_R_factor_R_free_error_details         ? 
_refine.ls_percent_reflns_R_free                 9.81 
_refine.ls_number_reflns_R_free                  1124 
_refine.ls_number_parameters                     ? 
_refine.ls_number_restraints                     ? 
_refine.occupancy_min                            ? 
_refine.occupancy_max                            ? 
_refine.correlation_coeff_Fo_to_Fc               ? 
_refine.correlation_coeff_Fo_to_Fc_free          ? 
_refine.B_iso_mean                               ? 
_refine.aniso_B[1][1]                            3.0304 
_refine.aniso_B[2][2]                            3.6894 
_refine.aniso_B[3][3]                            -6.7198 
_refine.aniso_B[1][2]                            -0.0000 
_refine.aniso_B[1][3]                            0.0000 
_refine.aniso_B[2][3]                            0.0000 
_refine.solvent_model_details                    'FLAT BULK SOLVENT MODEL' 
_refine.solvent_model_param_ksol                 0.448 
_refine.solvent_model_param_bsol                 69.704 
_refine.pdbx_solvent_vdw_probe_radii             1.11 
_refine.pdbx_solvent_ion_probe_radii             ? 
_refine.pdbx_solvent_shrinkage_radii             0.90 
_refine.pdbx_ls_cross_valid_method               ? 
_refine.details                                  ? 
_refine.pdbx_starting_model                      ? 
_refine.pdbx_method_to_determine_struct          MAD 
_refine.pdbx_isotropic_thermal_model             ? 
_refine.pdbx_stereochemistry_target_values       ML 
_refine.pdbx_stereochem_target_val_spec_case     ? 
_refine.pdbx_R_Free_selection_details            RANDOM 
_refine.pdbx_overall_ESU_R_Free                  ? 
_refine.overall_SU_ML                            0.21 
_refine.overall_SU_B                             ? 
_refine.overall_SU_R_Cruickshank_DPI             ? 
_refine.ls_redundancy_reflns_obs                 ? 
_refine.B_iso_min                                ? 
_refine.B_iso_max                                ? 
_refine.overall_SU_R_free                        ? 
_refine.ls_wR_factor_R_free                      ? 
_refine.ls_wR_factor_R_work                      ? 
_refine.overall_FOM_free_R_set                   ? 
_refine.overall_FOM_work_R_set                   ? 
_refine.pdbx_refine_id                           'X-RAY DIFFRACTION' 
_refine.pdbx_overall_phase_error                 ? 
_refine.pdbx_overall_ESU_R                       ? 
_refine.pdbx_diffrn_id                           1,2 
_refine.pdbx_TLS_residual_ADP_flag               ? 
_refine.pdbx_overall_SU_R_free_Cruickshank_DPI   ? 
_refine.pdbx_overall_SU_R_Blow_DPI               ? 
_refine.pdbx_overall_SU_R_free_Blow_DPI          ? 
# 
_refine_hist.pdbx_refine_id                   'X-RAY DIFFRACTION' 
_refine_hist.cycle_id                         LAST 
_refine_hist.pdbx_number_atoms_protein        639 
_refine_hist.pdbx_number_atoms_nucleic_acid   0 
_refine_hist.pdbx_number_atoms_ligand         8 
_refine_hist.number_atoms_solvent             89 
_refine_hist.number_atoms_total               736 
_refine_hist.d_res_high                       1.550 
_refine_hist.d_res_low                        30.193 
# 
loop_
_refine_ls_restr.type 
_refine_ls_restr.dev_ideal 
_refine_ls_restr.dev_ideal_target 
_refine_ls_restr.weight 
_refine_ls_restr.number 
_refine_ls_restr.pdbx_refine_id 
_refine_ls_restr.pdbx_restraint_function 
f_bond_d           0.006  ? ? 652 'X-RAY DIFFRACTION' ? 
f_angle_d          0.964  ? ? 886 'X-RAY DIFFRACTION' ? 
f_dihedral_angle_d 10.716 ? ? 222 'X-RAY DIFFRACTION' ? 
f_chiral_restr     0.061  ? ? 100 'X-RAY DIFFRACTION' ? 
f_plane_restr      0.004  ? ? 122 'X-RAY DIFFRACTION' ? 
# 
loop_
_refine_ls_shell.pdbx_refine_id 
_refine_ls_shell.pdbx_total_number_of_bins_used 
_refine_ls_shell.d_res_high 
_refine_ls_shell.d_res_low 
_refine_ls_shell.number_reflns_R_work 
_refine_ls_shell.R_factor_R_work 
_refine_ls_shell.percent_reflns_obs 
_refine_ls_shell.R_factor_R_free 
_refine_ls_shell.R_factor_R_free_error 
_refine_ls_shell.percent_reflns_R_free 
_refine_ls_shell.number_reflns_R_free 
_refine_ls_shell.number_reflns_all 
_refine_ls_shell.R_factor_all 
_refine_ls_shell.number_reflns_obs 
_refine_ls_shell.redundancy_reflns_obs 
'X-RAY DIFFRACTION' 8 1.5502 1.6207  1200 0.2771 93.00  0.2962 . . 118 . . . . 
'X-RAY DIFFRACTION' 8 1.6207 1.7062  1230 0.2240 96.00  0.2372 . . 143 . . . . 
'X-RAY DIFFRACTION' 8 1.7062 1.8130  1242 0.1935 97.00  0.2124 . . 156 . . . . 
'X-RAY DIFFRACTION' 8 1.8130 1.9530  1277 0.1721 98.00  0.2353 . . 137 . . . . 
'X-RAY DIFFRACTION' 8 1.9530 2.1495  1304 0.1820 100.00 0.2016 . . 148 . . . . 
'X-RAY DIFFRACTION' 8 2.1495 2.4604  1325 0.1752 100.00 0.2206 . . 141 . . . . 
'X-RAY DIFFRACTION' 8 2.4604 3.0994  1339 0.1873 100.00 0.2511 . . 137 . . . . 
'X-RAY DIFFRACTION' 8 3.0994 30.1988 1418 0.2166 100.00 0.2672 . . 144 . . . . 
# 
_struct.entry_id                  3PO0 
_struct.title                     'Crystal structure of SAMP1 from Haloferax volcanii' 
_struct.pdbx_model_details        ? 
_struct.pdbx_CASP_flag            N 
_struct.pdbx_model_type_details   ? 
# 
_struct_keywords.entry_id        3PO0 
_struct_keywords.pdbx_keywords   'PROTEIN BINDING' 
_struct_keywords.text            'ubiquitin-like protein, PROTEIN BINDING' 
# 
loop_
_struct_asym.id 
_struct_asym.pdbx_blank_PDB_chainid_flag 
_struct_asym.pdbx_modified 
_struct_asym.entity_id 
_struct_asym.details 
A N N 1 ? 
B N N 2 ? 
C N N 3 ? 
D N N 3 ? 
E N N 4 ? 
F N N 4 ? 
G N N 5 ? 
# 
_struct_ref.id                         1 
_struct_ref.db_name                    UNP 
_struct_ref.db_code                    SAMP1_HALVD 
_struct_ref.pdbx_db_accession          D4GUF6 
_struct_ref.entity_id                  1 
_struct_ref.pdbx_seq_one_letter_code   
;MEWKLFADLAEVAGSRTVRVDVDGDATVGDALDALVGAHPALESRVFGDDGELYDHINVLRNGEAAALGEATAAGDELAL
FPPVSGG
;
_struct_ref.pdbx_align_begin           1 
_struct_ref.pdbx_db_isoform            ? 
# 
_struct_ref_seq.align_id                      1 
_struct_ref_seq.ref_id                        1 
_struct_ref_seq.pdbx_PDB_id_code              3PO0 
_struct_ref_seq.pdbx_strand_id                A 
_struct_ref_seq.seq_align_beg                 3 
_struct_ref_seq.pdbx_seq_align_beg_ins_code   ? 
_struct_ref_seq.seq_align_end                 89 
_struct_ref_seq.pdbx_seq_align_end_ins_code   ? 
_struct_ref_seq.pdbx_db_accession             D4GUF6 
_struct_ref_seq.db_align_beg                  1 
_struct_ref_seq.pdbx_db_align_beg_ins_code    ? 
_struct_ref_seq.db_align_end                  87 
_struct_ref_seq.pdbx_db_align_end_ins_code    ? 
_struct_ref_seq.pdbx_auth_seq_align_beg       1 
_struct_ref_seq.pdbx_auth_seq_align_end       87 
# 
loop_
_struct_ref_seq_dif.align_id 
_struct_ref_seq_dif.pdbx_pdb_id_code 
_struct_ref_seq_dif.mon_id 
_struct_ref_seq_dif.pdbx_pdb_strand_id 
_struct_ref_seq_dif.seq_num 
_struct_ref_seq_dif.pdbx_pdb_ins_code 
_struct_ref_seq_dif.pdbx_seq_db_name 
_struct_ref_seq_dif.pdbx_seq_db_accession_code 
_struct_ref_seq_dif.db_mon_id 
_struct_ref_seq_dif.pdbx_seq_db_seq_num 
_struct_ref_seq_dif.details 
_struct_ref_seq_dif.pdbx_auth_seq_num 
_struct_ref_seq_dif.pdbx_ordinal 
1 3PO0 GLY A 1 ? UNP D4GUF6 ? ? 'expression tag' -1 1 
1 3PO0 SER A 2 ? UNP D4GUF6 ? ? 'expression tag' 0  2 
# 
_pdbx_struct_assembly.id                   1 
_pdbx_struct_assembly.details              author_and_software_defined_assembly 
_pdbx_struct_assembly.method_details       PISA 
_pdbx_struct_assembly.oligomeric_details   monomeric 
_pdbx_struct_assembly.oligomeric_count     1 
# 
_pdbx_struct_assembly_gen.assembly_id       1 
_pdbx_struct_assembly_gen.oper_expression   1 
_pdbx_struct_assembly_gen.asym_id_list      A,B,C,D,E,F,G 
# 
_pdbx_struct_oper_list.id                   1 
_pdbx_struct_oper_list.type                 'identity operation' 
_pdbx_struct_oper_list.name                 1_555 
_pdbx_struct_oper_list.symmetry_operation   x,y,z 
_pdbx_struct_oper_list.matrix[1][1]         1.0000000000 
_pdbx_struct_oper_list.matrix[1][2]         0.0000000000 
_pdbx_struct_oper_list.matrix[1][3]         0.0000000000 
_pdbx_struct_oper_list.vector[1]            0.0000000000 
_pdbx_struct_oper_list.matrix[2][1]         0.0000000000 
_pdbx_struct_oper_list.matrix[2][2]         1.0000000000 
_pdbx_struct_oper_list.matrix[2][3]         0.0000000000 
_pdbx_struct_oper_list.vector[2]            0.0000000000 
_pdbx_struct_oper_list.matrix[3][1]         0.0000000000 
_pdbx_struct_oper_list.matrix[3][2]         0.0000000000 
_pdbx_struct_oper_list.matrix[3][3]         1.0000000000 
_pdbx_struct_oper_list.vector[3]            0.0000000000 
# 
_struct_biol.id        1 
_struct_biol.details   ? 
# 
loop_
_struct_conf.conf_type_id 
_struct_conf.id 
_struct_conf.pdbx_PDB_helix_id 
_struct_conf.beg_label_comp_id 
_struct_conf.beg_label_asym_id 
_struct_conf.beg_label_seq_id 
_struct_conf.pdbx_beg_PDB_ins_code 
_struct_conf.end_label_comp_id 
_struct_conf.end_label_asym_id 
_struct_conf.end_label_seq_id 
_struct_conf.pdbx_end_PDB_ins_code 
_struct_conf.beg_auth_comp_id 
_struct_conf.beg_auth_asym_id 
_struct_conf.beg_auth_seq_id 
_struct_conf.end_auth_comp_id 
_struct_conf.end_auth_asym_id 
_struct_conf.end_auth_seq_id 
_struct_conf.pdbx_PDB_helix_class 
_struct_conf.details 
_struct_conf.pdbx_PDB_helix_length 
HELX_P HELX_P1 1 PHE A 8  ? GLY A 16 ? PHE A 6  GLY A 14 1 ? 9  
HELX_P HELX_P2 2 THR A 29 ? HIS A 41 ? THR A 27 HIS A 39 1 ? 13 
HELX_P HELX_P3 3 LEU A 44 ? PHE A 49 ? LEU A 42 PHE A 47 1 ? 6  
# 
_struct_conf_type.id          HELX_P 
_struct_conf_type.criteria    ? 
_struct_conf_type.reference   ? 
# 
loop_
_struct_conn.id 
_struct_conn.conn_type_id 
_struct_conn.pdbx_leaving_atom_flag 
_struct_conn.pdbx_PDB_id 
_struct_conn.ptnr1_label_asym_id 
_struct_conn.ptnr1_label_comp_id 
_struct_conn.ptnr1_label_seq_id 
_struct_conn.ptnr1_label_atom_id 
_struct_conn.pdbx_ptnr1_label_alt_id 
_struct_conn.pdbx_ptnr1_PDB_ins_code 
_struct_conn.pdbx_ptnr1_standard_comp_id 
_struct_conn.ptnr1_symmetry 
_struct_conn.ptnr2_label_asym_id 
_struct_conn.ptnr2_label_comp_id 
_struct_conn.ptnr2_label_seq_id 
_struct_conn.ptnr2_label_atom_id 
_struct_conn.pdbx_ptnr2_label_alt_id 
_struct_conn.pdbx_ptnr2_PDB_ins_code 
_struct_conn.ptnr1_auth_asym_id 
_struct_conn.ptnr1_auth_comp_id 
_struct_conn.ptnr1_auth_seq_id 
_struct_conn.ptnr2_auth_asym_id 
_struct_conn.ptnr2_auth_comp_id 
_struct_conn.ptnr2_auth_seq_id 
_struct_conn.ptnr2_symmetry 
_struct_conn.pdbx_ptnr3_label_atom_id 
_struct_conn.pdbx_ptnr3_label_seq_id 
_struct_conn.pdbx_ptnr3_label_comp_id 
_struct_conn.pdbx_ptnr3_label_asym_id 
_struct_conn.pdbx_ptnr3_label_alt_id 
_struct_conn.pdbx_ptnr3_PDB_ins_code 
_struct_conn.details 
_struct_conn.pdbx_dist_value 
_struct_conn.pdbx_value_order 
_struct_conn.pdbx_role 
metalc1  metalc ? ? A ASP 32 OD2 ? ? ? 1_555 D CD  . CD ? ? A ASP 30 A CD  90  1_555 ? ? ? ? ? ? ? 2.438 ? ? 
metalc2  metalc ? ? A ASP 32 OD1 ? ? ? 1_555 D CD  . CD ? ? A ASP 30 A CD  90  1_555 ? ? ? ? ? ? ? 2.456 ? ? 
metalc3  metalc ? ? A GLU 45 OE1 ? ? ? 1_555 F MG  . MG ? ? A GLU 43 A MG  92  1_555 ? ? ? ? ? ? ? 2.466 ? ? 
metalc4  metalc ? ? A GLU 45 OE2 ? ? ? 1_555 F MG  . MG ? ? A GLU 43 A MG  92  1_555 ? ? ? ? ? ? ? 2.514 ? ? 
metalc5  metalc ? ? A ASP 51 OD2 ? ? ? 1_555 E MG  . MG ? ? A ASP 49 A MG  91  1_555 ? ? ? ? ? ? ? 2.415 ? ? 
metalc6  metalc ? ? A ASP 51 OD1 ? ? ? 1_555 E MG  . MG ? ? A ASP 49 A MG  91  1_555 ? ? ? ? ? ? ? 2.460 ? ? 
metalc7  metalc ? ? A ASP 57 OD1 ? ? ? 1_555 C CD  . CD ? ? A ASP 55 A CD  89  1_555 ? ? ? ? ? ? ? 2.344 ? ? 
metalc8  metalc ? ? A HIS 58 ND1 ? ? ? 1_555 C CD  . CD ? ? A HIS 56 A CD  89  1_555 ? ? ? ? ? ? ? 2.405 ? ? 
metalc9  metalc ? ? E MG  .  MG  ? ? ? 1_555 G HOH . O  ? ? A MG  91 A HOH 160 1_555 ? ? ? ? ? ? ? 2.530 ? ? 
metalc10 metalc ? ? E MG  .  MG  ? ? ? 1_555 G HOH . O  ? ? A MG  91 A HOH 176 1_555 ? ? ? ? ? ? ? 2.663 ? ? 
metalc11 metalc ? ? E MG  .  MG  ? ? ? 1_555 G HOH . O  ? ? A MG  91 A HOH 177 1_555 ? ? ? ? ? ? ? 2.741 ? ? 
metalc12 metalc ? ? F MG  .  MG  ? ? ? 1_555 G HOH . O  ? ? A MG  92 A HOH 145 1_555 ? ? ? ? ? ? ? 2.547 ? ? 
metalc13 metalc ? ? F MG  .  MG  ? ? ? 1_555 G HOH . O  ? ? A MG  92 A HOH 156 1_555 ? ? ? ? ? ? ? 2.520 ? ? 
metalc14 metalc ? ? F MG  .  MG  ? ? ? 1_555 G HOH . O  ? ? A MG  92 A HOH 157 1_555 ? ? ? ? ? ? ? 2.423 ? ? 
metalc15 metalc ? ? F MG  .  MG  ? ? ? 1_555 G HOH . O  ? ? A MG  92 A HOH 158 1_555 ? ? ? ? ? ? ? 2.475 ? ? 
# 
_struct_conn_type.id          metalc 
_struct_conn_type.criteria    ? 
_struct_conn_type.reference   ? 
# 
loop_
_pdbx_struct_conn_angle.id 
_pdbx_struct_conn_angle.ptnr1_label_atom_id 
_pdbx_struct_conn_angle.ptnr1_label_alt_id 
_pdbx_struct_conn_angle.ptnr1_label_asym_id 
_pdbx_struct_conn_angle.ptnr1_label_comp_id 
_pdbx_struct_conn_angle.ptnr1_label_seq_id 
_pdbx_struct_conn_angle.ptnr1_auth_atom_id 
_pdbx_struct_conn_angle.ptnr1_auth_asym_id 
_pdbx_struct_conn_angle.ptnr1_auth_comp_id 
_pdbx_struct_conn_angle.ptnr1_auth_seq_id 
_pdbx_struct_conn_angle.ptnr1_PDB_ins_code 
_pdbx_struct_conn_angle.ptnr1_symmetry 
_pdbx_struct_conn_angle.ptnr2_label_atom_id 
_pdbx_struct_conn_angle.ptnr2_label_alt_id 
_pdbx_struct_conn_angle.ptnr2_label_asym_id 
_pdbx_struct_conn_angle.ptnr2_label_comp_id 
_pdbx_struct_conn_angle.ptnr2_label_seq_id 
_pdbx_struct_conn_angle.ptnr2_auth_atom_id 
_pdbx_struct_conn_angle.ptnr2_auth_asym_id 
_pdbx_struct_conn_angle.ptnr2_auth_comp_id 
_pdbx_struct_conn_angle.ptnr2_auth_seq_id 
_pdbx_struct_conn_angle.ptnr2_PDB_ins_code 
_pdbx_struct_conn_angle.ptnr2_symmetry 
_pdbx_struct_conn_angle.ptnr3_label_atom_id 
_pdbx_struct_conn_angle.ptnr3_label_alt_id 
_pdbx_struct_conn_angle.ptnr3_label_asym_id 
_pdbx_struct_conn_angle.ptnr3_label_comp_id 
_pdbx_struct_conn_angle.ptnr3_label_seq_id 
_pdbx_struct_conn_angle.ptnr3_auth_atom_id 
_pdbx_struct_conn_angle.ptnr3_auth_asym_id 
_pdbx_struct_conn_angle.ptnr3_auth_comp_id 
_pdbx_struct_conn_angle.ptnr3_auth_seq_id 
_pdbx_struct_conn_angle.ptnr3_PDB_ins_code 
_pdbx_struct_conn_angle.ptnr3_symmetry 
_pdbx_struct_conn_angle.value 
_pdbx_struct_conn_angle.value_esd 
1  OD2 ? A ASP 32 ? A ASP 30  ? 1_555 CD ? D CD . ? A CD 90 ? 1_555 OD1 ? A ASP 32 ? A ASP 30  ? 1_555 53.0  ? 
2  OE1 ? A GLU 45 ? A GLU 43  ? 1_555 MG ? F MG . ? A MG 92 ? 1_555 OE2 ? A GLU 45 ? A GLU 43  ? 1_555 52.6  ? 
3  OE1 ? A GLU 45 ? A GLU 43  ? 1_555 MG ? F MG . ? A MG 92 ? 1_555 O   ? G HOH .  ? A HOH 145 ? 1_555 128.8 ? 
4  OE2 ? A GLU 45 ? A GLU 43  ? 1_555 MG ? F MG . ? A MG 92 ? 1_555 O   ? G HOH .  ? A HOH 145 ? 1_555 76.3  ? 
5  OE1 ? A GLU 45 ? A GLU 43  ? 1_555 MG ? F MG . ? A MG 92 ? 1_555 O   ? G HOH .  ? A HOH 156 ? 1_555 84.8  ? 
6  OE2 ? A GLU 45 ? A GLU 43  ? 1_555 MG ? F MG . ? A MG 92 ? 1_555 O   ? G HOH .  ? A HOH 156 ? 1_555 137.4 ? 
7  O   ? G HOH .  ? A HOH 145 ? 1_555 MG ? F MG . ? A MG 92 ? 1_555 O   ? G HOH .  ? A HOH 156 ? 1_555 146.1 ? 
8  OE1 ? A GLU 45 ? A GLU 43  ? 1_555 MG ? F MG . ? A MG 92 ? 1_555 O   ? G HOH .  ? A HOH 157 ? 1_555 153.1 ? 
9  OE2 ? A GLU 45 ? A GLU 43  ? 1_555 MG ? F MG . ? A MG 92 ? 1_555 O   ? G HOH .  ? A HOH 157 ? 1_555 148.3 ? 
10 O   ? G HOH .  ? A HOH 145 ? 1_555 MG ? F MG . ? A MG 92 ? 1_555 O   ? G HOH .  ? A HOH 157 ? 1_555 74.5  ? 
11 O   ? G HOH .  ? A HOH 156 ? 1_555 MG ? F MG . ? A MG 92 ? 1_555 O   ? G HOH .  ? A HOH 157 ? 1_555 71.9  ? 
12 OE1 ? A GLU 45 ? A GLU 43  ? 1_555 MG ? F MG . ? A MG 92 ? 1_555 O   ? G HOH .  ? A HOH 158 ? 1_555 81.0  ? 
13 OE2 ? A GLU 45 ? A GLU 43  ? 1_555 MG ? F MG . ? A MG 92 ? 1_555 O   ? G HOH .  ? A HOH 158 ? 1_555 83.6  ? 
14 O   ? G HOH .  ? A HOH 145 ? 1_555 MG ? F MG . ? A MG 92 ? 1_555 O   ? G HOH .  ? A HOH 158 ? 1_555 92.2  ? 
15 O   ? G HOH .  ? A HOH 156 ? 1_555 MG ? F MG . ? A MG 92 ? 1_555 O   ? G HOH .  ? A HOH 158 ? 1_555 89.4  ? 
16 O   ? G HOH .  ? A HOH 157 ? 1_555 MG ? F MG . ? A MG 92 ? 1_555 O   ? G HOH .  ? A HOH 158 ? 1_555 85.5  ? 
17 OD2 ? A ASP 51 ? A ASP 49  ? 1_555 MG ? E MG . ? A MG 91 ? 1_555 OD1 ? A ASP 51 ? A ASP 49  ? 1_555 53.7  ? 
18 OD2 ? A ASP 51 ? A ASP 49  ? 1_555 MG ? E MG . ? A MG 91 ? 1_555 O   ? G HOH .  ? A HOH 160 ? 1_555 87.2  ? 
19 OD1 ? A ASP 51 ? A ASP 49  ? 1_555 MG ? E MG . ? A MG 91 ? 1_555 O   ? G HOH .  ? A HOH 160 ? 1_555 130.7 ? 
20 OD2 ? A ASP 51 ? A ASP 49  ? 1_555 MG ? E MG . ? A MG 91 ? 1_555 O   ? G HOH .  ? A HOH 176 ? 1_555 81.4  ? 
21 OD1 ? A ASP 51 ? A ASP 49  ? 1_555 MG ? E MG . ? A MG 91 ? 1_555 O   ? G HOH .  ? A HOH 176 ? 1_555 78.8  ? 
22 O   ? G HOH .  ? A HOH 160 ? 1_555 MG ? E MG . ? A MG 91 ? 1_555 O   ? G HOH .  ? A HOH 176 ? 1_555 128.6 ? 
23 OD2 ? A ASP 51 ? A ASP 49  ? 1_555 MG ? E MG . ? A MG 91 ? 1_555 O   ? G HOH .  ? A HOH 177 ? 1_555 95.4  ? 
24 OD1 ? A ASP 51 ? A ASP 49  ? 1_555 MG ? E MG . ? A MG 91 ? 1_555 O   ? G HOH .  ? A HOH 177 ? 1_555 89.4  ? 
25 O   ? G HOH .  ? A HOH 160 ? 1_555 MG ? E MG . ? A MG 91 ? 1_555 O   ? G HOH .  ? A HOH 177 ? 1_555 63.0  ? 
26 O   ? G HOH .  ? A HOH 176 ? 1_555 MG ? E MG . ? A MG 91 ? 1_555 O   ? G HOH .  ? A HOH 177 ? 1_555 167.4 ? 
27 OD1 ? A ASP 57 ? A ASP 55  ? 1_555 CD ? C CD . ? A CD 89 ? 1_555 ND1 ? A HIS 58 ? A HIS 56  ? 1_555 92.3  ? 
# 
_struct_sheet.id               A 
_struct_sheet.type             ? 
_struct_sheet.number_strands   5 
_struct_sheet.details          ? 
# 
loop_
_struct_sheet_order.sheet_id 
_struct_sheet_order.range_id_1 
_struct_sheet_order.range_id_2 
_struct_sheet_order.offset 
_struct_sheet_order.sense 
A 1 2 ? anti-parallel 
A 2 3 ? parallel      
A 3 4 ? anti-parallel 
A 4 5 ? anti-parallel 
# 
loop_
_struct_sheet_range.sheet_id 
_struct_sheet_range.id 
_struct_sheet_range.beg_label_comp_id 
_struct_sheet_range.beg_label_asym_id 
_struct_sheet_range.beg_label_seq_id 
_struct_sheet_range.pdbx_beg_PDB_ins_code 
_struct_sheet_range.end_label_comp_id 
_struct_sheet_range.end_label_asym_id 
_struct_sheet_range.end_label_seq_id 
_struct_sheet_range.pdbx_end_PDB_ins_code 
_struct_sheet_range.beg_auth_comp_id 
_struct_sheet_range.beg_auth_asym_id 
_struct_sheet_range.beg_auth_seq_id 
_struct_sheet_range.end_auth_comp_id 
_struct_sheet_range.end_auth_asym_id 
_struct_sheet_range.end_auth_seq_id 
A 1 THR A 19 ? ASP A 23 ? THR A 17 ASP A 21 
A 2 SER A 2  ? LEU A 7  ? SER A 0  LEU A 5  
A 3 GLU A 79 ? PHE A 83 ? GLU A 77 PHE A 81 
A 4 ASN A 60 ? ARG A 63 ? ASN A 58 ARG A 61 
A 5 GLU A 66 ? ALA A 67 ? GLU A 64 ALA A 65 
# 
loop_
_pdbx_struct_sheet_hbond.sheet_id 
_pdbx_struct_sheet_hbond.range_id_1 
_pdbx_struct_sheet_hbond.range_id_2 
_pdbx_struct_sheet_hbond.range_1_label_atom_id 
_pdbx_struct_sheet_hbond.range_1_label_comp_id 
_pdbx_struct_sheet_hbond.range_1_label_asym_id 
_pdbx_struct_sheet_hbond.range_1_label_seq_id 
_pdbx_struct_sheet_hbond.range_1_PDB_ins_code 
_pdbx_struct_sheet_hbond.range_1_auth_atom_id 
_pdbx_struct_sheet_hbond.range_1_auth_comp_id 
_pdbx_struct_sheet_hbond.range_1_auth_asym_id 
_pdbx_struct_sheet_hbond.range_1_auth_seq_id 
_pdbx_struct_sheet_hbond.range_2_label_atom_id 
_pdbx_struct_sheet_hbond.range_2_label_comp_id 
_pdbx_struct_sheet_hbond.range_2_label_asym_id 
_pdbx_struct_sheet_hbond.range_2_label_seq_id 
_pdbx_struct_sheet_hbond.range_2_PDB_ins_code 
_pdbx_struct_sheet_hbond.range_2_auth_atom_id 
_pdbx_struct_sheet_hbond.range_2_auth_comp_id 
_pdbx_struct_sheet_hbond.range_2_auth_asym_id 
_pdbx_struct_sheet_hbond.range_2_auth_seq_id 
A 1 2 O VAL A 22 ? O VAL A 20 N MET A 3  ? N MET A 1  
A 2 3 N GLU A 4  ? N GLU A 2  O LEU A 80 ? O LEU A 78 
A 3 4 O PHE A 83 ? O PHE A 81 N ASN A 60 ? N ASN A 58 
A 4 5 N ARG A 63 ? N ARG A 61 O GLU A 66 ? O GLU A 64 
# 
loop_
_struct_site.id 
_struct_site.pdbx_evidence_code 
_struct_site.pdbx_auth_asym_id 
_struct_site.pdbx_auth_comp_id 
_struct_site.pdbx_auth_seq_id 
_struct_site.pdbx_auth_ins_code 
_struct_site.pdbx_num_residues 
_struct_site.details 
AC1 Software A ACT 88 ? 4 'BINDING SITE FOR RESIDUE ACT A 88' 
AC2 Software A CD  89 ? 6 'BINDING SITE FOR RESIDUE CD A 89'  
AC3 Software A CD  90 ? 4 'BINDING SITE FOR RESIDUE CD A 90'  
AC4 Software A MG  91 ? 5 'BINDING SITE FOR RESIDUE MG A 91'  
AC5 Software A MG  92 ? 6 'BINDING SITE FOR RESIDUE MG A 92'  
# 
loop_
_struct_site_gen.id 
_struct_site_gen.site_id 
_struct_site_gen.pdbx_num_res 
_struct_site_gen.label_comp_id 
_struct_site_gen.label_asym_id 
_struct_site_gen.label_seq_id 
_struct_site_gen.pdbx_auth_ins_code 
_struct_site_gen.auth_comp_id 
_struct_site_gen.auth_asym_id 
_struct_site_gen.auth_seq_id 
_struct_site_gen.label_atom_id 
_struct_site_gen.label_alt_id 
_struct_site_gen.symmetry 
_struct_site_gen.details 
1  AC1 4 ALA A 43 ? ALA A 41  . ? 3_454 ? 
2  AC1 4 ASP A 51 ? ASP A 49  . ? 1_555 ? 
3  AC1 4 HOH G .  ? HOH A 128 . ? 3_454 ? 
4  AC1 4 HOH G .  ? HOH A 165 . ? 3_454 ? 
5  AC2 6 ASP A 57 ? ASP A 55  . ? 1_555 ? 
6  AC2 6 HIS A 58 ? HIS A 56  . ? 1_555 ? 
7  AC2 6 GLU A 66 ? GLU A 64  . ? 4_455 ? 
8  AC2 6 GLU A 72 ? GLU A 70  . ? 4_455 ? 
9  AC2 6 HOH G .  ? HOH A 93  . ? 4_455 ? 
10 AC2 6 HOH G .  ? HOH A 94  . ? 4_455 ? 
11 AC3 4 GLU A 13 ? GLU A 11  . ? 2_454 ? 
12 AC3 4 ASP A 32 ? ASP A 30  . ? 1_555 ? 
13 AC3 4 GLY A 89 ? GLY A 87  . ? 4_555 ? 
14 AC3 4 HOH G .  ? HOH A 171 . ? 3_554 ? 
15 AC4 5 GLU A 4  ? GLU A 2   . ? 2_454 ? 
16 AC4 5 ASP A 51 ? ASP A 49  . ? 1_555 ? 
17 AC4 5 HOH G .  ? HOH A 160 . ? 1_555 ? 
18 AC4 5 HOH G .  ? HOH A 176 . ? 1_555 ? 
19 AC4 5 HOH G .  ? HOH A 177 . ? 1_555 ? 
20 AC5 6 GLU A 45 ? GLU A 43  . ? 1_555 ? 
21 AC5 6 GLU A 79 ? GLU A 77  . ? 2_454 ? 
22 AC5 6 HOH G .  ? HOH A 145 . ? 1_555 ? 
23 AC5 6 HOH G .  ? HOH A 156 . ? 1_555 ? 
24 AC5 6 HOH G .  ? HOH A 157 . ? 1_555 ? 
25 AC5 6 HOH G .  ? HOH A 158 . ? 1_555 ? 
# 
_pdbx_validate_torsion.id              1 
_pdbx_validate_torsion.PDB_model_num   1 
_pdbx_validate_torsion.auth_comp_id    ALA 
_pdbx_validate_torsion.auth_asym_id    A 
_pdbx_validate_torsion.auth_seq_id     7 
_pdbx_validate_torsion.PDB_ins_code    ? 
_pdbx_validate_torsion.label_alt_id    ? 
_pdbx_validate_torsion.phi             51.79 
_pdbx_validate_torsion.psi             -132.57 
# 
loop_
_pdbx_refine_tls.pdbx_refine_id 
_pdbx_refine_tls.id 
_pdbx_refine_tls.details 
_pdbx_refine_tls.method 
_pdbx_refine_tls.origin_x 
_pdbx_refine_tls.origin_y 
_pdbx_refine_tls.origin_z 
_pdbx_refine_tls.T[1][1] 
_pdbx_refine_tls.T[2][2] 
_pdbx_refine_tls.T[3][3] 
_pdbx_refine_tls.T[1][2] 
_pdbx_refine_tls.T[1][3] 
_pdbx_refine_tls.T[2][3] 
_pdbx_refine_tls.L[1][1] 
_pdbx_refine_tls.L[2][2] 
_pdbx_refine_tls.L[3][3] 
_pdbx_refine_tls.L[1][2] 
_pdbx_refine_tls.L[1][3] 
_pdbx_refine_tls.L[2][3] 
_pdbx_refine_tls.S[1][1] 
_pdbx_refine_tls.S[1][2] 
_pdbx_refine_tls.S[1][3] 
_pdbx_refine_tls.S[2][1] 
_pdbx_refine_tls.S[2][2] 
_pdbx_refine_tls.S[2][3] 
_pdbx_refine_tls.S[3][1] 
_pdbx_refine_tls.S[3][2] 
_pdbx_refine_tls.S[3][3] 
'X-RAY DIFFRACTION' 1  ? refined 2.0945  0.2308   6.1798   0.1164 0.1627 0.1766 0.0014  0.0061  -0.0448 2.6522  10.0382 2.8479  4.0361  -2.0941 -1.8586 0.0450  -0.3350 0.0154  -0.0740 -0.3050 -0.1079 -0.0278 0.3405  0.2766  
'X-RAY DIFFRACTION' 2  ? refined 4.2102  -10.9591 2.2033   0.5409 0.2033 0.2480 0.2077  0.1013  0.0304  1.4996  1.2424  6.3675  0.0968  0.9031  -2.6245 0.0177  0.5371  -1.2904 -1.0908 -0.2121 -0.2587 2.4495  0.6297  0.2762  
'X-RAY DIFFRACTION' 3  ? refined 6.9772  -1.6850  7.5283   0.1180 0.2589 0.2430 -0.0190 0.0103  -0.0478 0.0161  8.5737  2.7737  -0.2171 -0.2071 1.5666  0.0541  -0.0533 -0.0926 0.4186  0.4605  -0.8313 0.0339  0.9355  -0.3986 
'X-RAY DIFFRACTION' 4  ? refined 4.9503  12.5638  -0.1810  0.2832 0.2676 0.4755 -0.1171 0.0416  -0.0128 7.1796  4.0074  4.2423  4.6518  -0.6361 -2.3743 0.2804  0.2543  1.6304  -0.2732 -0.3004 0.2855  -0.3992 0.9298  0.4175  
'X-RAY DIFFRACTION' 5  ? refined 3.4746  4.0471   -3.3927  0.1683 0.1583 0.1811 0.0100  0.0290  0.0081  3.5272  3.5955  2.4674  -1.7664 -0.0673 0.1415  0.3132  0.2208  0.2836  -0.0874 -0.1491 -0.1451 -0.2101 0.1974  -0.1694 
'X-RAY DIFFRACTION' 6  ? refined 6.7002  -5.8127  -5.0690  0.2874 0.1781 0.2289 0.0299  0.0553  0.0246  0.1630  2.4563  13.8554 0.1236  1.0115  -2.0579 -0.4245 0.1773  0.0060  -0.8415 -0.0928 -0.1857 0.5813  0.7755  0.5252  
'X-RAY DIFFRACTION' 7  ? refined -1.1471 -4.3362  -11.1666 0.2380 0.1589 0.1735 -0.0583 -0.0029 0.0122  2.4235  5.5082  9.1166  -3.1696 1.9970  -5.4054 0.2670  -0.0793 -0.2612 0.2172  0.4405  0.8620  -0.3913 -0.9913 -0.8673 
'X-RAY DIFFRACTION' 8  ? refined -6.6958 -5.7138  -6.6351  0.1885 0.0927 0.1890 -0.0469 0.0321  -0.0286 5.5886  2.9117  3.4581  -3.6833 -1.1600 -0.1595 0.2659  0.2811  -0.1811 -0.5136 -0.1296 -0.2425 -0.0698 0.0500  -0.1364 
'X-RAY DIFFRACTION' 9  ? refined -7.4874 3.2637   4.8595   0.1450 0.1287 0.1576 -0.0128 -0.0134 0.0027  3.1995  1.2886  6.3043  -0.3037 2.2246  2.0110  0.0739  -0.4199 -0.0371 0.1059  0.0478  -0.1203 -0.0163 -0.4515 -0.2011 
'X-RAY DIFFRACTION' 10 ? refined -5.2016 9.0118   0.4384   0.1815 0.1584 0.1636 0.0261  -0.0103 -0.0053 1.4301  0.7583  7.1711  -0.5577 1.2008  1.1964  0.1574  -0.1212 -0.0738 0.0822  0.2253  -0.2418 -0.4694 -0.2686 -0.3198 
'X-RAY DIFFRACTION' 11 ? refined -1.3114 3.5327   6.4679   0.1819 0.1309 0.1826 -0.0179 -0.0325 -0.0247 0.7852  2.5786  2.6909  1.3192  0.5527  1.8457  0.2076  -0.2508 0.0807  0.3675  -0.1033 -0.2750 0.0929  0.1367  -0.1907 
'X-RAY DIFFRACTION' 12 ? refined -7.6080 -12.7923 1.7356   0.8700 0.1897 0.0596 -0.1827 -0.2505 0.0845  12.2478 8.4693  2.4751  5.4860  -0.8698 -2.2395 0.5994  -0.1200 -0.0998 -1.4213 0.7265  0.3190  1.7546  -0.8870 0.3129 
# 
loop_
_pdbx_refine_tls_group.pdbx_refine_id 
_pdbx_refine_tls_group.id 
_pdbx_refine_tls_group.refine_tls_id 
_pdbx_refine_tls_group.beg_auth_asym_id 
_pdbx_refine_tls_group.beg_auth_seq_id 
_pdbx_refine_tls_group.beg_label_asym_id 
_pdbx_refine_tls_group.beg_label_seq_id 
_pdbx_refine_tls_group.end_auth_asym_id 
_pdbx_refine_tls_group.end_auth_seq_id 
_pdbx_refine_tls_group.end_label_asym_id 
_pdbx_refine_tls_group.end_label_seq_id 
_pdbx_refine_tls_group.selection 
_pdbx_refine_tls_group.selection_details 
'X-RAY DIFFRACTION' 1  1  ? ? ? ? ? ? ? ? ? '(CHAIN A AND RESID 0:7)'   
'X-RAY DIFFRACTION' 2  2  ? ? ? ? ? ? ? ? ? '(CHAIN A AND RESID 8:14)'  
'X-RAY DIFFRACTION' 3  3  ? ? ? ? ? ? ? ? ? '(CHAIN A AND RESID 15:19)' 
'X-RAY DIFFRACTION' 4  4  ? ? ? ? ? ? ? ? ? '(CHAIN A AND RESID 20:26)' 
'X-RAY DIFFRACTION' 5  5  ? ? ? ? ? ? ? ? ? '(CHAIN A AND RESID 27:38)' 
'X-RAY DIFFRACTION' 6  6  ? ? ? ? ? ? ? ? ? '(CHAIN A AND RESID 39:44)' 
'X-RAY DIFFRACTION' 7  7  ? ? ? ? ? ? ? ? ? '(CHAIN A AND RESID 45:52)' 
'X-RAY DIFFRACTION' 8  8  ? ? ? ? ? ? ? ? ? '(CHAIN A AND RESID 53:57)' 
'X-RAY DIFFRACTION' 9  9  ? ? ? ? ? ? ? ? ? '(CHAIN A AND RESID 58:64)' 
'X-RAY DIFFRACTION' 10 10 ? ? ? ? ? ? ? ? ? '(CHAIN A AND RESID 65:74)' 
'X-RAY DIFFRACTION' 11 11 ? ? ? ? ? ? ? ? ? '(CHAIN A AND RESID 75:80)' 
'X-RAY DIFFRACTION' 12 12 ? ? ? ? ? ? ? ? ? '(CHAIN A AND RESID 81:87)' 
# 
loop_
_chem_comp_atom.comp_id 
_chem_comp_atom.atom_id 
_chem_comp_atom.type_symbol 
_chem_comp_atom.pdbx_aromatic_flag 
_chem_comp_atom.pdbx_stereo_config 
_chem_comp_atom.pdbx_ordinal 
ACT C    C  N N 1   
ACT O    O  N N 2   
ACT OXT  O  N N 3   
ACT CH3  C  N N 4   
ACT H1   H  N N 5   
ACT H2   H  N N 6   
ACT H3   H  N N 7   
ALA N    N  N N 8   
ALA CA   C  N S 9   
ALA C    C  N N 10  
ALA O    O  N N 11  
ALA CB   C  N N 12  
ALA OXT  O  N N 13  
ALA H    H  N N 14  
ALA H2   H  N N 15  
ALA HA   H  N N 16  
ALA HB1  H  N N 17  
ALA HB2  H  N N 18  
ALA HB3  H  N N 19  
ALA HXT  H  N N 20  
ARG N    N  N N 21  
ARG CA   C  N S 22  
ARG C    C  N N 23  
ARG O    O  N N 24  
ARG CB   C  N N 25  
ARG CG   C  N N 26  
ARG CD   C  N N 27  
ARG NE   N  N N 28  
ARG CZ   C  N N 29  
ARG NH1  N  N N 30  
ARG NH2  N  N N 31  
ARG OXT  O  N N 32  
ARG H    H  N N 33  
ARG H2   H  N N 34  
ARG HA   H  N N 35  
ARG HB2  H  N N 36  
ARG HB3  H  N N 37  
ARG HG2  H  N N 38  
ARG HG3  H  N N 39  
ARG HD2  H  N N 40  
ARG HD3  H  N N 41  
ARG HE   H  N N 42  
ARG HH11 H  N N 43  
ARG HH12 H  N N 44  
ARG HH21 H  N N 45  
ARG HH22 H  N N 46  
ARG HXT  H  N N 47  
ASN N    N  N N 48  
ASN CA   C  N S 49  
ASN C    C  N N 50  
ASN O    O  N N 51  
ASN CB   C  N N 52  
ASN CG   C  N N 53  
ASN OD1  O  N N 54  
ASN ND2  N  N N 55  
ASN OXT  O  N N 56  
ASN H    H  N N 57  
ASN H2   H  N N 58  
ASN HA   H  N N 59  
ASN HB2  H  N N 60  
ASN HB3  H  N N 61  
ASN HD21 H  N N 62  
ASN HD22 H  N N 63  
ASN HXT  H  N N 64  
ASP N    N  N N 65  
ASP CA   C  N S 66  
ASP C    C  N N 67  
ASP O    O  N N 68  
ASP CB   C  N N 69  
ASP CG   C  N N 70  
ASP OD1  O  N N 71  
ASP OD2  O  N N 72  
ASP OXT  O  N N 73  
ASP H    H  N N 74  
ASP H2   H  N N 75  
ASP HA   H  N N 76  
ASP HB2  H  N N 77  
ASP HB3  H  N N 78  
ASP HD2  H  N N 79  
ASP HXT  H  N N 80  
CD  CD   CD N N 81  
GLU N    N  N N 82  
GLU CA   C  N S 83  
GLU C    C  N N 84  
GLU O    O  N N 85  
GLU CB   C  N N 86  
GLU CG   C  N N 87  
GLU CD   C  N N 88  
GLU OE1  O  N N 89  
GLU OE2  O  N N 90  
GLU OXT  O  N N 91  
GLU H    H  N N 92  
GLU H2   H  N N 93  
GLU HA   H  N N 94  
GLU HB2  H  N N 95  
GLU HB3  H  N N 96  
GLU HG2  H  N N 97  
GLU HG3  H  N N 98  
GLU HE2  H  N N 99  
GLU HXT  H  N N 100 
GLY N    N  N N 101 
GLY CA   C  N N 102 
GLY C    C  N N 103 
GLY O    O  N N 104 
GLY OXT  O  N N 105 
GLY H    H  N N 106 
GLY H2   H  N N 107 
GLY HA2  H  N N 108 
GLY HA3  H  N N 109 
GLY HXT  H  N N 110 
HIS N    N  N N 111 
HIS CA   C  N S 112 
HIS C    C  N N 113 
HIS O    O  N N 114 
HIS CB   C  N N 115 
HIS CG   C  Y N 116 
HIS ND1  N  Y N 117 
HIS CD2  C  Y N 118 
HIS CE1  C  Y N 119 
HIS NE2  N  Y N 120 
HIS OXT  O  N N 121 
HIS H    H  N N 122 
HIS H2   H  N N 123 
HIS HA   H  N N 124 
HIS HB2  H  N N 125 
HIS HB3  H  N N 126 
HIS HD1  H  N N 127 
HIS HD2  H  N N 128 
HIS HE1  H  N N 129 
HIS HE2  H  N N 130 
HIS HXT  H  N N 131 
HOH O    O  N N 132 
HOH H1   H  N N 133 
HOH H2   H  N N 134 
ILE N    N  N N 135 
ILE CA   C  N S 136 
ILE C    C  N N 137 
ILE O    O  N N 138 
ILE CB   C  N S 139 
ILE CG1  C  N N 140 
ILE CG2  C  N N 141 
ILE CD1  C  N N 142 
ILE OXT  O  N N 143 
ILE H    H  N N 144 
ILE H2   H  N N 145 
ILE HA   H  N N 146 
ILE HB   H  N N 147 
ILE HG12 H  N N 148 
ILE HG13 H  N N 149 
ILE HG21 H  N N 150 
ILE HG22 H  N N 151 
ILE HG23 H  N N 152 
ILE HD11 H  N N 153 
ILE HD12 H  N N 154 
ILE HD13 H  N N 155 
ILE HXT  H  N N 156 
LEU N    N  N N 157 
LEU CA   C  N S 158 
LEU C    C  N N 159 
LEU O    O  N N 160 
LEU CB   C  N N 161 
LEU CG   C  N N 162 
LEU CD1  C  N N 163 
LEU CD2  C  N N 164 
LEU OXT  O  N N 165 
LEU H    H  N N 166 
LEU H2   H  N N 167 
LEU HA   H  N N 168 
LEU HB2  H  N N 169 
LEU HB3  H  N N 170 
LEU HG   H  N N 171 
LEU HD11 H  N N 172 
LEU HD12 H  N N 173 
LEU HD13 H  N N 174 
LEU HD21 H  N N 175 
LEU HD22 H  N N 176 
LEU HD23 H  N N 177 
LEU HXT  H  N N 178 
LYS N    N  N N 179 
LYS CA   C  N S 180 
LYS C    C  N N 181 
LYS O    O  N N 182 
LYS CB   C  N N 183 
LYS CG   C  N N 184 
LYS CD   C  N N 185 
LYS CE   C  N N 186 
LYS NZ   N  N N 187 
LYS OXT  O  N N 188 
LYS H    H  N N 189 
LYS H2   H  N N 190 
LYS HA   H  N N 191 
LYS HB2  H  N N 192 
LYS HB3  H  N N 193 
LYS HG2  H  N N 194 
LYS HG3  H  N N 195 
LYS HD2  H  N N 196 
LYS HD3  H  N N 197 
LYS HE2  H  N N 198 
LYS HE3  H  N N 199 
LYS HZ1  H  N N 200 
LYS HZ2  H  N N 201 
LYS HZ3  H  N N 202 
LYS HXT  H  N N 203 
MET N    N  N N 204 
MET CA   C  N S 205 
MET C    C  N N 206 
MET O    O  N N 207 
MET CB   C  N N 208 
MET CG   C  N N 209 
MET SD   S  N N 210 
MET CE   C  N N 211 
MET OXT  O  N N 212 
MET H    H  N N 213 
MET H2   H  N N 214 
MET HA   H  N N 215 
MET HB2  H  N N 216 
MET HB3  H  N N 217 
MET HG2  H  N N 218 
MET HG3  H  N N 219 
MET HE1  H  N N 220 
MET HE2  H  N N 221 
MET HE3  H  N N 222 
MET HXT  H  N N 223 
MG  MG   MG N N 224 
PHE N    N  N N 225 
PHE CA   C  N S 226 
PHE C    C  N N 227 
PHE O    O  N N 228 
PHE CB   C  N N 229 
PHE CG   C  Y N 230 
PHE CD1  C  Y N 231 
PHE CD2  C  Y N 232 
PHE CE1  C  Y N 233 
PHE CE2  C  Y N 234 
PHE CZ   C  Y N 235 
PHE OXT  O  N N 236 
PHE H    H  N N 237 
PHE H2   H  N N 238 
PHE HA   H  N N 239 
PHE HB2  H  N N 240 
PHE HB3  H  N N 241 
PHE HD1  H  N N 242 
PHE HD2  H  N N 243 
PHE HE1  H  N N 244 
PHE HE2  H  N N 245 
PHE HZ   H  N N 246 
PHE HXT  H  N N 247 
PRO N    N  N N 248 
PRO CA   C  N S 249 
PRO C    C  N N 250 
PRO O    O  N N 251 
PRO CB   C  N N 252 
PRO CG   C  N N 253 
PRO CD   C  N N 254 
PRO OXT  O  N N 255 
PRO H    H  N N 256 
PRO HA   H  N N 257 
PRO HB2  H  N N 258 
PRO HB3  H  N N 259 
PRO HG2  H  N N 260 
PRO HG3  H  N N 261 
PRO HD2  H  N N 262 
PRO HD3  H  N N 263 
PRO HXT  H  N N 264 
SER N    N  N N 265 
SER CA   C  N S 266 
SER C    C  N N 267 
SER O    O  N N 268 
SER CB   C  N N 269 
SER OG   O  N N 270 
SER OXT  O  N N 271 
SER H    H  N N 272 
SER H2   H  N N 273 
SER HA   H  N N 274 
SER HB2  H  N N 275 
SER HB3  H  N N 276 
SER HG   H  N N 277 
SER HXT  H  N N 278 
THR N    N  N N 279 
THR CA   C  N S 280 
THR C    C  N N 281 
THR O    O  N N 282 
THR CB   C  N R 283 
THR OG1  O  N N 284 
THR CG2  C  N N 285 
THR OXT  O  N N 286 
THR H    H  N N 287 
THR H2   H  N N 288 
THR HA   H  N N 289 
THR HB   H  N N 290 
THR HG1  H  N N 291 
THR HG21 H  N N 292 
THR HG22 H  N N 293 
THR HG23 H  N N 294 
THR HXT  H  N N 295 
TRP N    N  N N 296 
TRP CA   C  N S 297 
TRP C    C  N N 298 
TRP O    O  N N 299 
TRP CB   C  N N 300 
TRP CG   C  Y N 301 
TRP CD1  C  Y N 302 
TRP CD2  C  Y N 303 
TRP NE1  N  Y N 304 
TRP CE2  C  Y N 305 
TRP CE3  C  Y N 306 
TRP CZ2  C  Y N 307 
TRP CZ3  C  Y N 308 
TRP CH2  C  Y N 309 
TRP OXT  O  N N 310 
TRP H    H  N N 311 
TRP H2   H  N N 312 
TRP HA   H  N N 313 
TRP HB2  H  N N 314 
TRP HB3  H  N N 315 
TRP HD1  H  N N 316 
TRP HE1  H  N N 317 
TRP HE3  H  N N 318 
TRP HZ2  H  N N 319 
TRP HZ3  H  N N 320 
TRP HH2  H  N N 321 
TRP HXT  H  N N 322 
TYR N    N  N N 323 
TYR CA   C  N S 324 
TYR C    C  N N 325 
TYR O    O  N N 326 
TYR CB   C  N N 327 
TYR CG   C  Y N 328 
TYR CD1  C  Y N 329 
TYR CD2  C  Y N 330 
TYR CE1  C  Y N 331 
TYR CE2  C  Y N 332 
TYR CZ   C  Y N 333 
TYR OH   O  N N 334 
TYR OXT  O  N N 335 
TYR H    H  N N 336 
TYR H2   H  N N 337 
TYR HA   H  N N 338 
TYR HB2  H  N N 339 
TYR HB3  H  N N 340 
TYR HD1  H  N N 341 
TYR HD2  H  N N 342 
TYR HE1  H  N N 343 
TYR HE2  H  N N 344 
TYR HH   H  N N 345 
TYR HXT  H  N N 346 
VAL N    N  N N 347 
VAL CA   C  N S 348 
VAL C    C  N N 349 
VAL O    O  N N 350 
VAL CB   C  N N 351 
VAL CG1  C  N N 352 
VAL CG2  C  N N 353 
VAL OXT  O  N N 354 
VAL H    H  N N 355 
VAL H2   H  N N 356 
VAL HA   H  N N 357 
VAL HB   H  N N 358 
VAL HG11 H  N N 359 
VAL HG12 H  N N 360 
VAL HG13 H  N N 361 
VAL HG21 H  N N 362 
VAL HG22 H  N N 363 
VAL HG23 H  N N 364 
VAL HXT  H  N N 365 
# 
loop_
_chem_comp_bond.comp_id 
_chem_comp_bond.atom_id_1 
_chem_comp_bond.atom_id_2 
_chem_comp_bond.value_order 
_chem_comp_bond.pdbx_aromatic_flag 
_chem_comp_bond.pdbx_stereo_config 
_chem_comp_bond.pdbx_ordinal 
ACT C   O    doub N N 1   
ACT C   OXT  sing N N 2   
ACT C   CH3  sing N N 3   
ACT CH3 H1   sing N N 4   
ACT CH3 H2   sing N N 5   
ACT CH3 H3   sing N N 6   
ALA N   CA   sing N N 7   
ALA N   H    sing N N 8   
ALA N   H2   sing N N 9   
ALA CA  C    sing N N 10  
ALA CA  CB   sing N N 11  
ALA CA  HA   sing N N 12  
ALA C   O    doub N N 13  
ALA C   OXT  sing N N 14  
ALA CB  HB1  sing N N 15  
ALA CB  HB2  sing N N 16  
ALA CB  HB3  sing N N 17  
ALA OXT HXT  sing N N 18  
ARG N   CA   sing N N 19  
ARG N   H    sing N N 20  
ARG N   H2   sing N N 21  
ARG CA  C    sing N N 22  
ARG CA  CB   sing N N 23  
ARG CA  HA   sing N N 24  
ARG C   O    doub N N 25  
ARG C   OXT  sing N N 26  
ARG CB  CG   sing N N 27  
ARG CB  HB2  sing N N 28  
ARG CB  HB3  sing N N 29  
ARG CG  CD   sing N N 30  
ARG CG  HG2  sing N N 31  
ARG CG  HG3  sing N N 32  
ARG CD  NE   sing N N 33  
ARG CD  HD2  sing N N 34  
ARG CD  HD3  sing N N 35  
ARG NE  CZ   sing N N 36  
ARG NE  HE   sing N N 37  
ARG CZ  NH1  sing N N 38  
ARG CZ  NH2  doub N N 39  
ARG NH1 HH11 sing N N 40  
ARG NH1 HH12 sing N N 41  
ARG NH2 HH21 sing N N 42  
ARG NH2 HH22 sing N N 43  
ARG OXT HXT  sing N N 44  
ASN N   CA   sing N N 45  
ASN N   H    sing N N 46  
ASN N   H2   sing N N 47  
ASN CA  C    sing N N 48  
ASN CA  CB   sing N N 49  
ASN CA  HA   sing N N 50  
ASN C   O    doub N N 51  
ASN C   OXT  sing N N 52  
ASN CB  CG   sing N N 53  
ASN CB  HB2  sing N N 54  
ASN CB  HB3  sing N N 55  
ASN CG  OD1  doub N N 56  
ASN CG  ND2  sing N N 57  
ASN ND2 HD21 sing N N 58  
ASN ND2 HD22 sing N N 59  
ASN OXT HXT  sing N N 60  
ASP N   CA   sing N N 61  
ASP N   H    sing N N 62  
ASP N   H2   sing N N 63  
ASP CA  C    sing N N 64  
ASP CA  CB   sing N N 65  
ASP CA  HA   sing N N 66  
ASP C   O    doub N N 67  
ASP C   OXT  sing N N 68  
ASP CB  CG   sing N N 69  
ASP CB  HB2  sing N N 70  
ASP CB  HB3  sing N N 71  
ASP CG  OD1  doub N N 72  
ASP CG  OD2  sing N N 73  
ASP OD2 HD2  sing N N 74  
ASP OXT HXT  sing N N 75  
GLU N   CA   sing N N 76  
GLU N   H    sing N N 77  
GLU N   H2   sing N N 78  
GLU CA  C    sing N N 79  
GLU CA  CB   sing N N 80  
GLU CA  HA   sing N N 81  
GLU C   O    doub N N 82  
GLU C   OXT  sing N N 83  
GLU CB  CG   sing N N 84  
GLU CB  HB2  sing N N 85  
GLU CB  HB3  sing N N 86  
GLU CG  CD   sing N N 87  
GLU CG  HG2  sing N N 88  
GLU CG  HG3  sing N N 89  
GLU CD  OE1  doub N N 90  
GLU CD  OE2  sing N N 91  
GLU OE2 HE2  sing N N 92  
GLU OXT HXT  sing N N 93  
GLY N   CA   sing N N 94  
GLY N   H    sing N N 95  
GLY N   H2   sing N N 96  
GLY CA  C    sing N N 97  
GLY CA  HA2  sing N N 98  
GLY CA  HA3  sing N N 99  
GLY C   O    doub N N 100 
GLY C   OXT  sing N N 101 
GLY OXT HXT  sing N N 102 
HIS N   CA   sing N N 103 
HIS N   H    sing N N 104 
HIS N   H2   sing N N 105 
HIS CA  C    sing N N 106 
HIS CA  CB   sing N N 107 
HIS CA  HA   sing N N 108 
HIS C   O    doub N N 109 
HIS C   OXT  sing N N 110 
HIS CB  CG   sing N N 111 
HIS CB  HB2  sing N N 112 
HIS CB  HB3  sing N N 113 
HIS CG  ND1  sing Y N 114 
HIS CG  CD2  doub Y N 115 
HIS ND1 CE1  doub Y N 116 
HIS ND1 HD1  sing N N 117 
HIS CD2 NE2  sing Y N 118 
HIS CD2 HD2  sing N N 119 
HIS CE1 NE2  sing Y N 120 
HIS CE1 HE1  sing N N 121 
HIS NE2 HE2  sing N N 122 
HIS OXT HXT  sing N N 123 
HOH O   H1   sing N N 124 
HOH O   H2   sing N N 125 
ILE N   CA   sing N N 126 
ILE N   H    sing N N 127 
ILE N   H2   sing N N 128 
ILE CA  C    sing N N 129 
ILE CA  CB   sing N N 130 
ILE CA  HA   sing N N 131 
ILE C   O    doub N N 132 
ILE C   OXT  sing N N 133 
ILE CB  CG1  sing N N 134 
ILE CB  CG2  sing N N 135 
ILE CB  HB   sing N N 136 
ILE CG1 CD1  sing N N 137 
ILE CG1 HG12 sing N N 138 
ILE CG1 HG13 sing N N 139 
ILE CG2 HG21 sing N N 140 
ILE CG2 HG22 sing N N 141 
ILE CG2 HG23 sing N N 142 
ILE CD1 HD11 sing N N 143 
ILE CD1 HD12 sing N N 144 
ILE CD1 HD13 sing N N 145 
ILE OXT HXT  sing N N 146 
LEU N   CA   sing N N 147 
LEU N   H    sing N N 148 
LEU N   H2   sing N N 149 
LEU CA  C    sing N N 150 
LEU CA  CB   sing N N 151 
LEU CA  HA   sing N N 152 
LEU C   O    doub N N 153 
LEU C   OXT  sing N N 154 
LEU CB  CG   sing N N 155 
LEU CB  HB2  sing N N 156 
LEU CB  HB3  sing N N 157 
LEU CG  CD1  sing N N 158 
LEU CG  CD2  sing N N 159 
LEU CG  HG   sing N N 160 
LEU CD1 HD11 sing N N 161 
LEU CD1 HD12 sing N N 162 
LEU CD1 HD13 sing N N 163 
LEU CD2 HD21 sing N N 164 
LEU CD2 HD22 sing N N 165 
LEU CD2 HD23 sing N N 166 
LEU OXT HXT  sing N N 167 
LYS N   CA   sing N N 168 
LYS N   H    sing N N 169 
LYS N   H2   sing N N 170 
LYS CA  C    sing N N 171 
LYS CA  CB   sing N N 172 
LYS CA  HA   sing N N 173 
LYS C   O    doub N N 174 
LYS C   OXT  sing N N 175 
LYS CB  CG   sing N N 176 
LYS CB  HB2  sing N N 177 
LYS CB  HB3  sing N N 178 
LYS CG  CD   sing N N 179 
LYS CG  HG2  sing N N 180 
LYS CG  HG3  sing N N 181 
LYS CD  CE   sing N N 182 
LYS CD  HD2  sing N N 183 
LYS CD  HD3  sing N N 184 
LYS CE  NZ   sing N N 185 
LYS CE  HE2  sing N N 186 
LYS CE  HE3  sing N N 187 
LYS NZ  HZ1  sing N N 188 
LYS NZ  HZ2  sing N N 189 
LYS NZ  HZ3  sing N N 190 
LYS OXT HXT  sing N N 191 
MET N   CA   sing N N 192 
MET N   H    sing N N 193 
MET N   H2   sing N N 194 
MET CA  C    sing N N 195 
MET CA  CB   sing N N 196 
MET CA  HA   sing N N 197 
MET C   O    doub N N 198 
MET C   OXT  sing N N 199 
MET CB  CG   sing N N 200 
MET CB  HB2  sing N N 201 
MET CB  HB3  sing N N 202 
MET CG  SD   sing N N 203 
MET CG  HG2  sing N N 204 
MET CG  HG3  sing N N 205 
MET SD  CE   sing N N 206 
MET CE  HE1  sing N N 207 
MET CE  HE2  sing N N 208 
MET CE  HE3  sing N N 209 
MET OXT HXT  sing N N 210 
PHE N   CA   sing N N 211 
PHE N   H    sing N N 212 
PHE N   H2   sing N N 213 
PHE CA  C    sing N N 214 
PHE CA  CB   sing N N 215 
PHE CA  HA   sing N N 216 
PHE C   O    doub N N 217 
PHE C   OXT  sing N N 218 
PHE CB  CG   sing N N 219 
PHE CB  HB2  sing N N 220 
PHE CB  HB3  sing N N 221 
PHE CG  CD1  doub Y N 222 
PHE CG  CD2  sing Y N 223 
PHE CD1 CE1  sing Y N 224 
PHE CD1 HD1  sing N N 225 
PHE CD2 CE2  doub Y N 226 
PHE CD2 HD2  sing N N 227 
PHE CE1 CZ   doub Y N 228 
PHE CE1 HE1  sing N N 229 
PHE CE2 CZ   sing Y N 230 
PHE CE2 HE2  sing N N 231 
PHE CZ  HZ   sing N N 232 
PHE OXT HXT  sing N N 233 
PRO N   CA   sing N N 234 
PRO N   CD   sing N N 235 
PRO N   H    sing N N 236 
PRO CA  C    sing N N 237 
PRO CA  CB   sing N N 238 
PRO CA  HA   sing N N 239 
PRO C   O    doub N N 240 
PRO C   OXT  sing N N 241 
PRO CB  CG   sing N N 242 
PRO CB  HB2  sing N N 243 
PRO CB  HB3  sing N N 244 
PRO CG  CD   sing N N 245 
PRO CG  HG2  sing N N 246 
PRO CG  HG3  sing N N 247 
PRO CD  HD2  sing N N 248 
PRO CD  HD3  sing N N 249 
PRO OXT HXT  sing N N 250 
SER N   CA   sing N N 251 
SER N   H    sing N N 252 
SER N   H2   sing N N 253 
SER CA  C    sing N N 254 
SER CA  CB   sing N N 255 
SER CA  HA   sing N N 256 
SER C   O    doub N N 257 
SER C   OXT  sing N N 258 
SER CB  OG   sing N N 259 
SER CB  HB2  sing N N 260 
SER CB  HB3  sing N N 261 
SER OG  HG   sing N N 262 
SER OXT HXT  sing N N 263 
THR N   CA   sing N N 264 
THR N   H    sing N N 265 
THR N   H2   sing N N 266 
THR CA  C    sing N N 267 
THR CA  CB   sing N N 268 
THR CA  HA   sing N N 269 
THR C   O    doub N N 270 
THR C   OXT  sing N N 271 
THR CB  OG1  sing N N 272 
THR CB  CG2  sing N N 273 
THR CB  HB   sing N N 274 
THR OG1 HG1  sing N N 275 
THR CG2 HG21 sing N N 276 
THR CG2 HG22 sing N N 277 
THR CG2 HG23 sing N N 278 
THR OXT HXT  sing N N 279 
TRP N   CA   sing N N 280 
TRP N   H    sing N N 281 
TRP N   H2   sing N N 282 
TRP CA  C    sing N N 283 
TRP CA  CB   sing N N 284 
TRP CA  HA   sing N N 285 
TRP C   O    doub N N 286 
TRP C   OXT  sing N N 287 
TRP CB  CG   sing N N 288 
TRP CB  HB2  sing N N 289 
TRP CB  HB3  sing N N 290 
TRP CG  CD1  doub Y N 291 
TRP CG  CD2  sing Y N 292 
TRP CD1 NE1  sing Y N 293 
TRP CD1 HD1  sing N N 294 
TRP CD2 CE2  doub Y N 295 
TRP CD2 CE3  sing Y N 296 
TRP NE1 CE2  sing Y N 297 
TRP NE1 HE1  sing N N 298 
TRP CE2 CZ2  sing Y N 299 
TRP CE3 CZ3  doub Y N 300 
TRP CE3 HE3  sing N N 301 
TRP CZ2 CH2  doub Y N 302 
TRP CZ2 HZ2  sing N N 303 
TRP CZ3 CH2  sing Y N 304 
TRP CZ3 HZ3  sing N N 305 
TRP CH2 HH2  sing N N 306 
TRP OXT HXT  sing N N 307 
TYR N   CA   sing N N 308 
TYR N   H    sing N N 309 
TYR N   H2   sing N N 310 
TYR CA  C    sing N N 311 
TYR CA  CB   sing N N 312 
TYR CA  HA   sing N N 313 
TYR C   O    doub N N 314 
TYR C   OXT  sing N N 315 
TYR CB  CG   sing N N 316 
TYR CB  HB2  sing N N 317 
TYR CB  HB3  sing N N 318 
TYR CG  CD1  doub Y N 319 
TYR CG  CD2  sing Y N 320 
TYR CD1 CE1  sing Y N 321 
TYR CD1 HD1  sing N N 322 
TYR CD2 CE2  doub Y N 323 
TYR CD2 HD2  sing N N 324 
TYR CE1 CZ   doub Y N 325 
TYR CE1 HE1  sing N N 326 
TYR CE2 CZ   sing Y N 327 
TYR CE2 HE2  sing N N 328 
TYR CZ  OH   sing N N 329 
TYR OH  HH   sing N N 330 
TYR OXT HXT  sing N N 331 
VAL N   CA   sing N N 332 
VAL N   H    sing N N 333 
VAL N   H2   sing N N 334 
VAL CA  C    sing N N 335 
VAL CA  CB   sing N N 336 
VAL CA  HA   sing N N 337 
VAL C   O    doub N N 338 
VAL C   OXT  sing N N 339 
VAL CB  CG1  sing N N 340 
VAL CB  CG2  sing N N 341 
VAL CB  HB   sing N N 342 
VAL CG1 HG11 sing N N 343 
VAL CG1 HG12 sing N N 344 
VAL CG1 HG13 sing N N 345 
VAL CG2 HG21 sing N N 346 
VAL CG2 HG22 sing N N 347 
VAL CG2 HG23 sing N N 348 
VAL OXT HXT  sing N N 349 
# 
_atom_sites.entry_id                    3PO0 
_atom_sites.fract_transf_matrix[1][1]   -0.00567074 
_atom_sites.fract_transf_matrix[1][2]   0.02226579 
_atom_sites.fract_transf_matrix[1][3]   0.00649526 
_atom_sites.fract_transf_matrix[2][1]   -0.02022859 
_atom_sites.fract_transf_matrix[2][2]   -0.00159794 
_atom_sites.fract_transf_matrix[2][3]   -0.01218297 
_atom_sites.fract_transf_matrix[3][1]   -0.01059611 
_atom_sites.fract_transf_matrix[3][2]   -0.00814256 
_atom_sites.fract_transf_matrix[3][3]   0.01866176 
_atom_sites.fract_transf_vector[1]      -0.175452 
_atom_sites.fract_transf_vector[2]      0.024054 
_atom_sites.fract_transf_vector[3]      -0.064559 
# 
loop_
_atom_type.symbol 
C  
CD 
MG 
N  
O  
S  
# 
loop_
_atom_site.group_PDB 
_atom_site.id 
_atom_site.type_symbol 
_atom_site.label_atom_id 
_atom_site.label_alt_id 
_atom_site.label_comp_id 
_atom_site.label_asym_id 
_atom_site.label_entity_id 
_atom_site.label_seq_id 
_atom_site.pdbx_PDB_ins_code 
_atom_site.Cartn_x 
_atom_site.Cartn_y 
_atom_site.Cartn_z 
_atom_site.occupancy 
_atom_site.B_iso_or_equiv 
_atom_site.pdbx_formal_charge 
_atom_site.auth_seq_id 
_atom_site.auth_comp_id 
_atom_site.auth_asym_id 
_atom_site.auth_atom_id 
_atom_site.pdbx_PDB_model_num 
ATOM   1   N  N   . GLY A 1 1  ? 5.717   14.342  3.521   1.00 37.75  ? -1  GLY A N   1 
ATOM   2   C  CA  . GLY A 1 1  ? 5.790   13.859  4.888   1.00 31.61  ? -1  GLY A CA  1 
ATOM   3   C  C   . GLY A 1 1  ? 6.067   12.370  4.960   1.00 28.77  ? -1  GLY A C   1 
ATOM   4   O  O   . GLY A 1 1  ? 5.974   11.662  3.955   1.00 27.86  ? -1  GLY A O   1 
ATOM   5   N  N   . SER A 1 2  ? 6.413   11.888  6.148   1.00 38.41  ? 0   SER A N   1 
ATOM   6   C  CA  . SER A 1 2  ? 6.633   10.463  6.340   1.00 33.79  ? 0   SER A CA  1 
ATOM   7   C  C   . SER A 1 2  ? 5.333   9.789   6.749   1.00 22.93  ? 0   SER A C   1 
ATOM   8   O  O   . SER A 1 2  ? 4.525   10.369  7.466   1.00 27.48  ? 0   SER A O   1 
ATOM   9   C  CB  . SER A 1 2  ? 7.701   10.211  7.401   1.00 42.07  ? 0   SER A CB  1 
ATOM   10  O  OG  . SER A 1 2  ? 7.304   10.735  8.652   1.00 48.24  ? 0   SER A OG  1 
ATOM   11  N  N   . MET A 1 3  ? 5.127   8.572   6.265   1.00 20.10  ? 1   MET A N   1 
ATOM   12  C  CA  . MET A 1 3  ? 3.979   7.785   6.668   1.00 21.55  ? 1   MET A CA  1 
ATOM   13  C  C   . MET A 1 3  ? 4.361   6.321   6.604   1.00 17.57  ? 1   MET A C   1 
ATOM   14  O  O   . MET A 1 3  ? 5.437   5.966   6.127   1.00 20.74  ? 1   MET A O   1 
ATOM   15  C  CB  . MET A 1 3  ? 2.777   8.086   5.777   1.00 23.15  ? 1   MET A CB  1 
ATOM   16  C  CG  . MET A 1 3  ? 3.053   7.899   4.300   1.00 22.25  ? 1   MET A CG  1 
ATOM   17  S  SD  . MET A 1 3  ? 1.925   8.914   3.307   1.00 24.94  ? 1   MET A SD  1 
ATOM   18  C  CE  . MET A 1 3  ? 2.525   10.562  3.683   1.00 31.33  ? 1   MET A CE  1 
ATOM   19  N  N   . GLU A 1 4  ? 3.500   5.456   7.111   1.00 19.40  ? 2   GLU A N   1 
ATOM   20  C  CA  . GLU A 1 4  ? 3.887   4.065   7.237   1.00 19.23  ? 2   GLU A CA  1 
ATOM   21  C  C   . GLU A 1 4  ? 2.811   3.162   6.703   1.00 16.61  ? 2   GLU A C   1 
ATOM   22  O  O   . GLU A 1 4  ? 1.624   3.384   6.954   1.00 19.62  ? 2   GLU A O   1 
ATOM   23  C  CB  . GLU A 1 4  ? 4.146   3.718   8.699   1.00 22.37  ? 2   GLU A CB  1 
ATOM   24  C  CG  . GLU A 1 4  ? 5.245   4.562   9.307   1.00 28.55  ? 2   GLU A CG  1 
ATOM   25  C  CD  . GLU A 1 4  ? 5.662   4.085   10.672  1.00 31.57  ? 2   GLU A CD  1 
ATOM   26  O  OE1 . GLU A 1 4  ? 4.874   3.358   11.327  1.00 26.09  ? 2   GLU A OE1 1 
ATOM   27  O  OE2 . GLU A 1 4  ? 6.793   4.435   11.078  1.00 36.80  ? 2   GLU A OE2 1 
ATOM   28  N  N   . TRP A 1 5  ? 3.255   2.152   5.971   1.00 17.61  ? 3   TRP A N   1 
ATOM   29  C  CA  . TRP A 1 5  ? 2.413   1.085   5.475   1.00 15.73  ? 3   TRP A CA  1 
ATOM   30  C  C   . TRP A 1 5  ? 2.497   -0.118  6.394   1.00 16.56  ? 3   TRP A C   1 
ATOM   31  O  O   . TRP A 1 5  ? 3.592   -0.590  6.707   1.00 18.50  ? 3   TRP A O   1 
ATOM   32  C  CB  . TRP A 1 5  ? 2.912   0.652   4.095   1.00 16.47  ? 3   TRP A CB  1 
ATOM   33  C  CG  . TRP A 1 5  ? 2.539   1.579   2.976   1.00 15.26  ? 3   TRP A CG  1 
ATOM   34  C  CD1 . TRP A 1 5  ? 3.300   2.577   2.433   1.00 16.07  ? 3   TRP A CD1 1 
ATOM   35  C  CD2 . TRP A 1 5  ? 1.290   1.607   2.295   1.00 15.39  ? 3   TRP A CD2 1 
ATOM   36  N  NE1 . TRP A 1 5  ? 2.592   3.219   1.437   1.00 15.84  ? 3   TRP A NE1 1 
ATOM   37  C  CE2 . TRP A 1 5  ? 1.355   2.634   1.335   1.00 15.29  ? 3   TRP A CE2 1 
ATOM   38  C  CE3 . TRP A 1 5  ? 0.111   0.849   2.397   1.00 12.44  ? 3   TRP A CE3 1 
ATOM   39  C  CZ2 . TRP A 1 5  ? 0.289   2.935   0.491   1.00 15.64  ? 3   TRP A CZ2 1 
ATOM   40  C  CZ3 . TRP A 1 5  ? -0.940  1.144   1.553   1.00 16.10  ? 3   TRP A CZ3 1 
ATOM   41  C  CH2 . TRP A 1 5  ? -0.844  2.178   0.607   1.00 15.98  ? 3   TRP A CH2 1 
ATOM   42  N  N   . LYS A 1 6  ? 1.341   -0.627  6.796   1.00 15.63  ? 4   LYS A N   1 
ATOM   43  C  CA  . LYS A 1 6  ? 1.295   -1.895  7.519   1.00 16.25  ? 4   LYS A CA  1 
ATOM   44  C  C   . LYS A 1 6  ? 0.847   -2.961  6.535   1.00 16.70  ? 4   LYS A C   1 
ATOM   45  O  O   . LYS A 1 6  ? -0.122  -2.757  5.792   1.00 16.92  ? 4   LYS A O   1 
ATOM   46  C  CB  . LYS A 1 6  ? 0.342   -1.795  8.698   1.00 15.79  ? 4   LYS A CB  1 
ATOM   47  C  CG  . LYS A 1 6  ? 0.599   -0.578  9.553   1.00 18.81  ? 4   LYS A CG  1 
ATOM   48  C  CD  . LYS A 1 6  ? 2.007   -0.565  10.143  1.00 20.80  ? 4   LYS A CD  1 
ATOM   49  C  CE  . LYS A 1 6  ? 2.271   0.746   10.885  1.00 25.39  ? 4   LYS A CE  1 
ATOM   50  N  NZ  . LYS A 1 6  ? 3.608   0.804   11.533  1.00 26.40  ? 4   LYS A NZ  1 
ATOM   51  N  N   . LEU A 1 7  ? 1.564   -4.081  6.520   1.00 13.35  ? 5   LEU A N   1 
ATOM   52  C  CA  . LEU A 1 7  ? 1.309   -5.177  5.584   1.00 14.13  ? 5   LEU A CA  1 
ATOM   53  C  C   . LEU A 1 7  ? 0.885   -6.413  6.344   1.00 17.20  ? 5   LEU A C   1 
ATOM   54  O  O   . LEU A 1 7  ? 1.307   -6.615  7.482   1.00 20.77  ? 5   LEU A O   1 
ATOM   55  C  CB  . LEU A 1 7  ? 2.561   -5.511  4.786   1.00 16.38  ? 5   LEU A CB  1 
ATOM   56  C  CG  . LEU A 1 7  ? 3.202   -4.311  4.072   1.00 19.55  ? 5   LEU A CG  1 
ATOM   57  C  CD1 . LEU A 1 7  ? 4.464   -4.704  3.297   1.00 19.71  ? 5   LEU A CD1 1 
ATOM   58  C  CD2 . LEU A 1 7  ? 2.200   -3.636  3.149   1.00 22.21  ? 5   LEU A CD2 1 
ATOM   59  N  N   . PHE A 1 8  ? 0.047   -7.232  5.715   1.00 16.56  ? 6   PHE A N   1 
ATOM   60  C  CA  . PHE A 1 8  ? -0.555  -8.379  6.387   1.00 15.92  ? 6   PHE A CA  1 
ATOM   61  C  C   . PHE A 1 8  ? -0.589  -9.598  5.503   1.00 19.81  ? 6   PHE A C   1 
ATOM   62  O  O   . PHE A 1 8  ? -0.566  -9.483  4.282   1.00 19.67  ? 6   PHE A O   1 
ATOM   63  C  CB  . PHE A 1 8  ? -1.975  -8.039  6.815   1.00 14.75  ? 6   PHE A CB  1 
ATOM   64  C  CG  . PHE A 1 8  ? -2.037  -6.872  7.726   1.00 16.05  ? 6   PHE A CG  1 
ATOM   65  C  CD1 . PHE A 1 8  ? -1.971  -7.051  9.099   1.00 15.77  ? 6   PHE A CD1 1 
ATOM   66  C  CD2 . PHE A 1 8  ? -2.131  -5.588  7.221   1.00 16.85  ? 6   PHE A CD2 1 
ATOM   67  C  CE1 . PHE A 1 8  ? -1.997  -5.965  9.951   1.00 16.82  ? 6   PHE A CE1 1 
ATOM   68  C  CE2 . PHE A 1 8  ? -2.143  -4.492  8.066   1.00 15.76  ? 6   PHE A CE2 1 
ATOM   69  C  CZ  . PHE A 1 8  ? -2.088  -4.675  9.435   1.00 18.02  ? 6   PHE A CZ  1 
ATOM   70  N  N   . ALA A 1 9  ? -0.659  -10.763 6.136   1.00 21.13  ? 7   ALA A N   1 
ATOM   71  C  CA  . ALA A 1 9  ? -0.819  -12.034 5.435   1.00 24.96  ? 7   ALA A CA  1 
ATOM   72  C  C   . ALA A 1 9  ? 0.213   -12.221 4.327   1.00 25.29  ? 7   ALA A C   1 
ATOM   73  O  O   . ALA A 1 9  ? 1.399   -11.992 4.538   1.00 23.81  ? 7   ALA A O   1 
ATOM   74  C  CB  . ALA A 1 9  ? -2.238  -12.160 4.882   1.00 26.99  ? 7   ALA A CB  1 
ATOM   75  N  N   . ASP A 1 10 ? -0.252  -12.628 3.150   1.00 32.40  ? 8   ASP A N   1 
ATOM   76  C  CA  . ASP A 1 10 ? 0.636   -12.892 2.028   1.00 35.53  ? 8   ASP A CA  1 
ATOM   77  C  C   . ASP A 1 10 ? 1.474   -11.684 1.628   1.00 27.72  ? 8   ASP A C   1 
ATOM   78  O  O   . ASP A 1 10 ? 2.604   -11.838 1.170   1.00 30.19  ? 8   ASP A O   1 
ATOM   79  C  CB  . ASP A 1 10 ? -0.151  -13.406 0.821   1.00 46.45  ? 8   ASP A CB  1 
ATOM   80  C  CG  . ASP A 1 10 ? -0.664  -14.819 1.015   1.00 65.33  ? 8   ASP A CG  1 
ATOM   81  O  OD1 . ASP A 1 10 ? -0.317  -15.444 2.041   1.00 70.06  ? 8   ASP A OD1 1 
ATOM   82  O  OD2 . ASP A 1 10 ? -1.403  -15.309 0.134   1.00 72.91  ? 8   ASP A OD2 1 
ATOM   83  N  N   . LEU A 1 11 ? 0.934   -10.482 1.793   1.00 24.10  ? 9   LEU A N   1 
ATOM   84  C  CA  . LEU A 1 11 ? 1.664   -9.305  1.342   1.00 22.33  ? 9   LEU A CA  1 
ATOM   85  C  C   . LEU A 1 11 ? 2.853   -9.001  2.260   1.00 21.96  ? 9   LEU A C   1 
ATOM   86  O  O   . LEU A 1 11 ? 3.923   -8.612  1.794   1.00 24.84  ? 9   LEU A O   1 
ATOM   87  C  CB  . LEU A 1 11 ? 0.738   -8.092  1.183   1.00 21.51  ? 9   LEU A CB  1 
ATOM   88  C  CG  . LEU A 1 11 ? -0.486  -8.297  0.290   1.00 24.31  ? 9   LEU A CG  1 
ATOM   89  C  CD1 . LEU A 1 11 ? -1.346  -7.032  0.276   1.00 25.12  ? 9   LEU A CD1 1 
ATOM   90  C  CD2 . LEU A 1 11 ? -0.076  -8.684  -1.133  1.00 27.52  ? 9   LEU A CD2 1 
ATOM   91  N  N   . ALA A 1 12 ? 2.675   -9.197  3.559   1.00 20.89  ? 10  ALA A N   1 
ATOM   92  C  CA  . ALA A 1 12 ? 3.790   -9.062  4.490   1.00 22.97  ? 10  ALA A CA  1 
ATOM   93  C  C   . ALA A 1 12 ? 4.852   -10.124 4.220   1.00 29.28  ? 10  ALA A C   1 
ATOM   94  O  O   . ALA A 1 12 ? 6.045   -9.874  4.378   1.00 31.44  ? 10  ALA A O   1 
ATOM   95  C  CB  . ALA A 1 12 ? 3.306   -9.156  5.941   1.00 23.85  ? 10  ALA A CB  1 
ATOM   96  N  N   . GLU A 1 13 ? 4.418   -11.321 3.836   1.00 30.92  ? 11  GLU A N   1 
ATOM   97  C  CA  . GLU A 1 13 ? 5.362   -12.397 3.571   1.00 35.07  ? 11  GLU A CA  1 
ATOM   98  C  C   . GLU A 1 13 ? 6.178   -12.082 2.324   1.00 35.36  ? 11  GLU A C   1 
ATOM   99  O  O   . GLU A 1 13 ? 7.397   -12.253 2.303   1.00 39.44  ? 11  GLU A O   1 
ATOM   100 C  CB  . GLU A 1 13 ? 4.634   -13.734 3.416   1.00 39.48  ? 11  GLU A CB  1 
ATOM   101 C  CG  . GLU A 1 13 ? 3.972   -14.223 4.697   1.00 46.13  ? 11  GLU A CG  1 
ATOM   102 C  CD  . GLU A 1 13 ? 3.187   -15.505 4.501   1.00 58.08  ? 11  GLU A CD  1 
ATOM   103 O  OE1 . GLU A 1 13 ? 3.589   -16.332 3.653   1.00 65.91  ? 11  GLU A OE1 1 
ATOM   104 O  OE2 . GLU A 1 13 ? 2.163   -15.683 5.195   1.00 59.56  ? 11  GLU A OE2 1 
ATOM   105 N  N   . VAL A 1 14 ? 5.498   -11.606 1.287   1.00 32.08  ? 12  VAL A N   1 
ATOM   106 C  CA  . VAL A 1 14 ? 6.165   -11.305 0.025   1.00 34.05  ? 12  VAL A CA  1 
ATOM   107 C  C   . VAL A 1 14 ? 7.172   -10.172 0.200   1.00 32.53  ? 12  VAL A C   1 
ATOM   108 O  O   . VAL A 1 14 ? 8.264   -10.204 -0.388  1.00 37.08  ? 12  VAL A O   1 
ATOM   109 C  CB  . VAL A 1 14 ? 5.151   -10.924 -1.071  1.00 36.61  ? 12  VAL A CB  1 
ATOM   110 C  CG1 . VAL A 1 14 ? 5.867   -10.339 -2.287  1.00 39.99  ? 12  VAL A CG1 1 
ATOM   111 C  CG2 . VAL A 1 14 ? 4.322   -12.138 -1.465  1.00 42.07  ? 12  VAL A CG2 1 
ATOM   112 N  N   . ALA A 1 15 ? 6.814   -9.196  1.027   1.00 32.33  ? 13  ALA A N   1 
ATOM   113 C  CA  . ALA A 1 15 ? 7.653   -8.024  1.262   1.00 32.75  ? 13  ALA A CA  1 
ATOM   114 C  C   . ALA A 1 15 ? 8.741   -8.271  2.294   1.00 37.76  ? 13  ALA A C   1 
ATOM   115 O  O   . ALA A 1 15 ? 9.747   -7.566  2.326   1.00 38.33  ? 13  ALA A O   1 
ATOM   116 C  CB  . ALA A 1 15 ? 6.811   -6.839  1.668   1.00 28.80  ? 13  ALA A CB  1 
ATOM   117 N  N   . GLY A 1 16 ? 8.536   -9.273  3.139   1.00 36.34  ? 14  GLY A N   1 
ATOM   118 C  CA  . GLY A 1 16 ? 9.498   -9.588  4.179   1.00 39.23  ? 14  GLY A CA  1 
ATOM   119 C  C   . GLY A 1 16 ? 9.451   -8.584  5.318   1.00 36.00  ? 14  GLY A C   1 
ATOM   120 O  O   . GLY A 1 16 ? 10.400  -8.461  6.092   1.00 42.84  ? 14  GLY A O   1 
ATOM   121 N  N   . SER A 1 17 ? 8.334   -7.872  5.426   1.00 26.22  ? 15  SER A N   1 
ATOM   122 C  CA  . SER A 1 17 ? 8.184   -6.822  6.425   1.00 26.17  ? 15  SER A CA  1 
ATOM   123 C  C   . SER A 1 17 ? 6.719   -6.593  6.749   1.00 20.05  ? 15  SER A C   1 
ATOM   124 O  O   . SER A 1 17 ? 5.864   -6.722  5.878   1.00 22.06  ? 15  SER A O   1 
ATOM   125 C  CB  . SER A 1 17 ? 8.788   -5.513  5.913   1.00 30.74  ? 15  SER A CB  1 
ATOM   126 O  OG  . SER A 1 17 ? 8.487   -4.447  6.796   1.00 29.59  ? 15  SER A OG  1 
ATOM   127 N  N   . ARG A 1 18 ? 6.439   -6.248  8.003   1.00 19.96  ? 16  ARG A N   1 
ATOM   128 C  CA  . ARG A 1 18 ? 5.079   -5.915  8.416   1.00 15.01  ? 16  ARG A CA  1 
ATOM   129 C  C   . ARG A 1 18 ? 4.830   -4.410  8.456   1.00 15.97  ? 16  ARG A C   1 
ATOM   130 O  O   . ARG A 1 18 ? 3.684   -3.953  8.520   1.00 15.32  ? 16  ARG A O   1 
ATOM   131 C  CB  . ARG A 1 18 ? 4.771   -6.555  9.772   1.00 19.16  ? 16  ARG A CB  1 
ATOM   132 C  CG  . ARG A 1 18 ? 4.658   -8.055  9.659   1.00 18.23  ? 16  ARG A CG  1 
ATOM   133 C  CD  . ARG A 1 18 ? 4.239   -8.660  10.946  1.00 24.11  ? 16  ARG A CD  1 
ATOM   134 N  NE  . ARG A 1 18 ? 2.873   -8.312  11.301  1.00 23.69  ? 16  ARG A NE  1 
ATOM   135 C  CZ  . ARG A 1 18 ? 1.787   -8.884  10.789  1.00 23.21  ? 16  ARG A CZ  1 
ATOM   136 N  NH1 . ARG A 1 18 ? 1.892   -9.812  9.843   1.00 20.48  ? 16  ARG A NH1 1 
ATOM   137 N  NH2 . ARG A 1 18 ? 0.592   -8.519  11.230  1.00 19.79  ? 16  ARG A NH2 1 
ATOM   138 N  N   . THR A 1 19 ? 5.904   -3.632  8.416   1.00 16.81  ? 17  THR A N   1 
ATOM   139 C  CA  . THR A 1 19 ? 5.771   -2.182  8.421   1.00 19.17  ? 17  THR A CA  1 
ATOM   140 C  C   . THR A 1 19 ? 6.862   -1.528  7.571   1.00 20.15  ? 17  THR A C   1 
ATOM   141 O  O   . THR A 1 19 ? 8.042   -1.846  7.694   1.00 22.10  ? 17  THR A O   1 
ATOM   142 C  CB  . THR A 1 19 ? 5.802   -1.614  9.854   1.00 22.49  ? 17  THR A CB  1 
ATOM   143 O  OG1 . THR A 1 19 ? 5.609   -0.194  9.814   1.00 25.11  ? 17  THR A OG1 1 
ATOM   144 C  CG2 . THR A 1 19 ? 7.130   -1.923  10.519  1.00 26.68  ? 17  THR A CG2 1 
ATOM   145 N  N   . VAL A 1 20 ? 6.453   -0.619  6.692   1.00 20.15  ? 18  VAL A N   1 
ATOM   146 C  CA  . VAL A 1 20 ? 7.395   0.061   5.818   1.00 22.13  ? 18  VAL A CA  1 
ATOM   147 C  C   . VAL A 1 20 ? 7.195   1.568   5.898   1.00 22.96  ? 18  VAL A C   1 
ATOM   148 O  O   . VAL A 1 20 ? 6.088   2.067   5.697   1.00 21.76  ? 18  VAL A O   1 
ATOM   149 C  CB  . VAL A 1 20 ? 7.194   -0.373  4.365   1.00 21.40  ? 18  VAL A CB  1 
ATOM   150 C  CG1 . VAL A 1 20 ? 8.156   0.384   3.454   1.00 22.34  ? 18  VAL A CG1 1 
ATOM   151 C  CG2 . VAL A 1 20 ? 7.379   -1.876  4.221   1.00 23.06  ? 18  VAL A CG2 1 
ATOM   152 N  N   . ARG A 1 21 ? 8.253   2.299   6.217   1.00 23.12  ? 19  ARG A N   1 
ATOM   153 C  CA  . ARG A 1 21 ? 8.159   3.753   6.238   1.00 25.65  ? 19  ARG A CA  1 
ATOM   154 C  C   . ARG A 1 21 ? 8.481   4.351   4.870   1.00 21.82  ? 19  ARG A C   1 
ATOM   155 O  O   . ARG A 1 21 ? 9.503   4.030   4.262   1.00 29.00  ? 19  ARG A O   1 
ATOM   156 C  CB  . ARG A 1 21 ? 9.085   4.353   7.296   1.00 34.85  ? 19  ARG A CB  1 
ATOM   157 C  CG  . ARG A 1 21 ? 9.032   5.874   7.348   1.00 43.27  ? 19  ARG A CG  1 
ATOM   158 C  CD  . ARG A 1 21 ? 10.003  6.424   8.378   1.00 53.15  ? 19  ARG A CD  1 
ATOM   159 N  NE  . ARG A 1 21 ? 11.388  6.098   8.052   1.00 64.37  ? 19  ARG A NE  1 
ATOM   160 C  CZ  . ARG A 1 21 ? 12.189  6.874   7.329   1.00 71.95  ? 19  ARG A CZ  1 
ATOM   161 N  NH1 . ARG A 1 21 ? 11.745  8.030   6.852   1.00 73.28  ? 19  ARG A NH1 1 
ATOM   162 N  NH2 . ARG A 1 21 ? 13.435  6.496   7.083   1.00 76.49  ? 19  ARG A NH2 1 
ATOM   163 N  N   . VAL A 1 22 ? 7.599   5.223   4.394   1.00 22.97  ? 20  VAL A N   1 
ATOM   164 C  CA  . VAL A 1 22 ? 7.846   5.947   3.154   1.00 23.53  ? 20  VAL A CA  1 
ATOM   165 C  C   . VAL A 1 22 ? 7.832   7.456   3.404   1.00 24.52  ? 20  VAL A C   1 
ATOM   166 O  O   . VAL A 1 22 ? 7.125   7.946   4.286   1.00 23.63  ? 20  VAL A O   1 
ATOM   167 C  CB  . VAL A 1 22 ? 6.836   5.571   2.033   1.00 27.29  ? 20  VAL A CB  1 
ATOM   168 C  CG1 . VAL A 1 22 ? 6.979   4.107   1.658   1.00 29.10  ? 20  VAL A CG1 1 
ATOM   169 C  CG2 . VAL A 1 22 ? 5.411   5.881   2.461   1.00 22.73  ? 20  VAL A CG2 1 
ATOM   170 N  N   . ASP A 1 23 ? 8.634   8.183   2.638   1.00 29.24  ? 21  ASP A N   1 
ATOM   171 C  CA  . ASP A 1 23 ? 8.678   9.633   2.739   1.00 38.63  ? 21  ASP A CA  1 
ATOM   172 C  C   . ASP A 1 23 ? 8.351   10.237  1.377   1.00 31.19  ? 21  ASP A C   1 
ATOM   173 O  O   . ASP A 1 23 ? 9.180   10.215  0.459   1.00 34.15  ? 21  ASP A O   1 
ATOM   174 C  CB  . ASP A 1 23 ? 10.055  10.091  3.224   1.00 55.58  ? 21  ASP A CB  1 
ATOM   175 C  CG  . ASP A 1 23 ? 9.998   11.401  3.984   1.00 69.99  ? 21  ASP A CG  1 
ATOM   176 O  OD1 . ASP A 1 23 ? 9.120   12.232  3.673   1.00 72.67  ? 21  ASP A OD1 1 
ATOM   177 O  OD2 . ASP A 1 23 ? 10.831  11.601  4.894   1.00 77.80  ? 21  ASP A OD2 1 
ATOM   178 N  N   . VAL A 1 24 ? 7.141   10.772  1.254   1.00 25.61  ? 22  VAL A N   1 
ATOM   179 C  CA  . VAL A 1 24 ? 6.622   11.265  -0.018  1.00 31.15  ? 22  VAL A CA  1 
ATOM   180 C  C   . VAL A 1 24 ? 6.387   12.777  -0.011  1.00 36.33  ? 22  VAL A C   1 
ATOM   181 O  O   . VAL A 1 24 ? 6.459   13.417  1.034   1.00 37.74  ? 22  VAL A O   1 
ATOM   182 C  CB  . VAL A 1 24 ? 5.306   10.554  -0.375  1.00 27.14  ? 22  VAL A CB  1 
ATOM   183 C  CG1 . VAL A 1 24 ? 5.534   9.055   -0.526  1.00 25.75  ? 22  VAL A CG1 1 
ATOM   184 C  CG2 . VAL A 1 24 ? 4.246   10.814  0.701   1.00 23.13  ? 22  VAL A CG2 1 
ATOM   185 N  N   . ASP A 1 25 ? 6.098   13.338  -1.183  1.00 41.36  ? 23  ASP A N   1 
ATOM   186 C  CA  . ASP A 1 25 ? 5.857   14.775  -1.317  1.00 45.99  ? 23  ASP A CA  1 
ATOM   187 C  C   . ASP A 1 25 ? 4.655   15.250  -0.502  1.00 43.84  ? 23  ASP A C   1 
ATOM   188 O  O   . ASP A 1 25 ? 3.828   14.447  -0.062  1.00 36.51  ? 23  ASP A O   1 
ATOM   189 C  CB  . ASP A 1 25 ? 5.699   15.164  -2.791  1.00 48.86  ? 23  ASP A CB  1 
ATOM   190 C  CG  . ASP A 1 25 ? 4.621   14.368  -3.497  1.00 50.27  ? 23  ASP A CG  1 
ATOM   191 O  OD1 . ASP A 1 25 ? 4.066   13.440  -2.881  1.00 48.83  ? 23  ASP A OD1 1 
ATOM   192 O  OD2 . ASP A 1 25 ? 4.344   14.661  -4.682  1.00 58.10  ? 23  ASP A OD2 1 
ATOM   193 N  N   . GLY A 1 26 ? 4.569   16.558  -0.289  1.00 45.99  ? 24  GLY A N   1 
ATOM   194 C  CA  . GLY A 1 26 ? 3.487   17.137  0.484   1.00 46.01  ? 24  GLY A CA  1 
ATOM   195 C  C   . GLY A 1 26 ? 2.150   17.061  -0.227  1.00 48.86  ? 24  GLY A C   1 
ATOM   196 O  O   . GLY A 1 26 ? 1.095   17.188  0.397   1.00 49.90  ? 24  GLY A O   1 
ATOM   197 N  N   . ASP A 1 27 ? 2.188   16.848  -1.537  1.00 49.27  ? 25  ASP A N   1 
ATOM   198 C  CA  . ASP A 1 27 ? 0.963   16.725  -2.318  1.00 48.97  ? 25  ASP A CA  1 
ATOM   199 C  C   . ASP A 1 27 ? 0.725   15.288  -2.773  1.00 40.64  ? 25  ASP A C   1 
ATOM   200 O  O   . ASP A 1 27 ? -0.119  15.032  -3.628  1.00 42.84  ? 25  ASP A O   1 
ATOM   201 C  CB  . ASP A 1 27 ? 0.987   17.674  -3.520  1.00 61.58  ? 25  ASP A CB  1 
ATOM   202 C  CG  . ASP A 1 27 ? 2.219   17.495  -4.382  1.00 70.08  ? 25  ASP A CG  1 
ATOM   203 O  OD1 . ASP A 1 27 ? 2.777   16.381  -4.396  1.00 68.23  ? 25  ASP A OD1 1 
ATOM   204 O  OD2 . ASP A 1 27 ? 2.632   18.471  -5.045  1.00 78.11  ? 25  ASP A OD2 1 
ATOM   205 N  N   . ALA A 1 28 ? 1.465   14.356  -2.182  1.00 35.98  ? 26  ALA A N   1 
ATOM   206 C  CA  . ALA A 1 28 ? 1.329   12.936  -2.509  1.00 30.85  ? 26  ALA A CA  1 
ATOM   207 C  C   . ALA A 1 28 ? -0.061  12.394  -2.249  1.00 28.85  ? 26  ALA A C   1 
ATOM   208 O  O   . ALA A 1 28 ? -0.687  12.692  -1.238  1.00 33.86  ? 26  ALA A O   1 
ATOM   209 C  CB  . ALA A 1 28 ? 2.336   12.107  -1.734  1.00 30.90  ? 26  ALA A CB  1 
ATOM   210 N  N   . THR A 1 29 ? -0.526  11.571  -3.171  1.00 19.36  ? 27  THR A N   1 
ATOM   211 C  CA  . THR A 1 29 ? -1.762  10.837  -2.975  1.00 20.19  ? 27  THR A CA  1 
ATOM   212 C  C   . THR A 1 29 ? -1.445  9.497   -2.316  1.00 17.21  ? 27  THR A C   1 
ATOM   213 O  O   . THR A 1 29 ? -0.277  9.106   -2.167  1.00 18.21  ? 27  THR A O   1 
ATOM   214 C  CB  . THR A 1 29 ? -2.439  10.567  -4.323  1.00 21.32  ? 27  THR A CB  1 
ATOM   215 O  OG1 . THR A 1 29 ? -1.536  9.825   -5.155  1.00 22.55  ? 27  THR A OG1 1 
ATOM   216 C  CG2 . THR A 1 29 ? -2.793  11.880  -5.021  1.00 27.27  ? 27  THR A CG2 1 
ATOM   217 N  N   . VAL A 1 30 ? -2.489  8.779   -1.931  1.00 15.70  ? 28  VAL A N   1 
ATOM   218 C  CA  . VAL A 1 30 ? -2.313  7.410   -1.468  1.00 14.78  ? 28  VAL A CA  1 
ATOM   219 C  C   . VAL A 1 30 ? -1.654  6.561   -2.562  1.00 14.72  ? 28  VAL A C   1 
ATOM   220 O  O   . VAL A 1 30 ? -0.792  5.735   -2.281  1.00 15.82  ? 28  VAL A O   1 
ATOM   221 C  CB  . VAL A 1 30 ? -3.658  6.812   -1.012  1.00 15.83  ? 28  VAL A CB  1 
ATOM   222 C  CG1 . VAL A 1 30 ? -3.511  5.324   -0.671  1.00 14.80  ? 28  VAL A CG1 1 
ATOM   223 C  CG2 . VAL A 1 30 ? -4.184  7.574   0.218   1.00 17.67  ? 28  VAL A CG2 1 
ATOM   224 N  N   . GLY A 1 31 ? -2.030  6.789   -3.817  1.00 15.93  ? 29  GLY A N   1 
ATOM   225 C  CA  . GLY A 1 31 ? -1.397  6.068   -4.904  1.00 17.96  ? 29  GLY A CA  1 
ATOM   226 C  C   . GLY A 1 31 ? 0.096   6.354   -4.999  1.00 16.23  ? 29  GLY A C   1 
ATOM   227 O  O   . GLY A 1 31 ? 0.886   5.466   -5.317  1.00 17.46  ? 29  GLY A O   1 
ATOM   228 N  N   . ASP A 1 32 ? 0.493   7.592   -4.736  1.00 16.76  ? 30  ASP A N   1 
ATOM   229 C  CA  . ASP A 1 32 ? 1.911   7.934   -4.763  1.00 18.38  ? 30  ASP A CA  1 
ATOM   230 C  C   . ASP A 1 32 ? 2.623   7.211   -3.628  1.00 19.16  ? 30  ASP A C   1 
ATOM   231 O  O   . ASP A 1 32 ? 3.726   6.704   -3.796  1.00 18.76  ? 30  ASP A O   1 
ATOM   232 C  CB  . ASP A 1 32 ? 2.113   9.451   -4.654  1.00 21.54  ? 30  ASP A CB  1 
ATOM   233 C  CG  . ASP A 1 32 ? 1.609   10.212  -5.878  1.00 25.79  ? 30  ASP A CG  1 
ATOM   234 O  OD1 . ASP A 1 32 ? 1.664   9.680   -7.006  1.00 25.06  ? 30  ASP A OD1 1 
ATOM   235 O  OD2 . ASP A 1 32 ? 1.164   11.360  -5.701  1.00 24.99  ? 30  ASP A OD2 1 
ATOM   236 N  N   . ALA A 1 33 ? 1.982   7.161   -2.464  1.00 18.10  ? 31  ALA A N   1 
ATOM   237 C  CA  . ALA A 1 33 ? 2.552   6.454   -1.327  1.00 16.19  ? 31  ALA A CA  1 
ATOM   238 C  C   . ALA A 1 33 ? 2.660   4.963   -1.627  1.00 15.62  ? 31  ALA A C   1 
ATOM   239 O  O   . ALA A 1 33 ? 3.610   4.305   -1.214  1.00 15.01  ? 31  ALA A O   1 
ATOM   240 C  CB  . ALA A 1 33 ? 1.733   6.701   -0.070  1.00 14.95  ? 31  ALA A CB  1 
ATOM   241 N  N   . LEU A 1 34 ? 1.707   4.432   -2.384  1.00 15.40  ? 32  LEU A N   1 
ATOM   242 C  CA  . LEU A 1 34 ? 1.767   3.022   -2.749  1.00 15.73  ? 32  LEU A CA  1 
ATOM   243 C  C   . LEU A 1 34 ? 2.923   2.733   -3.710  1.00 15.16  ? 32  LEU A C   1 
ATOM   244 O  O   . LEU A 1 34 ? 3.619   1.725   -3.571  1.00 14.19  ? 32  LEU A O   1 
ATOM   245 C  CB  . LEU A 1 34 ? 0.431   2.545   -3.316  1.00 15.76  ? 32  LEU A CB  1 
ATOM   246 C  CG  . LEU A 1 34 ? 0.379   1.107   -3.815  1.00 16.86  ? 32  LEU A CG  1 
ATOM   247 C  CD1 . LEU A 1 34 ? 0.680   0.089   -2.706  1.00 18.93  ? 32  LEU A CD1 1 
ATOM   248 C  CD2 . LEU A 1 34 ? -1.000  0.880   -4.389  1.00 20.22  ? 32  LEU A CD2 1 
ATOM   249 N  N   . ASP A 1 35 ? 3.160   3.640   -4.656  1.00 14.35  ? 33  ASP A N   1 
ATOM   250 C  CA  . ASP A 1 35 ? 4.305   3.488   -5.533  1.00 16.24  ? 33  ASP A CA  1 
ATOM   251 C  C   . ASP A 1 35 ? 5.605   3.525   -4.747  1.00 16.62  ? 33  ASP A C   1 
ATOM   252 O  O   . ASP A 1 35 ? 6.532   2.787   -5.054  1.00 19.84  ? 33  ASP A O   1 
ATOM   253 C  CB  . ASP A 1 35 ? 4.302   4.559   -6.621  1.00 15.42  ? 33  ASP A CB  1 
ATOM   254 C  CG  . ASP A 1 35 ? 3.376   4.220   -7.765  1.00 21.79  ? 33  ASP A CG  1 
ATOM   255 O  OD1 . ASP A 1 35 ? 2.788   3.111   -7.749  1.00 20.02  ? 33  ASP A OD1 1 
ATOM   256 O  OD2 . ASP A 1 35 ? 3.237   5.059   -8.686  1.00 21.67  ? 33  ASP A OD2 1 
ATOM   257 N  N   . ALA A 1 36 ? 5.671   4.367   -3.716  1.00 16.54  ? 34  ALA A N   1 
ATOM   258 C  CA  . ALA A 1 36 ? 6.865   4.398   -2.867  1.00 18.78  ? 34  ALA A CA  1 
ATOM   259 C  C   . ALA A 1 36 ? 7.093   3.064   -2.152  1.00 16.53  ? 34  ALA A C   1 
ATOM   260 O  O   . ALA A 1 36 ? 8.223   2.564   -2.096  1.00 17.81  ? 34  ALA A O   1 
ATOM   261 C  CB  . ALA A 1 36 ? 6.796   5.543   -1.870  1.00 17.85  ? 34  ALA A CB  1 
ATOM   262 N  N   . LEU A 1 37 ? 6.022   2.495   -1.609  1.00 15.53  ? 35  LEU A N   1 
ATOM   263 C  CA  . LEU A 1 37 ? 6.084   1.172   -0.983  1.00 16.42  ? 35  LEU A CA  1 
ATOM   264 C  C   . LEU A 1 37 ? 6.663   0.129   -1.927  1.00 16.71  ? 35  LEU A C   1 
ATOM   265 O  O   . LEU A 1 37 ? 7.562   -0.635  -1.563  1.00 17.63  ? 35  LEU A O   1 
ATOM   266 C  CB  . LEU A 1 37 ? 4.686   0.733   -0.509  1.00 15.72  ? 35  LEU A CB  1 
ATOM   267 C  CG  . LEU A 1 37 ? 4.515   -0.723  -0.067  1.00 16.09  ? 35  LEU A CG  1 
ATOM   268 C  CD1 . LEU A 1 37 ? 5.372   -1.059  1.163   1.00 17.49  ? 35  LEU A CD1 1 
ATOM   269 C  CD2 . LEU A 1 37 ? 3.045   -0.996  0.206   1.00 17.00  ? 35  LEU A CD2 1 
ATOM   270 N  N   . VAL A 1 38 ? 6.147   0.090   -3.148  1.00 15.89  ? 36  VAL A N   1 
ATOM   271 C  CA  . VAL A 1 38 ? 6.564   -0.929  -4.104  1.00 17.11  ? 36  VAL A CA  1 
ATOM   272 C  C   . VAL A 1 38 ? 8.011   -0.702  -4.546  1.00 17.55  ? 36  VAL A C   1 
ATOM   273 O  O   . VAL A 1 38 ? 8.753   -1.658  -4.775  1.00 18.21  ? 36  VAL A O   1 
ATOM   274 C  CB  . VAL A 1 38 ? 5.597   -1.009  -5.299  1.00 18.69  ? 36  VAL A CB  1 
ATOM   275 C  CG1 . VAL A 1 38 ? 6.102   -2.006  -6.343  1.00 19.58  ? 36  VAL A CG1 1 
ATOM   276 C  CG2 . VAL A 1 38 ? 4.180   -1.375  -4.821  1.00 18.93  ? 36  VAL A CG2 1 
ATOM   277 N  N   . GLY A 1 39 ? 8.427   0.561   -4.626  1.00 17.20  ? 37  GLY A N   1 
ATOM   278 C  CA  . GLY A 1 39 ? 9.816   0.873   -4.929  1.00 18.74  ? 37  GLY A CA  1 
ATOM   279 C  C   . GLY A 1 39 ? 10.751  0.318   -3.870  1.00 20.87  ? 37  GLY A C   1 
ATOM   280 O  O   . GLY A 1 39 ? 11.835  -0.197  -4.181  1.00 25.55  ? 37  GLY A O   1 
ATOM   281 N  N   . ALA A 1 40 ? 10.326  0.408   -2.616  1.00 20.78  ? 38  ALA A N   1 
ATOM   282 C  CA  . ALA A 1 40 ? 11.118  -0.093  -1.497  1.00 21.52  ? 38  ALA A CA  1 
ATOM   283 C  C   . ALA A 1 40 ? 11.120  -1.624  -1.451  1.00 22.56  ? 38  ALA A C   1 
ATOM   284 O  O   . ALA A 1 40 ? 12.108  -2.249  -1.044  1.00 22.41  ? 38  ALA A O   1 
ATOM   285 C  CB  . ALA A 1 40 ? 10.595  0.480   -0.188  1.00 22.53  ? 38  ALA A CB  1 
ATOM   286 N  N   . HIS A 1 41 ? 10.018  -2.221  -1.888  1.00 23.83  ? 39  HIS A N   1 
ATOM   287 C  CA  . HIS A 1 41 ? 9.849   -3.670  -1.824  1.00 23.31  ? 39  HIS A CA  1 
ATOM   288 C  C   . HIS A 1 41 ? 9.243   -4.180  -3.126  1.00 21.18  ? 39  HIS A C   1 
ATOM   289 O  O   . HIS A 1 41 ? 8.058   -4.489  -3.189  1.00 19.21  ? 39  HIS A O   1 
ATOM   290 C  CB  . HIS A 1 41 ? 8.976   -4.042  -0.628  1.00 25.31  ? 39  HIS A CB  1 
ATOM   291 C  CG  . HIS A 1 41 ? 9.566   -3.634  0.683   1.00 29.67  ? 39  HIS A CG  1 
ATOM   292 N  ND1 . HIS A 1 41 ? 10.290  -4.497  1.474   1.00 35.66  ? 39  HIS A ND1 1 
ATOM   293 C  CD2 . HIS A 1 41 ? 9.574   -2.443  1.326   1.00 34.03  ? 39  HIS A CD2 1 
ATOM   294 C  CE1 . HIS A 1 41 ? 10.705  -3.862  2.554   1.00 37.23  ? 39  HIS A CE1 1 
ATOM   295 N  NE2 . HIS A 1 41 ? 10.286  -2.612  2.488   1.00 35.59  ? 39  HIS A NE2 1 
ATOM   296 N  N   . PRO A 1 42 ? 10.074  -4.275  -4.170  1.00 21.36  ? 40  PRO A N   1 
ATOM   297 C  CA  . PRO A 1 42 ? 9.599   -4.560  -5.529  1.00 22.71  ? 40  PRO A CA  1 
ATOM   298 C  C   . PRO A 1 42 ? 8.931   -5.928  -5.700  1.00 22.36  ? 40  PRO A C   1 
ATOM   299 O  O   . PRO A 1 42 ? 8.158   -6.097  -6.639  1.00 25.97  ? 40  PRO A O   1 
ATOM   300 C  CB  . PRO A 1 42 ? 10.871  -4.437  -6.382  1.00 27.79  ? 40  PRO A CB  1 
ATOM   301 C  CG  . PRO A 1 42 ? 12.000  -4.572  -5.417  1.00 31.10  ? 40  PRO A CG  1 
ATOM   302 C  CD  . PRO A 1 42 ? 11.517  -3.986  -4.134  1.00 25.64  ? 40  PRO A CD  1 
ATOM   303 N  N   . ALA A 1 43 ? 9.205   -6.878  -4.811  1.00 23.40  ? 41  ALA A N   1 
ATOM   304 C  CA  . ALA A 1 43 ? 8.486   -8.150  -4.841  1.00 26.37  ? 41  ALA A CA  1 
ATOM   305 C  C   . ALA A 1 43 ? 6.970   -7.967  -4.709  1.00 20.27  ? 41  ALA A C   1 
ATOM   306 O  O   . ALA A 1 43 ? 6.197   -8.830  -5.124  1.00 23.72  ? 41  ALA A O   1 
ATOM   307 C  CB  . ALA A 1 43 ? 9.003   -9.094  -3.759  1.00 29.54  ? 41  ALA A CB  1 
ATOM   308 N  N   . LEU A 1 44 ? 6.538   -6.859  -4.116  1.00 19.58  ? 42  LEU A N   1 
ATOM   309 C  CA  . LEU A 1 44 ? 5.112   -6.605  -3.988  1.00 19.86  ? 42  LEU A CA  1 
ATOM   310 C  C   . LEU A 1 44 ? 4.440   -6.272  -5.311  1.00 23.96  ? 42  LEU A C   1 
ATOM   311 O  O   . LEU A 1 44 ? 3.217   -6.385  -5.418  1.00 20.48  ? 42  LEU A O   1 
ATOM   312 C  CB  . LEU A 1 44 ? 4.857   -5.435  -3.044  1.00 21.86  ? 42  LEU A CB  1 
ATOM   313 C  CG  . LEU A 1 44 ? 5.027   -5.679  -1.557  1.00 20.25  ? 42  LEU A CG  1 
ATOM   314 C  CD1 . LEU A 1 44 ? 4.869   -4.367  -0.843  1.00 19.75  ? 42  LEU A CD1 1 
ATOM   315 C  CD2 . LEU A 1 44 ? 3.977   -6.669  -1.084  1.00 23.28  ? 42  LEU A CD2 1 
ATOM   316 N  N   . GLU A 1 45 ? 5.234   -5.851  -6.298  1.00 20.95  ? 43  GLU A N   1 
ATOM   317 C  CA  . GLU A 1 45 ? 4.704   -5.289  -7.543  1.00 21.32  ? 43  GLU A CA  1 
ATOM   318 C  C   . GLU A 1 45 ? 3.685   -6.215  -8.215  1.00 24.06  ? 43  GLU A C   1 
ATOM   319 O  O   . GLU A 1 45 ? 2.595   -5.783  -8.583  1.00 23.73  ? 43  GLU A O   1 
ATOM   320 C  CB  . GLU A 1 45 ? 5.844   -4.932  -8.505  1.00 24.03  ? 43  GLU A CB  1 
ATOM   321 C  CG  . GLU A 1 45 ? 5.441   -4.015  -9.654  1.00 24.81  ? 43  GLU A CG  1 
ATOM   322 C  CD  . GLU A 1 45 ? 4.817   -4.762  -10.808 1.00 29.15  ? 43  GLU A CD  1 
ATOM   323 O  OE1 . GLU A 1 45 ? 5.074   -5.981  -10.946 1.00 29.33  ? 43  GLU A OE1 1 
ATOM   324 O  OE2 . GLU A 1 45 ? 4.077   -4.119  -11.584 1.00 30.61  ? 43  GLU A OE2 1 
ATOM   325 N  N   . SER A 1 46 ? 4.028   -7.492  -8.351  1.00 24.10  ? 44  SER A N   1 
ATOM   326 C  CA  . SER A 1 46 ? 3.154   -8.434  -9.045  1.00 28.63  ? 44  SER A CA  1 
ATOM   327 C  C   . SER A 1 46 ? 1.872   -8.754  -8.271  1.00 29.26  ? 44  SER A C   1 
ATOM   328 O  O   . SER A 1 46 ? 0.890   -9.199  -8.859  1.00 30.57  ? 44  SER A O   1 
ATOM   329 C  CB  . SER A 1 46 ? 3.902   -9.729  -9.377  1.00 31.42  ? 44  SER A CB  1 
ATOM   330 O  OG  . SER A 1 46 ? 4.424   -10.333 -8.212  1.00 34.94  ? 44  SER A OG  1 
ATOM   331 N  N   . ARG A 1 47 ? 1.877   -8.524  -6.963  1.00 23.51  ? 45  ARG A N   1 
ATOM   332 C  CA  . ARG A 1 47 ? 0.717   -8.844  -6.138  1.00 25.52  ? 45  ARG A CA  1 
ATOM   333 C  C   . ARG A 1 47 ? -0.268  -7.691  -6.015  1.00 21.40  ? 45  ARG A C   1 
ATOM   334 O  O   . ARG A 1 47 ? -1.451  -7.900  -5.733  1.00 26.20  ? 45  ARG A O   1 
ATOM   335 C  CB  . ARG A 1 47 ? 1.170   -9.247  -4.735  1.00 30.10  ? 45  ARG A CB  1 
ATOM   336 C  CG  . ARG A 1 47 ? 2.204   -10.360 -4.700  1.00 37.28  ? 45  ARG A CG  1 
ATOM   337 C  CD  . ARG A 1 47 ? 1.702   -11.602 -5.407  1.00 44.96  ? 45  ARG A CD  1 
ATOM   338 N  NE  . ARG A 1 47 ? 2.495   -12.782 -5.066  1.00 50.51  ? 45  ARG A NE  1 
ATOM   339 C  CZ  . ARG A 1 47 ? 2.155   -13.657 -4.123  1.00 51.94  ? 45  ARG A CZ  1 
ATOM   340 N  NH1 . ARG A 1 47 ? 1.036   -13.486 -3.433  1.00 54.92  ? 45  ARG A NH1 1 
ATOM   341 N  NH2 . ARG A 1 47 ? 2.929   -14.704 -3.872  1.00 50.44  ? 45  ARG A NH2 1 
ATOM   342 N  N   . VAL A 1 48 ? 0.244   -6.481  -6.195  1.00 21.06  ? 46  VAL A N   1 
ATOM   343 C  CA  . VAL A 1 48 ? -0.519  -5.259  -5.997  1.00 21.85  ? 46  VAL A CA  1 
ATOM   344 C  C   . VAL A 1 48 ? -1.143  -4.708  -7.280  1.00 20.77  ? 46  VAL A C   1 
ATOM   345 O  O   . VAL A 1 48 ? -2.279  -4.207  -7.253  1.00 24.03  ? 46  VAL A O   1 
ATOM   346 C  CB  . VAL A 1 48 ? 0.377   -4.183  -5.361  1.00 26.35  ? 46  VAL A CB  1 
ATOM   347 C  CG1 . VAL A 1 48 ? -0.323  -2.837  -5.339  1.00 33.28  ? 46  VAL A CG1 1 
ATOM   348 C  CG2 . VAL A 1 48 ? 0.806   -4.636  -3.949  1.00 27.19  ? 46  VAL A CG2 1 
ATOM   349 N  N   . PHE A 1 49 ? -0.401  -4.792  -8.389  1.00 17.62  ? 47  PHE A N   1 
ATOM   350 C  CA  . PHE A 1 49 ? -0.823  -4.194  -9.655  1.00 15.08  ? 47  PHE A CA  1 
ATOM   351 C  C   . PHE A 1 49 ? -1.097  -5.229  -10.730 1.00 18.65  ? 47  PHE A C   1 
ATOM   352 O  O   . PHE A 1 49 ? -0.399  -6.234  -10.830 1.00 21.56  ? 47  PHE A O   1 
ATOM   353 C  CB  . PHE A 1 49 ? 0.232   -3.206  -10.179 1.00 20.42  ? 47  PHE A CB  1 
ATOM   354 C  CG  . PHE A 1 49 ? 0.544   -2.093  -9.227  1.00 25.99  ? 47  PHE A CG  1 
ATOM   355 C  CD1 . PHE A 1 49 ? -0.435  -1.179  -8.873  1.00 24.08  ? 47  PHE A CD1 1 
ATOM   356 C  CD2 . PHE A 1 49 ? 1.819   -1.945  -8.693  1.00 26.26  ? 47  PHE A CD2 1 
ATOM   357 C  CE1 . PHE A 1 49 ? -0.156  -0.134  -7.991  1.00 28.67  ? 47  PHE A CE1 1 
ATOM   358 C  CE2 . PHE A 1 49 ? 2.109   -0.898  -7.829  1.00 25.46  ? 47  PHE A CE2 1 
ATOM   359 C  CZ  . PHE A 1 49 ? 1.119   0.004   -7.475  1.00 28.35  ? 47  PHE A CZ  1 
ATOM   360 N  N   . GLY A 1 50 ? -2.118  -4.969  -11.538 1.00 17.43  ? 48  GLY A N   1 
ATOM   361 C  CA  . GLY A 1 50 ? -2.389  -5.777  -12.711 1.00 17.28  ? 48  GLY A CA  1 
ATOM   362 C  C   . GLY A 1 50 ? -1.425  -5.463  -13.842 1.00 18.09  ? 48  GLY A C   1 
ATOM   363 O  O   . GLY A 1 50 ? -0.526  -4.625  -13.717 1.00 17.04  ? 48  GLY A O   1 
ATOM   364 N  N   . ASP A 1 51 ? -1.631  -6.155  -14.956 1.00 22.04  ? 49  ASP A N   1 
ATOM   365 C  CA  . ASP A 1 51 ? -0.830  -5.938  -16.151 1.00 23.46  ? 49  ASP A CA  1 
ATOM   366 C  C   . ASP A 1 51 ? -0.879  -4.481  -16.618 1.00 24.82  ? 49  ASP A C   1 
ATOM   367 O  O   . ASP A 1 51 ? 0.093   -3.971  -17.180 1.00 23.36  ? 49  ASP A O   1 
ATOM   368 C  CB  . ASP A 1 51 ? -1.328  -6.856  -17.261 1.00 27.71  ? 49  ASP A CB  1 
ATOM   369 C  CG  . ASP A 1 51 ? -0.548  -6.695  -18.536 1.00 32.89  ? 49  ASP A CG  1 
ATOM   370 O  OD1 . ASP A 1 51 ? 0.692   -6.564  -18.455 1.00 29.96  ? 49  ASP A OD1 1 
ATOM   371 O  OD2 . ASP A 1 51 ? -1.177  -6.691  -19.616 1.00 38.30  ? 49  ASP A OD2 1 
ATOM   372 N  N   . ASP A 1 52 ? -2.009  -3.817  -16.384 1.00 20.33  ? 50  ASP A N   1 
ATOM   373 C  CA  . ASP A 1 52 ? -2.202  -2.432  -16.814 1.00 25.21  ? 50  ASP A CA  1 
ATOM   374 C  C   . ASP A 1 52 ? -1.586  -1.415  -15.850 1.00 24.05  ? 50  ASP A C   1 
ATOM   375 O  O   . ASP A 1 52 ? -1.723  -0.199  -16.040 1.00 28.08  ? 50  ASP A O   1 
ATOM   376 C  CB  . ASP A 1 52 ? -3.700  -2.143  -17.000 1.00 28.62  ? 50  ASP A CB  1 
ATOM   377 C  CG  . ASP A 1 52 ? -4.526  -2.490  -15.767 1.00 31.61  ? 50  ASP A CG  1 
ATOM   378 O  OD1 . ASP A 1 52 ? -3.936  -2.853  -14.729 1.00 26.70  ? 50  ASP A OD1 1 
ATOM   379 O  OD2 . ASP A 1 52 ? -5.770  -2.389  -15.829 1.00 34.09  ? 50  ASP A OD2 1 
ATOM   380 N  N   . GLY A 1 53 ? -0.902  -1.905  -14.819 1.00 18.67  ? 51  GLY A N   1 
ATOM   381 C  CA  . GLY A 1 53 ? -0.346  -1.038  -13.795 1.00 21.39  ? 51  GLY A CA  1 
ATOM   382 C  C   . GLY A 1 53 ? -1.368  -0.466  -12.827 1.00 23.22  ? 51  GLY A C   1 
ATOM   383 O  O   . GLY A 1 53 ? -1.051  0.424   -12.036 1.00 25.89  ? 51  GLY A O   1 
ATOM   384 N  N   . GLU A 1 54 ? -2.593  -0.990  -12.862 1.00 22.82  ? 52  GLU A N   1 
ATOM   385 C  CA  . GLU A 1 54 ? -3.659  -0.531  -11.975 1.00 25.41  ? 52  GLU A CA  1 
ATOM   386 C  C   . GLU A 1 54 ? -3.784  -1.430  -10.757 1.00 22.28  ? 52  GLU A C   1 
ATOM   387 O  O   . GLU A 1 54 ? -3.576  -2.642  -10.834 1.00 21.96  ? 52  GLU A O   1 
ATOM   388 C  CB  . GLU A 1 54 ? -5.004  -0.507  -12.701 1.00 29.57  ? 52  GLU A CB  1 
ATOM   389 C  CG  . GLU A 1 54 ? -5.011  0.297   -13.992 1.00 38.29  ? 52  GLU A CG  1 
ATOM   390 C  CD  . GLU A 1 54 ? -5.528  1.711   -13.803 1.00 49.22  ? 52  GLU A CD  1 
ATOM   391 O  OE1 . GLU A 1 54 ? -5.762  2.383   -14.828 1.00 53.67  ? 52  GLU A OE1 1 
ATOM   392 O  OE2 . GLU A 1 54 ? -5.699  2.145   -12.640 1.00 49.84  ? 52  GLU A OE2 1 
ATOM   393 N  N   . LEU A 1 55 ? -4.145  -0.830  -9.628  1.00 21.32  ? 53  LEU A N   1 
ATOM   394 C  CA  . LEU A 1 55 ? -4.371  -1.569  -8.409  1.00 18.63  ? 53  LEU A CA  1 
ATOM   395 C  C   . LEU A 1 55 ? -5.456  -2.614  -8.632  1.00 19.53  ? 53  LEU A C   1 
ATOM   396 O  O   . LEU A 1 55 ? -6.522  -2.309  -9.157  1.00 22.40  ? 53  LEU A O   1 
ATOM   397 C  CB  . LEU A 1 55 ? -4.814  -0.597  -7.318  1.00 21.75  ? 53  LEU A CB  1 
ATOM   398 C  CG  . LEU A 1 55 ? -5.153  -1.183  -5.954  1.00 23.29  ? 53  LEU A CG  1 
ATOM   399 C  CD1 . LEU A 1 55 ? -3.898  -1.723  -5.288  1.00 24.12  ? 53  LEU A CD1 1 
ATOM   400 C  CD2 . LEU A 1 55 ? -5.824  -0.129  -5.078  1.00 26.72  ? 53  LEU A CD2 1 
ATOM   401 N  N   . TYR A 1 56 ? -5.179  -3.848  -8.232  1.00 16.73  ? 54  TYR A N   1 
ATOM   402 C  CA  . TYR A 1 56 ? -6.174  -4.910  -8.300  1.00 15.14  ? 54  TYR A CA  1 
ATOM   403 C  C   . TYR A 1 56 ? -7.383  -4.591  -7.421  1.00 17.25  ? 54  TYR A C   1 
ATOM   404 O  O   . TYR A 1 56 ? -7.227  -4.092  -6.292  1.00 17.45  ? 54  TYR A O   1 
ATOM   405 C  CB  . TYR A 1 56 ? -5.558  -6.196  -7.770  1.00 16.34  ? 54  TYR A CB  1 
ATOM   406 C  CG  . TYR A 1 56 ? -4.677  -6.947  -8.741  1.00 14.98  ? 54  TYR A CG  1 
ATOM   407 C  CD1 . TYR A 1 56 ? -5.119  -7.272  -10.023 1.00 16.72  ? 54  TYR A CD1 1 
ATOM   408 C  CD2 . TYR A 1 56 ? -3.410  -7.371  -8.364  1.00 19.24  ? 54  TYR A CD2 1 
ATOM   409 C  CE1 . TYR A 1 56 ? -4.329  -7.987  -10.890 1.00 19.12  ? 54  TYR A CE1 1 
ATOM   410 C  CE2 . TYR A 1 56 ? -2.608  -8.074  -9.233  1.00 20.69  ? 54  TYR A CE2 1 
ATOM   411 C  CZ  . TYR A 1 56 ? -3.064  -8.380  -10.496 1.00 19.42  ? 54  TYR A CZ  1 
ATOM   412 O  OH  . TYR A 1 56 ? -2.265  -9.086  -11.359 1.00 26.22  ? 54  TYR A OH  1 
ATOM   413 N  N   . ASP A 1 57 ? -8.573  -4.917  -7.924  1.00 19.57  ? 55  ASP A N   1 
ATOM   414 C  CA  . ASP A 1 57 ? -9.811  -4.688  -7.175  1.00 20.20  ? 55  ASP A CA  1 
ATOM   415 C  C   . ASP A 1 57 ? -9.841  -5.453  -5.847  1.00 21.35  ? 55  ASP A C   1 
ATOM   416 O  O   . ASP A 1 57 ? -10.495 -5.023  -4.898  1.00 24.23  ? 55  ASP A O   1 
ATOM   417 C  CB  . ASP A 1 57 ? -11.059 -4.997  -8.027  1.00 19.08  ? 55  ASP A CB  1 
ATOM   418 C  CG  . ASP A 1 57 ? -11.110 -6.441  -8.536  1.00 21.65  ? 55  ASP A CG  1 
ATOM   419 O  OD1 . ASP A 1 57 ? -10.177 -7.236  -8.301  1.00 18.14  ? 55  ASP A OD1 1 
ATOM   420 O  OD2 . ASP A 1 57 ? -12.102 -6.782  -9.205  1.00 24.20  ? 55  ASP A OD2 1 
ATOM   421 N  N   . HIS A 1 58 ? -9.114  -6.564  -5.780  1.00 16.92  ? 56  HIS A N   1 
ATOM   422 C  CA  . HIS A 1 58 ? -9.165  -7.443  -4.611  1.00 17.44  ? 56  HIS A CA  1 
ATOM   423 C  C   . HIS A 1 58 ? -8.134  -7.109  -3.537  1.00 21.10  ? 56  HIS A C   1 
ATOM   424 O  O   . HIS A 1 58 ? -8.062  -7.795  -2.523  1.00 22.51  ? 56  HIS A O   1 
ATOM   425 C  CB  . HIS A 1 58 ? -9.011  -8.905  -5.026  1.00 17.83  ? 56  HIS A CB  1 
ATOM   426 C  CG  . HIS A 1 58 ? -7.754  -9.182  -5.790  1.00 19.10  ? 56  HIS A CG  1 
ATOM   427 N  ND1 . HIS A 1 58 ? -7.747  -9.359  -7.154  1.00 19.64  ? 56  HIS A ND1 1 
ATOM   428 C  CD2 . HIS A 1 58 ? -6.465  -9.301  -5.390  1.00 18.92  ? 56  HIS A CD2 1 
ATOM   429 C  CE1 . HIS A 1 58 ? -6.516  -9.599  -7.564  1.00 18.93  ? 56  HIS A CE1 1 
ATOM   430 N  NE2 . HIS A 1 58 ? -5.716  -9.570  -6.510  1.00 19.35  ? 56  HIS A NE2 1 
ATOM   431 N  N   . ILE A 1 59 ? -7.334  -6.071  -3.758  1.00 22.81  ? 57  ILE A N   1 
ATOM   432 C  CA  . ILE A 1 59 ? -6.425  -5.561  -2.731  1.00 23.14  ? 57  ILE A CA  1 
ATOM   433 C  C   . ILE A 1 59 ? -7.131  -4.445  -1.952  1.00 22.13  ? 57  ILE A C   1 
ATOM   434 O  O   . ILE A 1 59 ? -7.663  -3.507  -2.541  1.00 25.94  ? 57  ILE A O   1 
ATOM   435 C  CB  . ILE A 1 59 ? -5.102  -5.038  -3.350  1.00 25.55  ? 57  ILE A CB  1 
ATOM   436 C  CG1 . ILE A 1 59 ? -4.370  -6.151  -4.116  1.00 24.62  ? 57  ILE A CG1 1 
ATOM   437 C  CG2 . ILE A 1 59 ? -4.184  -4.405  -2.282  1.00 24.95  ? 57  ILE A CG2 1 
ATOM   438 C  CD1 . ILE A 1 59 ? -3.976  -7.356  -3.277  1.00 24.88  ? 57  ILE A CD1 1 
ATOM   439 N  N   . ASN A 1 60 ? -7.157  -4.555  -0.630  1.00 22.69  ? 58  ASN A N   1 
ATOM   440 C  CA  . ASN A 1 60 ? -7.801  -3.527  0.183   1.00 20.92  ? 58  ASN A CA  1 
ATOM   441 C  C   . ASN A 1 60 ? -6.786  -2.546  0.722   1.00 19.11  ? 58  ASN A C   1 
ATOM   442 O  O   . ASN A 1 60 ? -5.880  -2.929  1.459   1.00 19.51  ? 58  ASN A O   1 
ATOM   443 C  CB  . ASN A 1 60 ? -8.583  -4.141  1.350   1.00 25.48  ? 58  ASN A CB  1 
ATOM   444 C  CG  . ASN A 1 60 ? -9.737  -5.007  0.888   1.00 36.03  ? 58  ASN A CG  1 
ATOM   445 O  OD1 . ASN A 1 60 ? -9.870  -6.151  1.314   1.00 45.58  ? 58  ASN A OD1 1 
ATOM   446 N  ND2 . ASN A 1 60 ? -10.575 -4.465  0.008   1.00 38.70  ? 58  ASN A ND2 1 
ATOM   447 N  N   . VAL A 1 61 ? -6.942  -1.284  0.330   1.00 14.84  ? 59  VAL A N   1 
ATOM   448 C  CA  . VAL A 1 61 ? -6.095  -0.197  0.803   1.00 15.92  ? 59  VAL A CA  1 
ATOM   449 C  C   . VAL A 1 61 ? -6.844  0.642   1.846   1.00 18.22  ? 59  VAL A C   1 
ATOM   450 O  O   . VAL A 1 61 ? -7.962  1.080   1.600   1.00 16.18  ? 59  VAL A O   1 
ATOM   451 C  CB  . VAL A 1 61 ? -5.695  0.719   -0.371  1.00 18.96  ? 59  VAL A CB  1 
ATOM   452 C  CG1 . VAL A 1 61 ? -4.694  1.741   0.085   1.00 17.24  ? 59  VAL A CG1 1 
ATOM   453 C  CG2 . VAL A 1 61 ? -5.115  -0.099  -1.510  1.00 22.05  ? 59  VAL A CG2 1 
ATOM   454 N  N   . LEU A 1 62 ? -6.235  0.844   3.010   1.00 15.25  ? 60  LEU A N   1 
ATOM   455 C  CA  . LEU A 1 62 ? -6.813  1.694   4.048   1.00 14.47  ? 60  LEU A CA  1 
ATOM   456 C  C   . LEU A 1 62 ? -5.902  2.871   4.342   1.00 15.34  ? 60  LEU A C   1 
ATOM   457 O  O   . LEU A 1 62 ? -4.682  2.752   4.268   1.00 16.25  ? 60  LEU A O   1 
ATOM   458 C  CB  . LEU A 1 62 ? -7.026  0.924   5.358   1.00 13.66  ? 60  LEU A CB  1 
ATOM   459 C  CG  . LEU A 1 62 ? -7.833  -0.371  5.358   1.00 19.16  ? 60  LEU A CG  1 
ATOM   460 C  CD1 . LEU A 1 62 ? -8.042  -0.788  6.815   1.00 20.93  ? 60  LEU A CD1 1 
ATOM   461 C  CD2 . LEU A 1 62 ? -9.167  -0.222  4.644   1.00 22.90  ? 60  LEU A CD2 1 
ATOM   462 N  N   . ARG A 1 63 ? -6.514  4.001   4.675   1.00 14.96  ? 61  ARG A N   1 
ATOM   463 C  CA  . ARG A 1 63 ? -5.791  5.151   5.206   1.00 12.67  ? 61  ARG A CA  1 
ATOM   464 C  C   . ARG A 1 63 ? -6.407  5.544   6.535   1.00 14.41  ? 61  ARG A C   1 
ATOM   465 O  O   . ARG A 1 63 ? -7.592  5.880   6.598   1.00 16.99  ? 61  ARG A O   1 
ATOM   466 C  CB  . ARG A 1 63 ? -5.815  6.333   4.226   1.00 13.53  ? 61  ARG A CB  1 
ATOM   467 C  CG  . ARG A 1 63 ? -5.117  7.555   4.790   1.00 14.51  ? 61  ARG A CG  1 
ATOM   468 C  CD  . ARG A 1 63 ? -5.320  8.806   3.931   1.00 14.79  ? 61  ARG A CD  1 
ATOM   469 N  NE  . ARG A 1 63 ? -4.782  9.965   4.628   1.00 14.32  ? 61  ARG A NE  1 
ATOM   470 C  CZ  . ARG A 1 63 ? -5.473  11.050  4.956   1.00 18.48  ? 61  ARG A CZ  1 
ATOM   471 N  NH1 . ARG A 1 63 ? -6.749  11.170  4.608   1.00 20.84  ? 61  ARG A NH1 1 
ATOM   472 N  NH2 . ARG A 1 63 ? -4.883  12.017  5.634   1.00 23.29  ? 61  ARG A NH2 1 
ATOM   473 N  N   . ASN A 1 64 ? -5.616  5.445   7.603   1.00 16.48  ? 62  ASN A N   1 
ATOM   474 C  CA  . ASN A 1 64 ? -6.091  5.743   8.959   1.00 15.51  ? 62  ASN A CA  1 
ATOM   475 C  C   . ASN A 1 64 ? -7.366  5.002   9.318   1.00 18.70  ? 62  ASN A C   1 
ATOM   476 O  O   . ASN A 1 64 ? -8.285  5.553   9.947   1.00 20.23  ? 62  ASN A O   1 
ATOM   477 C  CB  . ASN A 1 64 ? -6.210  7.254   9.161   1.00 16.12  ? 62  ASN A CB  1 
ATOM   478 C  CG  . ASN A 1 64 ? -4.890  7.960   8.912   1.00 18.62  ? 62  ASN A CG  1 
ATOM   479 O  OD1 . ASN A 1 64 ? -3.834  7.457   9.293   1.00 18.69  ? 62  ASN A OD1 1 
ATOM   480 N  ND2 . ASN A 1 64 ? -4.940  9.110   8.257   1.00 16.97  ? 62  ASN A ND2 1 
ATOM   481 N  N   . GLY A 1 65 ? -7.417  3.738   8.918   1.00 17.70  ? 63  GLY A N   1 
ATOM   482 C  CA  . GLY A 1 65 ? -8.501  2.864   9.340   1.00 18.02  ? 63  GLY A CA  1 
ATOM   483 C  C   . GLY A 1 65 ? -9.668  2.773   8.376   1.00 22.56  ? 63  GLY A C   1 
ATOM   484 O  O   . GLY A 1 65 ? -10.553 1.922   8.549   1.00 25.49  ? 63  GLY A O   1 
ATOM   485 N  N   . GLU A 1 66 ? -9.693  3.637   7.366   1.00 18.51  ? 64  GLU A N   1 
ATOM   486 C  CA  . GLU A 1 66 ? -10.800 3.643   6.410   1.00 19.16  ? 64  GLU A CA  1 
ATOM   487 C  C   . GLU A 1 66 ? -10.382 3.330   4.980   1.00 14.98  ? 64  GLU A C   1 
ATOM   488 O  O   . GLU A 1 66 ? -9.247  3.571   4.590   1.00 16.91  ? 64  GLU A O   1 
ATOM   489 C  CB  . GLU A 1 66 ? -11.559 4.970   6.470   1.00 30.58  ? 64  GLU A CB  1 
ATOM   490 C  CG  . GLU A 1 66 ? -10.696 6.198   6.290   1.00 28.43  ? 64  GLU A CG  1 
ATOM   491 C  CD  . GLU A 1 66 ? -11.371 7.467   6.793   1.00 26.26  ? 64  GLU A CD  1 
ATOM   492 O  OE1 . GLU A 1 66 ? -11.692 7.568   7.997   1.00 30.22  ? 64  GLU A OE1 1 
ATOM   493 O  OE2 . GLU A 1 66 ? -11.580 8.377   5.983   1.00 23.39  ? 64  GLU A OE2 1 
ATOM   494 N  N   . ALA A 1 67 ? -11.312 2.776   4.213   1.00 20.70  ? 65  ALA A N   1 
ATOM   495 C  CA  . ALA A 1 67 ? -11.064 2.469   2.811   1.00 19.90  ? 65  ALA A CA  1 
ATOM   496 C  C   . ALA A 1 67 ? -10.612 3.721   2.084   1.00 21.06  ? 65  ALA A C   1 
ATOM   497 O  O   . ALA A 1 67 ? -11.211 4.784   2.234   1.00 22.20  ? 65  ALA A O   1 
ATOM   498 C  CB  . ALA A 1 67 ? -12.316 1.902   2.157   1.00 23.38  ? 65  ALA A CB  1 
ATOM   499 N  N   . ALA A 1 68 ? -9.566  3.588   1.275   1.00 17.93  ? 66  ALA A N   1 
ATOM   500 C  CA  . ALA A 1 68 ? -8.960  4.733   0.620   1.00 16.90  ? 66  ALA A CA  1 
ATOM   501 C  C   . ALA A 1 68 ? -8.875  4.531   -0.883  1.00 19.42  ? 66  ALA A C   1 
ATOM   502 O  O   . ALA A 1 68 ? -8.404  3.489   -1.348  1.00 24.14  ? 66  ALA A O   1 
ATOM   503 C  CB  . ALA A 1 68 ? -7.566  4.966   1.189   1.00 17.20  ? 66  ALA A CB  1 
ATOM   504 N  N   . ALA A 1 69 ? -9.332  5.515   -1.643  1.00 18.59  ? 67  ALA A N   1 
ATOM   505 C  CA  . ALA A 1 69 ? -9.050  5.540   -3.075  1.00 19.44  ? 67  ALA A CA  1 
ATOM   506 C  C   . ALA A 1 69 ? -7.631  6.039   -3.303  1.00 17.90  ? 67  ALA A C   1 
ATOM   507 O  O   . ALA A 1 69 ? -7.072  6.782   -2.491  1.00 17.02  ? 67  ALA A O   1 
ATOM   508 C  CB  . ALA A 1 69 ? -10.046 6.422   -3.804  1.00 20.01  ? 67  ALA A CB  1 
ATOM   509 N  N   . LEU A 1 70 ? -7.028  5.623   -4.409  1.00 17.20  ? 68  LEU A N   1 
ATOM   510 C  CA  . LEU A 1 70 ? -5.645  6.004   -4.647  1.00 15.82  ? 68  LEU A CA  1 
ATOM   511 C  C   . LEU A 1 70 ? -5.481  7.506   -4.878  1.00 16.19  ? 68  LEU A C   1 
ATOM   512 O  O   . LEU A 1 70 ? -4.393  8.044   -4.708  1.00 17.27  ? 68  LEU A O   1 
ATOM   513 C  CB  . LEU A 1 70 ? -5.044  5.210   -5.810  1.00 17.61  ? 68  LEU A CB  1 
ATOM   514 C  CG  . LEU A 1 70 ? -4.790  3.722   -5.570  1.00 18.77  ? 68  LEU A CG  1 
ATOM   515 C  CD1 . LEU A 1 70 ? -3.907  3.150   -6.685  1.00 21.03  ? 68  LEU A CD1 1 
ATOM   516 C  CD2 . LEU A 1 70 ? -4.162  3.474   -4.210  1.00 18.23  ? 68  LEU A CD2 1 
ATOM   517 N  N   . GLY A 1 71 ? -6.565  8.181   -5.246  1.00 17.98  ? 69  GLY A N   1 
ATOM   518 C  CA  . GLY A 1 71 ? -6.528  9.616   -5.453  1.00 17.55  ? 69  GLY A CA  1 
ATOM   519 C  C   . GLY A 1 71 ? -6.617  10.457  -4.190  1.00 20.17  ? 69  GLY A C   1 
ATOM   520 O  O   . GLY A 1 71 ? -6.510  11.682  -4.233  1.00 22.18  ? 69  GLY A O   1 
ATOM   521 N  N   . GLU A 1 72 ? -6.818  9.812   -3.050  1.00 17.70  ? 70  GLU A N   1 
ATOM   522 C  CA  . GLU A 1 72 ? -6.987  10.546  -1.807  1.00 16.00  ? 70  GLU A CA  1 
ATOM   523 C  C   . GLU A 1 72 ? -5.671  11.190  -1.377  1.00 16.81  ? 70  GLU A C   1 
ATOM   524 O  O   . GLU A 1 72 ? -4.598  10.627  -1.589  1.00 18.23  ? 70  GLU A O   1 
ATOM   525 C  CB  . GLU A 1 72 ? -7.503  9.603   -0.717  1.00 16.04  ? 70  GLU A CB  1 
ATOM   526 C  CG  . GLU A 1 72 ? -7.690  10.282  0.620   1.00 16.63  ? 70  GLU A CG  1 
ATOM   527 C  CD  . GLU A 1 72 ? -8.343  9.373   1.639   1.00 18.38  ? 70  GLU A CD  1 
ATOM   528 O  OE1 . GLU A 1 72 ? -8.739  8.237   1.280   1.00 18.75  ? 70  GLU A OE1 1 
ATOM   529 O  OE2 . GLU A 1 72 ? -8.439  9.794   2.801   1.00 19.79  ? 70  GLU A OE2 1 
ATOM   530 N  N   . ALA A 1 73 ? -5.758  12.375  -0.794  1.00 18.28  ? 71  ALA A N   1 
ATOM   531 C  CA  . ALA A 1 73 ? -4.595  13.056  -0.252  1.00 19.71  ? 71  ALA A CA  1 
ATOM   532 C  C   . ALA A 1 73 ? -4.036  12.282  0.932   1.00 21.56  ? 71  ALA A C   1 
ATOM   533 O  O   . ALA A 1 73 ? -4.714  11.433  1.514   1.00 23.49  ? 71  ALA A O   1 
ATOM   534 C  CB  . ALA A 1 73 ? -4.975  14.469  0.191   1.00 21.76  ? 71  ALA A CB  1 
ATOM   535 N  N   . THR A 1 74 ? -2.793  12.585  1.276   1.00 21.08  ? 72  THR A N   1 
ATOM   536 C  CA  . THR A 1 74 ? -2.147  12.001  2.434   1.00 18.65  ? 72  THR A CA  1 
ATOM   537 C  C   . THR A 1 74 ? -1.630  13.117  3.312   1.00 19.50  ? 72  THR A C   1 
ATOM   538 O  O   . THR A 1 74 ? -1.668  14.294  2.935   1.00 21.54  ? 72  THR A O   1 
ATOM   539 C  CB  . THR A 1 74 ? -0.964  11.079  2.034   1.00 19.35  ? 72  THR A CB  1 
ATOM   540 O  OG1 . THR A 1 74 ? -0.026  11.815  1.237   1.00 22.77  ? 72  THR A OG1 1 
ATOM   541 C  CG2 . THR A 1 74 ? -1.455  9.890   1.235   1.00 18.26  ? 72  THR A CG2 1 
ATOM   542 N  N   . ALA A 1 75 ? -1.155  12.746  4.488   1.00 17.09  ? 73  ALA A N   1 
ATOM   543 C  CA  . ALA A 1 75 ? -0.598  13.699  5.437   1.00 19.27  ? 73  ALA A CA  1 
ATOM   544 C  C   . ALA A 1 75 ? 0.489   13.020  6.250   1.00 20.78  ? 73  ALA A C   1 
ATOM   545 O  O   . ALA A 1 75 ? 0.454   11.818  6.469   1.00 20.24  ? 73  ALA A O   1 
ATOM   546 C  CB  . ALA A 1 75 ? -1.680  14.246  6.347   1.00 19.81  ? 73  ALA A CB  1 
ATOM   547 N  N   . ALA A 1 76 ? 1.471   13.795  6.690   1.00 23.33  ? 74  ALA A N   1 
ATOM   548 C  CA  . ALA A 1 76 ? 2.507   13.250  7.545   1.00 22.05  ? 74  ALA A CA  1 
ATOM   549 C  C   . ALA A 1 76 ? 1.844   12.546  8.715   1.00 22.83  ? 74  ALA A C   1 
ATOM   550 O  O   . ALA A 1 76 ? 0.871   13.045  9.292   1.00 24.57  ? 74  ALA A O   1 
ATOM   551 C  CB  . ALA A 1 76 ? 3.426   14.360  8.044   1.00 24.97  ? 74  ALA A CB  1 
ATOM   552 N  N   . GLY A 1 77 ? 2.367   11.379  9.063   1.00 21.53  ? 75  GLY A N   1 
ATOM   553 C  CA  . GLY A 1 77 ? 1.834   10.649  10.196  1.00 23.26  ? 75  GLY A CA  1 
ATOM   554 C  C   . GLY A 1 77 ? 0.787   9.610   9.842   1.00 24.14  ? 75  GLY A C   1 
ATOM   555 O  O   . GLY A 1 77 ? 0.353   8.865   10.717  1.00 24.74  ? 75  GLY A O   1 
ATOM   556 N  N   . ASP A 1 78 ? 0.386   9.547   8.570   1.00 18.61  ? 76  ASP A N   1 
ATOM   557 C  CA  . ASP A 1 78 ? -0.634  8.587   8.161   1.00 15.69  ? 76  ASP A CA  1 
ATOM   558 C  C   . ASP A 1 78 ? -0.207  7.159   8.442   1.00 16.93  ? 76  ASP A C   1 
ATOM   559 O  O   . ASP A 1 78 ? 0.975   6.811   8.332   1.00 18.37  ? 76  ASP A O   1 
ATOM   560 C  CB  . ASP A 1 78 ? -0.956  8.688   6.668   1.00 17.19  ? 76  ASP A CB  1 
ATOM   561 C  CG  . ASP A 1 78 ? -1.893  9.836   6.338   1.00 17.42  ? 76  ASP A CG  1 
ATOM   562 O  OD1 . ASP A 1 78 ? -2.485  10.425  7.264   1.00 20.79  ? 76  ASP A OD1 1 
ATOM   563 O  OD2 . ASP A 1 78 ? -2.052  10.119  5.134   1.00 19.98  ? 76  ASP A OD2 1 
ATOM   564 N  N   . GLU A 1 79 ? -1.186  6.331   8.787   1.00 16.12  ? 77  GLU A N   1 
ATOM   565 C  CA  . GLU A 1 79 ? -0.994  4.898   8.832   1.00 18.03  ? 77  GLU A CA  1 
ATOM   566 C  C   . GLU A 1 79 ? -1.820  4.292   7.711   1.00 17.35  ? 77  GLU A C   1 
ATOM   567 O  O   . GLU A 1 79 ? -3.044  4.370   7.722   1.00 18.39  ? 77  GLU A O   1 
ATOM   568 C  CB  . GLU A 1 79 ? -1.443  4.324   10.168  1.00 21.93  ? 77  GLU A CB  1 
ATOM   569 C  CG  . GLU A 1 79 ? -1.303  2.825   10.212  1.00 28.97  ? 77  GLU A CG  1 
ATOM   570 C  CD  . GLU A 1 79 ? -1.247  2.290   11.615  1.00 38.41  ? 77  GLU A CD  1 
ATOM   571 O  OE1 . GLU A 1 79 ? -1.688  2.996   12.549  1.00 40.06  ? 77  GLU A OE1 1 
ATOM   572 O  OE2 . GLU A 1 79 ? -0.740  1.166   11.774  1.00 39.52  ? 77  GLU A OE2 1 
ATOM   573 N  N   . LEU A 1 80 ? -1.130  3.716   6.733   1.00 13.72  ? 78  LEU A N   1 
ATOM   574 C  CA  . LEU A 1 80 ? -1.752  3.098   5.575   1.00 12.67  ? 78  LEU A CA  1 
ATOM   575 C  C   . LEU A 1 80 ? -1.657  1.594   5.748   1.00 15.15  ? 78  LEU A C   1 
ATOM   576 O  O   . LEU A 1 80 ? -0.719  1.099   6.359   1.00 17.72  ? 78  LEU A O   1 
ATOM   577 C  CB  . LEU A 1 80 ? -1.020  3.531   4.294   1.00 13.54  ? 78  LEU A CB  1 
ATOM   578 C  CG  . LEU A 1 80 ? -0.841  5.052   4.197   1.00 17.08  ? 78  LEU A CG  1 
ATOM   579 C  CD1 . LEU A 1 80 ? 0.131   5.449   3.092   1.00 20.34  ? 78  LEU A CD1 1 
ATOM   580 C  CD2 . LEU A 1 80 ? -2.190  5.718   4.007   1.00 22.20  ? 78  LEU A CD2 1 
ATOM   581 N  N   . ALA A 1 81 ? -2.623  0.863   5.215   1.00 13.16  ? 79  ALA A N   1 
ATOM   582 C  CA  . ALA A 1 81 ? -2.580  -0.581  5.307   1.00 14.20  ? 79  ALA A CA  1 
ATOM   583 C  C   . ALA A 1 81 ? -2.942  -1.220  3.983   1.00 11.42  ? 79  ALA A C   1 
ATOM   584 O  O   . ALA A 1 81 ? -3.727  -0.668  3.210   1.00 13.95  ? 79  ALA A O   1 
ATOM   585 C  CB  . ALA A 1 81 ? -3.511  -1.076  6.395   1.00 15.67  ? 79  ALA A CB  1 
ATOM   586 N  N   . LEU A 1 82 ? -2.360  -2.391  3.740   1.00 14.05  ? 80  LEU A N   1 
ATOM   587 C  CA  . LEU A 1 82 ? -2.692  -3.213  2.578   1.00 15.59  ? 80  LEU A CA  1 
ATOM   588 C  C   . LEU A 1 82 ? -3.098  -4.606  3.050   1.00 14.07  ? 80  LEU A C   1 
ATOM   589 O  O   . LEU A 1 82 ? -2.316  -5.293  3.712   1.00 17.46  ? 80  LEU A O   1 
ATOM   590 C  CB  . LEU A 1 82 ? -1.477  -3.393  1.668   1.00 21.95  ? 80  LEU A CB  1 
ATOM   591 C  CG  . LEU A 1 82 ? -1.066  -2.388  0.608   1.00 21.21  ? 80  LEU A CG  1 
ATOM   592 C  CD1 . LEU A 1 82 ? -0.042  -3.067  -0.286  1.00 22.24  ? 80  LEU A CD1 1 
ATOM   593 C  CD2 . LEU A 1 82 ? -2.255  -1.902  -0.192  1.00 20.03  ? 80  LEU A CD2 1 
ATOM   594 N  N   . PHE A 1 83 ? -4.309  -5.015  2.704   1.00 17.71  ? 81  PHE A N   1 
ATOM   595 C  CA  . PHE A 1 83 ? -4.792  -6.355  3.024   1.00 20.30  ? 81  PHE A CA  1 
ATOM   596 C  C   . PHE A 1 83 ? -5.122  -7.109  1.746   1.00 24.24  ? 81  PHE A C   1 
ATOM   597 O  O   . PHE A 1 83 ? -5.793  -6.576  0.875   1.00 26.18  ? 81  PHE A O   1 
ATOM   598 C  CB  . PHE A 1 83 ? -6.068  -6.289  3.869   1.00 23.09  ? 81  PHE A CB  1 
ATOM   599 C  CG  . PHE A 1 83 ? -5.870  -5.767  5.259   1.00 25.05  ? 81  PHE A CG  1 
ATOM   600 C  CD1 . PHE A 1 83 ? -5.524  -6.621  6.292   1.00 25.45  ? 81  PHE A CD1 1 
ATOM   601 C  CD2 . PHE A 1 83 ? -6.089  -4.433  5.548   1.00 28.54  ? 81  PHE A CD2 1 
ATOM   602 C  CE1 . PHE A 1 83 ? -5.370  -6.151  7.581   1.00 24.86  ? 81  PHE A CE1 1 
ATOM   603 C  CE2 . PHE A 1 83 ? -5.932  -3.954  6.841   1.00 32.98  ? 81  PHE A CE2 1 
ATOM   604 C  CZ  . PHE A 1 83 ? -5.572  -4.816  7.856   1.00 28.00  ? 81  PHE A CZ  1 
ATOM   605 N  N   . PRO A 1 84 ? -4.655  -8.358  1.637   1.00 26.52  ? 82  PRO A N   1 
ATOM   606 C  CA  . PRO A 1 84 ? -5.019  -9.252  0.535   1.00 33.69  ? 82  PRO A CA  1 
ATOM   607 C  C   . PRO A 1 84 ? -6.329  -9.967  0.836   1.00 37.15  ? 82  PRO A C   1 
ATOM   608 O  O   . PRO A 1 84 ? -6.766  -9.976  1.983   1.00 36.49  ? 82  PRO A O   1 
ATOM   609 C  CB  . PRO A 1 84 ? -3.875  -10.265 0.538   1.00 39.55  ? 82  PRO A CB  1 
ATOM   610 C  CG  . PRO A 1 84 ? -3.474  -10.354 1.969   1.00 36.83  ? 82  PRO A CG  1 
ATOM   611 C  CD  . PRO A 1 84 ? -3.671  -8.968  2.548   1.00 29.51  ? 82  PRO A CD  1 
ATOM   612 N  N   . PRO A 1 85 ? -6.952  -10.576 -0.182  1.00 40.21  ? 83  PRO A N   1 
ATOM   613 C  CA  . PRO A 1 85 ? -8.108  -11.431 0.100   1.00 55.58  ? 83  PRO A CA  1 
ATOM   614 C  C   . PRO A 1 85 ? -7.642  -12.740 0.734   1.00 79.57  ? 83  PRO A C   1 
ATOM   615 O  O   . PRO A 1 85 ? -6.471  -13.093 0.600   1.00 68.89  ? 83  PRO A O   1 
ATOM   616 C  CB  . PRO A 1 85 ? -8.691  -11.688 -1.289  1.00 53.40  ? 83  PRO A CB  1 
ATOM   617 C  CG  . PRO A 1 85 ? -7.523  -11.570 -2.205  1.00 49.95  ? 83  PRO A CG  1 
ATOM   618 C  CD  . PRO A 1 85 ? -6.663  -10.490 -1.624  1.00 43.80  ? 83  PRO A CD  1 
ATOM   619 N  N   . VAL A 1 86 ? -8.536  -13.447 1.419   1.00 121.60 ? 84  VAL A N   1 
ATOM   620 C  CA  . VAL A 1 86 ? -8.176  -14.719 2.036   1.00 160.91 ? 84  VAL A CA  1 
ATOM   621 C  C   . VAL A 1 86 ? -8.117  -15.834 0.994   1.00 198.19 ? 84  VAL A C   1 
ATOM   622 O  O   . VAL A 1 86 ? -8.756  -15.747 -0.052  1.00 202.64 ? 84  VAL A O   1 
ATOM   623 C  CB  . VAL A 1 86 ? -9.154  -15.110 3.164   1.00 164.48 ? 84  VAL A CB  1 
ATOM   624 C  CG1 . VAL A 1 86 ? -9.067  -14.115 4.310   1.00 161.55 ? 84  VAL A CG1 1 
ATOM   625 C  CG2 . VAL A 1 86 ? -10.574 -15.196 2.632   1.00 168.16 ? 84  VAL A CG2 1 
ATOM   626 N  N   . SER A 1 87 ? -7.342  -16.875 1.280   1.00 228.77 ? 85  SER A N   1 
ATOM   627 C  CA  . SER A 1 87 ? -7.173  -17.977 0.339   1.00 260.57 ? 85  SER A CA  1 
ATOM   628 C  C   . SER A 1 87 ? -8.312  -18.986 0.427   1.00 293.58 ? 85  SER A C   1 
ATOM   629 O  O   . SER A 1 87 ? -8.654  -19.636 -0.561  1.00 300.63 ? 85  SER A O   1 
ATOM   630 C  CB  . SER A 1 87 ? -5.832  -18.676 0.563   1.00 258.30 ? 85  SER A CB  1 
ATOM   631 O  OG  . SER A 1 87 ? -4.757  -17.820 0.229   1.00 253.82 ? 85  SER A OG  1 
ATOM   632 N  N   . GLY A 1 88 ? -8.896  -19.116 1.613   1.00 316.94 ? 86  GLY A N   1 
ATOM   633 C  CA  . GLY A 1 88 ? -9.986  -20.050 1.818   1.00 341.70 ? 86  GLY A CA  1 
ATOM   634 C  C   . GLY A 1 88 ? -11.284 -19.572 1.196   1.00 361.35 ? 86  GLY A C   1 
ATOM   635 O  O   . GLY A 1 88 ? -11.474 -18.376 0.980   1.00 361.23 ? 86  GLY A O   1 
ATOM   636 N  N   . GLY A 1 89 ? -12.178 -20.513 0.909   1.00 378.87 ? 87  GLY A N   1 
ATOM   637 C  CA  . GLY A 1 89 ? -13.458 -20.191 0.304   1.00 391.01 ? 87  GLY A CA  1 
ATOM   638 C  C   . GLY A 1 89 ? -14.227 -19.147 1.088   1.00 394.72 ? 87  GLY A C   1 
ATOM   639 O  O   . GLY A 1 89 ? -15.402 -18.899 0.823   1.00 399.74 ? 87  GLY A O   1 
HETATM 640 C  C   . ACT B 2 .  ? -4.056  -7.651  -20.536 1.00 59.12  ? 88  ACT A C   1 
HETATM 641 O  O   . ACT B 2 .  ? -4.915  -7.980  -21.383 1.00 58.51  ? 88  ACT A O   1 
HETATM 642 O  OXT . ACT B 2 .  ? -3.089  -8.433  -20.410 1.00 59.53  ? 88  ACT A OXT 1 
HETATM 643 C  CH3 . ACT B 2 .  ? -4.179  -6.393  -19.726 1.00 59.15  ? 88  ACT A CH3 1 
HETATM 644 CD CD  . CD  C 3 .  ? -9.540  -9.445  -8.755  1.00 16.94  ? 89  CD  A CD  1 
HETATM 645 CD CD  . CD  D 3 .  ? 0.789   11.706  -8.085  1.00 61.07  ? 90  CD  A CD  1 
HETATM 646 MG MG  . MG  E 4 .  ? 0.807   -6.135  -20.875 1.00 7.97   ? 91  MG  A MG  1 
HETATM 647 MG MG  . MG  F 4 .  ? 3.651   -6.187  -12.950 1.00 5.69   ? 92  MG  A MG  1 
HETATM 648 O  O   . HOH G 5 .  ? -9.496  6.947   3.513   1.00 16.06  ? 93  HOH A O   1 
HETATM 649 O  O   . HOH G 5 .  ? -8.318  8.468   5.843   1.00 18.83  ? 94  HOH A O   1 
HETATM 650 O  O   . HOH G 5 .  ? -0.074  3.558   -7.353  1.00 26.65  ? 95  HOH A O   1 
HETATM 651 O  O   . HOH G 5 .  ? -5.021  2.301   8.077   1.00 20.80  ? 96  HOH A O   1 
HETATM 652 O  O   . HOH G 5 .  ? 1.463   -5.014  9.957   1.00 17.96  ? 97  HOH A O   1 
HETATM 653 O  O   . HOH G 5 .  ? -1.797  11.886  9.562   1.00 27.24  ? 98  HOH A O   1 
HETATM 654 O  O   . HOH G 5 .  ? 1.447   7.350   -8.450  1.00 29.00  ? 99  HOH A O   1 
HETATM 655 O  O   . HOH G 5 .  ? -7.223  -19.495 -2.940  1.00 31.64  ? 100 HOH A O   1 
HETATM 656 O  O   . HOH G 5 .  ? -8.790  -2.288  -4.759  1.00 31.39  ? 101 HOH A O   1 
HETATM 657 O  O   . HOH G 5 .  ? -10.744 0.522   10.938  1.00 32.33  ? 102 HOH A O   1 
HETATM 658 O  O   . HOH G 5 .  ? -6.121  13.158  -6.609  1.00 32.25  ? 103 HOH A O   1 
HETATM 659 O  O   . HOH G 5 .  ? -0.436  15.792  1.555   1.00 21.37  ? 104 HOH A O   1 
HETATM 660 O  O   . HOH G 5 .  ? -3.751  -8.137  -14.867 1.00 28.41  ? 105 HOH A O   1 
HETATM 661 O  O   . HOH G 5 .  ? -8.399  13.613  -0.420  1.00 31.25  ? 106 HOH A O   1 
HETATM 662 O  O   . HOH G 5 .  ? 8.539   -6.109  9.970   1.00 31.10  ? 107 HOH A O   1 
HETATM 663 O  O   . HOH G 5 .  ? -7.674  -21.946 -1.518  1.00 42.94  ? 108 HOH A O   1 
HETATM 664 O  O   . HOH G 5 .  ? -1.757  -11.747 -8.231  1.00 41.94  ? 109 HOH A O   1 
HETATM 665 O  O   . HOH G 5 .  ? -8.495  -0.744  -2.182  1.00 37.72  ? 110 HOH A O   1 
HETATM 666 O  O   . HOH G 5 .  ? 1.590   14.079  1.525   1.00 33.23  ? 111 HOH A O   1 
HETATM 667 O  O   . HOH G 5 .  ? -12.463 -7.873  -11.531 1.00 25.56  ? 112 HOH A O   1 
HETATM 668 O  O   . HOH G 5 .  ? -1.570  14.781  -0.244  1.00 27.76  ? 113 HOH A O   1 
HETATM 669 O  O   . HOH G 5 .  ? -9.253  -24.106 -0.828  1.00 27.89  ? 114 HOH A O   1 
HETATM 670 O  O   . HOH G 5 .  ? -12.272 10.666  7.986   1.00 24.07  ? 115 HOH A O   1 
HETATM 671 O  O   . HOH G 5 .  ? 6.746   -10.296 7.426   1.00 32.01  ? 116 HOH A O   1 
HETATM 672 O  O   . HOH G 5 .  ? 7.006   13.610  8.340   1.00 40.43  ? 117 HOH A O   1 
HETATM 673 O  O   . HOH G 5 .  ? -14.031 2.339   5.290   1.00 31.74  ? 118 HOH A O   1 
HETATM 674 O  O   . HOH G 5 .  ? -14.389 11.133  9.657   1.00 28.51  ? 119 HOH A O   1 
HETATM 675 O  O   . HOH G 5 .  ? 0.254   17.159  3.652   1.00 33.15  ? 120 HOH A O   1 
HETATM 676 O  O   . HOH G 5 .  ? 5.738   8.152   -4.848  1.00 38.09  ? 121 HOH A O   1 
HETATM 677 O  O   . HOH G 5 .  ? -8.301  1.850   -3.234  1.00 32.59  ? 122 HOH A O   1 
HETATM 678 O  O   . HOH G 5 .  ? 7.238   -7.621  -10.921 1.00 37.91  ? 123 HOH A O   1 
HETATM 679 O  O   . HOH G 5 .  ? -13.949 10.931  12.189  1.00 36.62  ? 124 HOH A O   1 
HETATM 680 O  O   . HOH G 5 .  ? -10.746 7.765   -0.581  1.00 28.51  ? 125 HOH A O   1 
HETATM 681 O  O   . HOH G 5 .  ? 8.364   4.454   -6.749  1.00 30.39  ? 126 HOH A O   1 
HETATM 682 O  O   . HOH G 5 .  ? -5.294  -4.294  -12.860 1.00 40.49  ? 127 HOH A O   1 
HETATM 683 O  O   . HOH G 5 .  ? 9.474   -12.260 -1.794  1.00 41.33  ? 128 HOH A O   1 
HETATM 684 O  O   . HOH G 5 .  ? 10.782  0.844   6.570   1.00 31.33  ? 129 HOH A O   1 
HETATM 685 O  O   . HOH G 5 .  ? -11.817 -24.959 -0.826  1.00 37.06  ? 130 HOH A O   1 
HETATM 686 O  O   . HOH G 5 .  ? -4.237  -11.395 -9.400  1.00 37.33  ? 131 HOH A O   1 
HETATM 687 O  O   . HOH G 5 .  ? -8.913  -8.393  2.311   1.00 44.62  ? 132 HOH A O   1 
HETATM 688 O  O   . HOH G 5 .  ? 10.441  3.965   -3.084  1.00 41.53  ? 133 HOH A O   1 
HETATM 689 O  O   . HOH G 5 .  ? 4.301   -11.394 8.813   1.00 44.36  ? 134 HOH A O   1 
HETATM 690 O  O   . HOH G 5 .  ? -10.803 -11.951 2.037   1.00 46.38  ? 135 HOH A O   1 
HETATM 691 O  O   . HOH G 5 .  ? -2.980  -10.079 -6.056  1.00 25.89  ? 136 HOH A O   1 
HETATM 692 O  O   . HOH G 5 .  ? -2.205  17.640  1.341   1.00 41.04  ? 137 HOH A O   1 
HETATM 693 O  O   . HOH G 5 .  ? 10.012  5.982   -5.770  1.00 48.66  ? 138 HOH A O   1 
HETATM 694 O  O   . HOH G 5 .  ? 7.578   1.658   9.933   1.00 41.53  ? 139 HOH A O   1 
HETATM 695 O  O   . HOH G 5 .  ? 2.521   -7.275  -17.015 1.00 38.25  ? 140 HOH A O   1 
HETATM 696 O  O   . HOH G 5 .  ? -2.838  16.566  -1.696  1.00 41.85  ? 141 HOH A O   1 
HETATM 697 O  O   . HOH G 5 .  ? 1.444   16.576  5.994   1.00 34.15  ? 142 HOH A O   1 
HETATM 698 O  O   . HOH G 5 .  ? -2.949  2.198   -16.289 1.00 37.25  ? 143 HOH A O   1 
HETATM 699 O  O   . HOH G 5 .  ? 12.437  -10.651 5.957   1.00 34.49  ? 144 HOH A O   1 
HETATM 700 O  O   . HOH G 5 .  ? 2.191   -4.421  -14.060 1.00 27.55  ? 145 HOH A O   1 
HETATM 701 O  O   . HOH G 5 .  ? 13.619  1.086   -6.317  1.00 36.91  ? 146 HOH A O   1 
HETATM 702 O  O   . HOH G 5 .  ? -11.357 -2.707  -4.465  1.00 39.50  ? 147 HOH A O   1 
HETATM 703 O  O   . HOH G 5 .  ? 0.201   15.428  9.824   1.00 42.10  ? 148 HOH A O   1 
HETATM 704 O  O   . HOH G 5 .  ? 8.399   8.044   -4.881  1.00 33.95  ? 149 HOH A O   1 
HETATM 705 O  O   . HOH G 5 .  ? -5.611  1.656   -17.622 1.00 38.13  ? 150 HOH A O   1 
HETATM 706 O  O   . HOH G 5 .  ? -9.947  -8.003  -0.463  1.00 39.77  ? 151 HOH A O   1 
HETATM 707 O  O   . HOH G 5 .  ? -13.583 7.100   9.867   1.00 40.43  ? 152 HOH A O   1 
HETATM 708 O  O   . HOH G 5 .  ? 4.774   10.005  -7.121  1.00 38.91  ? 153 HOH A O   1 
HETATM 709 O  O   . HOH G 5 .  ? 10.428  -7.027  -1.579  1.00 28.50  ? 154 HOH A O   1 
HETATM 710 O  O   . HOH G 5 .  ? 2.762   -12.679 7.038   1.00 43.54  ? 155 HOH A O   1 
HETATM 711 O  O   . HOH G 5 .  ? 4.321   -8.616  -12.895 1.00 32.78  ? 156 HOH A O   1 
HETATM 712 O  O   . HOH G 5 .  ? 2.183   -7.408  -14.441 1.00 33.74  ? 157 HOH A O   1 
HETATM 713 O  O   . HOH G 5 .  ? 1.947   -6.646  -11.215 1.00 39.41  ? 158 HOH A O   1 
HETATM 714 O  O   . HOH G 5 .  ? -8.522  13.302  2.634   1.00 36.43  ? 159 HOH A O   1 
HETATM 715 O  O   . HOH G 5 .  ? -0.236  -7.369  -22.822 1.00 46.35  ? 160 HOH A O   1 
HETATM 716 O  O   . HOH G 5 .  ? 11.380  -3.435  6.314   1.00 50.39  ? 161 HOH A O   1 
HETATM 717 O  O   . HOH G 5 .  ? -2.414  -17.486 0.987   1.00 24.21  ? 162 HOH A O   1 
HETATM 718 O  O   . HOH G 5 .  ? 6.899   -8.333  -8.093  1.00 34.71  ? 163 HOH A O   1 
HETATM 719 O  O   . HOH G 5 .  ? -10.539 11.498  10.282  1.00 48.11  ? 164 HOH A O   1 
HETATM 720 O  O   . HOH G 5 .  ? 11.229  -10.272 -0.884  1.00 48.46  ? 165 HOH A O   1 
HETATM 721 O  O   . HOH G 5 .  ? -8.764  14.224  -3.244  1.00 47.43  ? 166 HOH A O   1 
HETATM 722 O  O   . HOH G 5 .  ? -5.697  14.436  6.910   1.00 46.32  ? 167 HOH A O   1 
HETATM 723 O  O   . HOH G 5 .  ? -14.009 -4.917  -9.597  1.00 43.80  ? 168 HOH A O   1 
HETATM 724 O  O   . HOH G 5 .  ? -3.112  7.746   11.940  1.00 44.62  ? 169 HOH A O   1 
HETATM 725 O  O   . HOH G 5 .  ? 8.903   14.697  4.037   1.00 16.14  ? 170 HOH A O   1 
HETATM 726 O  O   . HOH G 5 .  ? 16.346  6.845   5.337   1.00 51.36  ? 171 HOH A O   1 
HETATM 727 O  O   . HOH G 5 .  ? 2.862   -2.201  -12.655 1.00 23.03  ? 172 HOH A O   1 
HETATM 728 O  O   . HOH G 5 .  ? -4.921  11.709  -8.372  1.00 36.42  ? 173 HOH A O   1 
HETATM 729 O  O   . HOH G 5 .  ? -12.871 5.875   -0.274  1.00 44.52  ? 174 HOH A O   1 
HETATM 730 O  O   . HOH G 5 .  ? 9.129   13.777  6.535   1.00 36.84  ? 175 HOH A O   1 
HETATM 731 O  O   . HOH G 5 .  ? 0.233   -3.706  -19.947 1.00 44.09  ? 176 HOH A O   1 
HETATM 732 O  O   . HOH G 5 .  ? 1.597   -8.730  -21.269 1.00 38.65  ? 177 HOH A O   1 
HETATM 733 O  O   . HOH G 5 .  ? 12.250  -2.188  4.109   1.00 18.96  ? 178 HOH A O   1 
HETATM 734 O  O   . HOH G 5 .  ? 11.265  -6.359  0.724   1.00 10.25  ? 179 HOH A O   1 
HETATM 735 O  O   . HOH G 5 .  ? 13.053  -5.300  -0.376  1.00 41.24  ? 180 HOH A O   1 
HETATM 736 O  O   . HOH G 5 .  ? -4.103  13.028  -10.699 1.00 48.43  ? 181 HOH A O   1 
# 
loop_
_atom_site_anisotrop.id 
_atom_site_anisotrop.type_symbol 
_atom_site_anisotrop.pdbx_label_atom_id 
_atom_site_anisotrop.pdbx_label_alt_id 
_atom_site_anisotrop.pdbx_label_comp_id 
_atom_site_anisotrop.pdbx_label_asym_id 
_atom_site_anisotrop.pdbx_label_seq_id 
_atom_site_anisotrop.pdbx_PDB_ins_code 
_atom_site_anisotrop.U[1][1] 
_atom_site_anisotrop.U[2][2] 
_atom_site_anisotrop.U[3][3] 
_atom_site_anisotrop.U[1][2] 
_atom_site_anisotrop.U[1][3] 
_atom_site_anisotrop.U[2][3] 
_atom_site_anisotrop.pdbx_auth_seq_id 
_atom_site_anisotrop.pdbx_auth_comp_id 
_atom_site_anisotrop.pdbx_auth_asym_id 
_atom_site_anisotrop.pdbx_auth_atom_id 
5   N N   . SER A 2  ? 0.4902 0.4778 0.4914 -0.1136 0.0245  -0.0918 0  SER A N   
6   C CA  . SER A 2  ? 0.4149 0.4366 0.4325 -0.1047 0.0121  -0.0782 0  SER A CA  
7   C C   . SER A 2  ? 0.2810 0.2926 0.2976 -0.0926 0.0138  -0.0850 0  SER A C   
8   O O   . SER A 2  ? 0.3508 0.3387 0.3548 -0.1019 0.0255  -0.0998 0  SER A O   
9   C CB  . SER A 2  ? 0.5080 0.5645 0.5259 -0.1303 -0.0018 -0.0674 0  SER A CB  
10  O OG  . SER A 2  ? 0.6052 0.6432 0.5845 -0.1578 -0.0006 -0.0803 0  SER A OG  
11  N N   . MET A 3  ? 0.2356 0.2604 0.2678 -0.0731 0.0075  -0.0749 1  MET A N   
12  C CA  . MET A 3  ? 0.2543 0.2746 0.2901 -0.0633 0.0083  -0.0796 1  MET A CA  
13  C C   . MET A 3  ? 0.1923 0.2375 0.2378 -0.0531 0.0006  -0.0650 1  MET A C   
14  O O   . MET A 3  ? 0.2227 0.2853 0.2801 -0.0504 -0.0015 -0.0511 1  MET A O   
15  C CB  . MET A 3  ? 0.2793 0.2717 0.3284 -0.0464 0.0102  -0.0851 1  MET A CB  
16  C CG  . MET A 3  ? 0.2732 0.2538 0.3184 -0.0342 0.0019  -0.0745 1  MET A CG  
17  S SD  . MET A 3  ? 0.3174 0.2585 0.3716 -0.0266 -0.0062 -0.0749 1  MET A SD  
18  C CE  . MET A 3  ? 0.4044 0.3333 0.4528 -0.0403 0.0078  -0.0837 1  MET A CE  
19  N N   . GLU A 4  ? 0.2155 0.2604 0.2614 -0.0476 0.0011  -0.0679 2  GLU A N   
20  C CA  . GLU A 4  ? 0.2039 0.2694 0.2573 -0.0398 -0.0038 -0.0534 2  GLU A CA  
21  C C   . GLU A 4  ? 0.1742 0.2255 0.2315 -0.0230 -0.0003 -0.0569 2  GLU A C   
22  O O   . GLU A 4  ? 0.2165 0.2528 0.2761 -0.0229 0.0030  -0.0697 2  GLU A O   
23  C CB  . GLU A 4  ? 0.2435 0.3237 0.2829 -0.0583 -0.0107 -0.0488 2  GLU A CB  
24  C CG  . GLU A 4  ? 0.3202 0.4140 0.3505 -0.0829 -0.0215 -0.0419 2  GLU A CG  
25  C CD  . GLU A 4  ? 0.3622 0.4671 0.3702 -0.1073 -0.0384 -0.0294 2  GLU A CD  
26  O OE1 . GLU A 4  ? 0.3048 0.3953 0.2912 -0.1083 -0.0343 -0.0340 2  GLU A OE1 
27  O OE2 . GLU A 4  ? 0.4202 0.5465 0.4315 -0.1283 -0.0579 -0.0129 2  GLU A OE2 
28  N N   . TRP A 5  ? 0.1843 0.2381 0.2467 -0.0110 0.0018  -0.0451 3  TRP A N   
29  C CA  . TRP A 5  ? 0.1671 0.2051 0.2253 0.0001  0.0047  -0.0464 3  TRP A CA  
30  C C   . TRP A 5  ? 0.1706 0.2251 0.2335 0.0022  0.0074  -0.0385 3  TRP A C   
31  O O   . TRP A 5  ? 0.1839 0.2587 0.2603 0.0031  0.0085  -0.0219 3  TRP A O   
32  C CB  . TRP A 5  ? 0.1881 0.2032 0.2345 0.0072  0.0133  -0.0395 3  TRP A CB  
33  C CG  . TRP A 5  ? 0.1904 0.1732 0.2161 0.0030  0.0070  -0.0457 3  TRP A CG  
34  C CD1 . TRP A 5  ? 0.2061 0.1799 0.2246 -0.0020 0.0102  -0.0446 3  TRP A CD1 
35  C CD2 . TRP A 5  ? 0.2064 0.1607 0.2178 0.0011  -0.0077 -0.0503 3  TRP A CD2 
36  N NE1 . TRP A 5  ? 0.2242 0.1604 0.2172 -0.0065 -0.0018 -0.0479 3  TRP A NE1 
37  C CE2 . TRP A 5  ? 0.2211 0.1470 0.2127 -0.0052 -0.0162 -0.0493 3  TRP A CE2 
38  C CE3 . TRP A 5  ? 0.1686 0.1188 0.1853 0.0021  -0.0171 -0.0527 3  TRP A CE3 
39  C CZ2 . TRP A 5  ? 0.2405 0.1348 0.2189 -0.0112 -0.0396 -0.0466 3  TRP A CZ2 
40  C CZ3 . TRP A 5  ? 0.2256 0.1494 0.2367 -0.0040 -0.0392 -0.0511 3  TRP A CZ3 
41  C CH2 . TRP A 5  ? 0.2395 0.1358 0.2317 -0.0109 -0.0532 -0.0461 3  TRP A CH2 
42  N N   . LYS A 6  ? 0.1632 0.2089 0.2218 0.0027  0.0082  -0.0478 4  LYS A N   
43  C CA  . LYS A 6  ? 0.1698 0.2218 0.2259 0.0051  0.0126  -0.0405 4  LYS A CA  
44  C C   . LYS A 6  ? 0.1836 0.2153 0.2354 0.0164  0.0204  -0.0399 4  LYS A C   
45  O O   . LYS A 6  ? 0.1944 0.2066 0.2419 0.0155  0.0162  -0.0506 4  LYS A O   
46  C CB  . LYS A 6  ? 0.1682 0.2162 0.2156 -0.0062 0.0149  -0.0532 4  LYS A CB  
47  C CG  . LYS A 6  ? 0.2096 0.2597 0.2456 -0.0241 0.0130  -0.0597 4  LYS A CG  
48  C CD  . LYS A 6  ? 0.2315 0.3018 0.2572 -0.0350 -0.0005 -0.0404 4  LYS A CD  
49  C CE  . LYS A 6  ? 0.2992 0.3636 0.3020 -0.0597 -0.0036 -0.0489 4  LYS A CE  
50  N NZ  . LYS A 6  ? 0.3079 0.3935 0.3017 -0.0777 -0.0250 -0.0269 4  LYS A NZ  
51  N N   . LEU A 7  ? 0.1398 0.1730 0.1943 0.0245  0.0309  -0.0252 5  LEU A N   
52  C CA  . LEU A 7  ? 0.1643 0.1678 0.2048 0.0315  0.0460  -0.0250 5  LEU A CA  
53  C C   . LEU A 7  ? 0.2037 0.2067 0.2432 0.0348  0.0531  -0.0215 5  LEU A C   
54  O O   . LEU A 7  ? 0.2374 0.2630 0.2888 0.0346  0.0485  -0.0100 5  LEU A O   
55  C CB  . LEU A 7  ? 0.1935 0.1869 0.2419 0.0395  0.0660  -0.0112 5  LEU A CB  
56  C CG  . LEU A 7  ? 0.2341 0.2258 0.2830 0.0353  0.0640  -0.0129 5  LEU A CG  
57  C CD1 . LEU A 7  ? 0.2359 0.2130 0.2998 0.0425  0.0943  -0.0002 5  LEU A CD1 
58  C CD2 . LEU A 7  ? 0.2912 0.2504 0.3023 0.0249  0.0519  -0.0294 5  LEU A CD2 
59  N N   . PHE A 8  ? 0.2125 0.1851 0.2314 0.0337  0.0616  -0.0301 6  PHE A N   
60  C CA  . PHE A 8  ? 0.2081 0.1748 0.2220 0.0346  0.0697  -0.0305 6  PHE A CA  
61  C C   . PHE A 8  ? 0.2781 0.2056 0.2692 0.0371  0.0915  -0.0293 6  PHE A C   
62  O O   . PHE A 8  ? 0.2952 0.1909 0.2612 0.0310  0.0968  -0.0346 6  PHE A O   
63  C CB  . PHE A 8  ? 0.1918 0.1611 0.2076 0.0240  0.0579  -0.0480 6  PHE A CB  
64  C CG  . PHE A 8  ? 0.1947 0.1887 0.2262 0.0186  0.0471  -0.0529 6  PHE A CG  
65  C CD1 . PHE A 8  ? 0.1900 0.1931 0.2161 0.0132  0.0511  -0.0506 6  PHE A CD1 
66  C CD2 . PHE A 8  ? 0.1990 0.1987 0.2424 0.0154  0.0350  -0.0593 6  PHE A CD2 
67  C CE1 . PHE A 8  ? 0.2006 0.2127 0.2256 0.0015  0.0466  -0.0574 6  PHE A CE1 
68  C CE2 . PHE A 8  ? 0.1771 0.1912 0.2306 0.0085  0.0318  -0.0653 6  PHE A CE2 
69  C CZ  . PHE A 8  ? 0.2087 0.2264 0.2497 -0.0002 0.0396  -0.0660 6  PHE A CZ  
70  N N   . ALA A 9  ? 0.2966 0.2187 0.2877 0.0423  0.1057  -0.0228 7  ALA A N   
71  C CA  . ALA A 9  ? 0.3686 0.2462 0.3334 0.0423  0.1318  -0.0241 7  ALA A CA  
72  C C   . ALA A 9  ? 0.3867 0.2319 0.3424 0.0472  0.1589  -0.0168 7  ALA A C   
73  O O   . ALA A 9  ? 0.3479 0.2146 0.3418 0.0612  0.1676  0.0010  7  ALA A O   
74  C CB  . ALA A 9  ? 0.4129 0.2656 0.3468 0.0235  0.1212  -0.0443 7  ALA A CB  
75  N N   . ASP A 10 ? 0.7055 0.1789 0.3465 0.0183  0.0127  0.0199  8  ASP A N   
76  C CA  . ASP A 10 ? 0.7788 0.2053 0.3657 0.0619  0.0338  -0.0069 8  ASP A CA  
77  C C   . ASP A 10 ? 0.6276 0.1652 0.2604 0.0948  0.0514  -0.0037 8  ASP A C   
78  O O   . ASP A 10 ? 0.6676 0.1975 0.2821 0.1483  0.0760  -0.0107 8  ASP A O   
79  C CB  . ASP A 10 ? 0.9733 0.3131 0.4786 0.0275  0.0201  -0.0394 8  ASP A CB  
80  C CG  . ASP A 10 ? 1.2825 0.4824 0.7173 0.0054  0.0060  -0.0465 8  ASP A CG  
81  O OD1 . ASP A 10 ? 1.3491 0.5158 0.7972 0.0237  0.0101  -0.0276 8  ASP A OD1 
82  O OD2 . ASP A 10 ? 1.4294 0.5492 0.7918 -0.0320 -0.0104 -0.0702 8  ASP A OD2 
83  N N   . LEU A 11 ? 0.5288 0.1694 0.2176 0.0639  0.0387  0.0086  9  LEU A N   
84  C CA  . LEU A 11 ? 0.4619 0.2005 0.1861 0.0879  0.0511  0.0116  9  LEU A CA  
85  C C   . LEU A 11 ? 0.4200 0.2180 0.1964 0.1316  0.0684  0.0397  9  LEU A C   
86  O O   . LEU A 11 ? 0.4399 0.2816 0.2222 0.1710  0.0874  0.0410  9  LEU A O   
87  C CB  . LEU A 11 ? 0.4126 0.2335 0.1712 0.0443  0.0318  0.0156  9  LEU A CB  
88  C CG  . LEU A 11 ? 0.4770 0.2564 0.1904 -0.0030 0.0128  -0.0070 9  LEU A CG  
89  C CD1 . LEU A 11 ? 0.4420 0.3151 0.1972 -0.0386 -0.0041 0.0033  9  LEU A CD1 
90  C CD2 . LEU A 11 ? 0.5576 0.2824 0.2057 0.0142  0.0243  -0.0395 9  LEU A CD2 
91  N N   . ALA A 12 ? 0.3922 0.1956 0.2060 0.1234  0.0615  0.0645  10 ALA A N   
92  C CA  . ALA A 12 ? 0.3879 0.2387 0.2464 0.1623  0.0766  0.0927  10 ALA A CA  
93  C C   . ALA A 12 ? 0.5018 0.2885 0.3224 0.2164  0.1011  0.0871  10 ALA A C   
94  O O   . ALA A 12 ? 0.5026 0.3434 0.3486 0.2598  0.1202  0.1047  10 ALA A O   
95  C CB  . ALA A 12 ? 0.3816 0.2429 0.2817 0.1407  0.0635  0.1190  10 ALA A CB  
96  N N   . GLU A 13 ? 0.5831 0.2528 0.3391 0.2141  0.0999  0.0649  11 GLU A N   
97  C CA  . GLU A 13 ? 0.6773 0.2701 0.3853 0.2700  0.1236  0.0578  11 GLU A CA  
98  C C   . GLU A 13 ? 0.6819 0.2996 0.3620 0.3093  0.1444  0.0406  11 GLU A C   
99  O O   . GLU A 13 ? 0.7245 0.3660 0.4082 0.3678  0.1701  0.0526  11 GLU A O   
100 C CB  . GLU A 13 ? 0.8068 0.2538 0.4394 0.2538  0.1138  0.0363  11 GLU A CB  
101 C CG  . GLU A 13 ? 0.8925 0.3106 0.5495 0.2214  0.0956  0.0576  11 GLU A CG  
102 C CD  . GLU A 13 ? 1.1189 0.3912 0.6967 0.1961  0.0809  0.0383  11 GLU A CD  
103 O OE1 . GLU A 13 ? 1.2787 0.4491 0.7766 0.2284  0.0937  0.0131  11 GLU A OE1 
104 O OE2 . GLU A 13 ? 1.1376 0.3964 0.7290 0.1433  0.0559  0.0494  11 GLU A OE2 
105 N N   . VAL A 14 ? 0.6487 0.2680 0.3023 0.2771  0.1335  0.0152  12 VAL A N   
106 C CA  . VAL A 14 ? 0.6766 0.3181 0.2992 0.3095  0.1514  -0.0030 12 VAL A CA  
107 C C   . VAL A 14 ? 0.5886 0.3679 0.2796 0.3344  0.1637  0.0248  12 VAL A C   
108 O O   . VAL A 14 ? 0.6409 0.4486 0.3192 0.3863  0.1884  0.0264  12 VAL A O   
109 C CB  . VAL A 14 ? 0.7266 0.3514 0.3131 0.2628  0.1338  -0.0332 12 VAL A CB  
110 C CG1 . VAL A 14 ? 0.7568 0.4343 0.3280 0.2924  0.1511  -0.0462 12 VAL A CG1 
111 C CG2 . VAL A 14 ? 0.8720 0.3522 0.3743 0.2416  0.1231  -0.0621 12 VAL A CG2 
112 N N   . ALA A 15 ? 0.5356 0.3984 0.2943 0.2978  0.1461  0.0484  13 ALA A N   
113 C CA  . ALA A 15 ? 0.4792 0.4673 0.2979 0.3084  0.1504  0.0771  13 ALA A CA  
114 C C   . ALA A 15 ? 0.5234 0.5438 0.3676 0.3357  0.1603  0.1165  13 ALA A C   
115 O O   . ALA A 15 ? 0.4977 0.6002 0.3584 0.3436  0.1626  0.1463  13 ALA A O   
116 C CB  . ALA A 15 ? 0.3959 0.4438 0.2545 0.2500  0.1204  0.0888  13 ALA A CB  
117 N N   . GLY A 16 ? 0.5290 0.4807 0.3709 0.3467  0.1643  0.1182  14 GLY A N   
118 C CA  . GLY A 16 ? 0.5488 0.5299 0.4119 0.3685  0.1770  0.1534  14 GLY A CA  
119 C C   . GLY A 16 ? 0.4638 0.5289 0.3752 0.3182  0.1636  0.1831  14 GLY A C   
120 O O   . GLY A 16 ? 0.5268 0.6433 0.4577 0.3275  0.1755  0.2150  14 GLY A O   
121 N N   . SER A 17 ? 0.2248 0.3885 0.3831 0.0774  -0.0194 -0.0638 15 SER A N   
122 C CA  . SER A 17 ? 0.2271 0.3885 0.3790 0.0659  -0.0262 -0.0619 15 SER A CA  
123 C C   . SER A 17 ? 0.1821 0.2917 0.2881 0.0569  -0.0190 -0.0382 15 SER A C   
124 O O   . SER A 17 ? 0.2179 0.3070 0.3134 0.0485  -0.0044 -0.0261 15 SER A O   
125 C CB  . SER A 17 ? 0.2600 0.4593 0.4486 0.0407  -0.0088 -0.0744 15 SER A CB  
126 O OG  . SER A 17 ? 0.2538 0.4425 0.4279 0.0273  -0.0132 -0.0700 15 SER A OG  
127 N N   . ARG A 18 ? 0.1979 0.2828 0.2777 0.0589  -0.0295 -0.0332 16 ARG A N   
128 C CA  . ARG A 18 ? 0.1626 0.1998 0.2080 0.0492  -0.0165 -0.0132 16 ARG A CA  
129 C C   . ARG A 18 ? 0.1708 0.2138 0.2222 0.0253  -0.0030 -0.0114 16 ARG A C   
130 O O   . ARG A 18 ? 0.1776 0.1893 0.2151 0.0145  0.0120  0.0035  16 ARG A O   
131 C CB  . ARG A 18 ? 0.2474 0.2348 0.2456 0.0663  -0.0283 -0.0068 16 ARG A CB  
132 C CG  . ARG A 18 ? 0.2485 0.2142 0.2300 0.0874  -0.0359 -0.0037 16 ARG A CG  
133 C CD  . ARG A 18 ? 0.3643 0.2655 0.2865 0.1018  -0.0414 0.0039  16 ARG A CD  
134 N NE  . ARG A 18 ? 0.3813 0.2365 0.2825 0.0871  -0.0142 0.0212  16 ARG A NE  
135 C CZ  . ARG A 18 ? 0.3790 0.2143 0.2884 0.0820  0.0045  0.0335  16 ARG A CZ  
136 N NH1 . ARG A 18 ? 0.3321 0.1852 0.2607 0.0895  -0.0022 0.0321  16 ARG A NH1 
137 N NH2 . ARG A 18 ? 0.3513 0.1476 0.2532 0.0693  0.0303  0.0462  16 ARG A NH2 
138 N N   . THR A 19 ? 0.1594 0.2425 0.2366 0.0169  -0.0079 -0.0279 17 THR A N   
139 C CA  . THR A 19 ? 0.1873 0.2741 0.2669 -0.0067 0.0050  -0.0276 17 THR A CA  
140 C C   . THR A 19 ? 0.1692 0.3061 0.2905 -0.0215 0.0119  -0.0461 17 THR A C   
141 O O   . THR A 19 ? 0.1698 0.3451 0.3247 -0.0134 -0.0014 -0.0651 17 THR A O   
142 C CB  . THR A 19 ? 0.2477 0.3093 0.2974 -0.0057 -0.0062 -0.0274 17 THR A CB  
143 O OG1 . THR A 19 ? 0.2813 0.3428 0.3302 -0.0290 0.0082  -0.0263 17 THR A OG1 
144 C CG2 . THR A 19 ? 0.2877 0.3750 0.3511 0.0079  -0.0357 -0.0474 17 THR A CG2 
145 N N   . VAL A 20 ? 0.1711 0.3033 0.2913 -0.0430 0.0337  -0.0415 18 VAL A N   
146 C CA  . VAL A 20 ? 0.1749 0.3412 0.3247 -0.0609 0.0492  -0.0582 18 VAL A CA  
147 C C   . VAL A 20 ? 0.1939 0.3486 0.3302 -0.0858 0.0624  -0.0568 18 VAL A C   
148 O O   . VAL A 20 ? 0.2024 0.3180 0.3064 -0.0927 0.0705  -0.0400 18 VAL A O   
149 C CB  . VAL A 20 ? 0.1705 0.3269 0.3156 -0.0635 0.0667  -0.0556 18 VAL A CB  
150 C CG1 . VAL A 20 ? 0.1683 0.3469 0.3340 -0.0846 0.0916  -0.0733 18 VAL A CG1 
151 C CG2 . VAL A 20 ? 0.1859 0.3496 0.3406 -0.0391 0.0553  -0.0568 18 VAL A CG2 
152 N N   . ARG A 21 ? 0.1752 0.3633 0.3400 -0.0988 0.0629  -0.0754 19 ARG A N   
153 C CA  . ARG A 21 ? 0.2164 0.3917 0.3663 -0.1243 0.0773  -0.0757 19 ARG A CA  
154 C C   . ARG A 21 ? 0.1670 0.3424 0.3197 -0.1464 0.1081  -0.0831 19 ARG A C   
155 O O   . ARG A 21 ? 0.2332 0.4434 0.4253 -0.1502 0.1202  -0.1017 19 ARG A O   
156 C CB  . ARG A 21 ? 0.3157 0.5183 0.4899 -0.1308 0.0617  -0.0924 19 ARG A CB  
157 C CG  . ARG A 21 ? 0.4338 0.6206 0.5898 -0.1585 0.0771  -0.0935 19 ARG A CG  
158 C CD  . ARG A 21 ? 0.5416 0.7542 0.7237 -0.1657 0.0575  -0.1120 19 ARG A CD  
159 N NE  . ARG A 21 ? 0.6386 0.9125 0.8946 -0.1689 0.0547  -0.1396 19 ARG A NE  
160 C CZ  . ARG A 21 ? 0.7123 1.0140 1.0073 -0.1961 0.0808  -0.1582 19 ARG A CZ  
161 N NH1 . ARG A 21 ? 0.7536 1.0214 1.0092 -0.2219 0.1089  -0.1508 19 ARG A NH1 
162 N NH2 . ARG A 21 ? 0.7235 1.0845 1.0985 -0.1975 0.0807  -0.1853 19 ARG A NH2 
163 N N   . VAL A 22 ? 0.2462 0.4280 0.1985 -0.0453 0.0461  -0.0563 20 VAL A N   
164 C CA  . VAL A 22 ? 0.2561 0.4219 0.2161 -0.0346 0.0566  -0.0410 20 VAL A CA  
165 C C   . VAL A 22 ? 0.2505 0.4231 0.2582 -0.0739 0.0572  -0.0521 20 VAL A C   
166 O O   . VAL A 22 ? 0.2373 0.3961 0.2643 -0.1033 0.0528  -0.0834 20 VAL A O   
167 C CB  . VAL A 22 ? 0.3402 0.4360 0.2607 -0.0090 0.0552  -0.0431 20 VAL A CB  
168 C CG1 . VAL A 22 ? 0.3846 0.4664 0.2547 0.0283  0.0601  -0.0344 20 VAL A CG1 
169 C CG2 . VAL A 22 ? 0.2963 0.3449 0.2225 -0.0259 0.0425  -0.0718 20 VAL A CG2 
170 N N   . ASP A 23 ? 0.2963 0.4903 0.3242 -0.0758 0.0652  -0.0277 21 ASP A N   
171 C CA  . ASP A 23 ? 0.3998 0.5925 0.4755 -0.1120 0.0661  -0.0340 21 ASP A CA  
172 C C   . ASP A 23 ? 0.3160 0.4704 0.3985 -0.1008 0.0661  -0.0136 21 ASP A C   
173 O O   . ASP A 23 ? 0.3479 0.5300 0.4199 -0.0883 0.0722  0.0188  21 ASP A O   
174 C CB  . ASP A 23 ? 0.5820 0.8477 0.6822 -0.1379 0.0710  -0.0175 21 ASP A CB  
175 C CG  . ASP A 23 ? 0.7508 1.0142 0.8945 -0.1890 0.0717  -0.0416 21 ASP A CG  
176 O OD1 . ASP A 23 ? 0.7953 0.9995 0.9662 -0.1966 0.0726  -0.0585 21 ASP A OD1 
177 O OD2 . ASP A 23 ? 0.8273 1.1480 0.9806 -0.2235 0.0720  -0.0427 21 ASP A OD2 
178 N N   . VAL A 24 ? 0.2576 0.3540 0.3616 -0.1073 0.0593  -0.0297 22 VAL A N   
179 C CA  . VAL A 24 ? 0.3371 0.3966 0.4499 -0.0997 0.0530  -0.0041 22 VAL A CA  
180 C C   . VAL A 24 ? 0.3848 0.4235 0.5721 -0.1295 0.0511  -0.0031 22 VAL A C   
181 O O   . VAL A 24 ? 0.3885 0.4294 0.6161 -0.1561 0.0581  -0.0327 22 VAL A O   
182 C CB  . VAL A 24 ? 0.3132 0.3215 0.3962 -0.0794 0.0429  -0.0110 22 VAL A CB  
183 C CG1 . VAL A 24 ? 0.3177 0.3351 0.3257 -0.0500 0.0460  -0.0109 22 VAL A CG1 
184 C CG2 . VAL A 24 ? 0.2602 0.2382 0.3804 -0.0925 0.0407  -0.0496 22 VAL A CG2 
185 N N   . ASP A 25 ? 0.4497 0.4666 0.6551 -0.1283 0.0418  0.0318  23 ASP A N   
186 C CA  . ASP A 25 ? 0.4899 0.4814 0.7759 -0.1538 0.0379  0.0420  23 ASP A CA  
187 C C   . ASP A 25 ? 0.4595 0.4004 0.8056 -0.1608 0.0402  0.0057  23 ASP A C   
188 O O   . ASP A 25 ? 0.3809 0.3053 0.7013 -0.1450 0.0399  -0.0196 23 ASP A O   
189 C CB  . ASP A 25 ? 0.5268 0.5100 0.8195 -0.1524 0.0224  0.0955  23 ASP A CB  
190 C CG  . ASP A 25 ? 0.5670 0.5220 0.8210 -0.1315 0.0090  0.1080  23 ASP A CG  
191 O OD1 . ASP A 25 ? 0.5651 0.5070 0.7830 -0.1141 0.0126  0.0754  23 ASP A OD1 
192 O OD2 . ASP A 25 ? 0.6672 0.6168 0.9236 -0.1370 -0.0068 0.1536  23 ASP A OD2 
193 N N   . GLY A 26 ? 0.4676 0.3830 0.8967 -0.1852 0.0451  0.0017  24 GLY A N   
194 C CA  . GLY A 26 ? 0.4607 0.3267 0.9609 -0.1923 0.0553  -0.0365 24 GLY A CA  
195 C C   . GLY A 26 ? 0.4981 0.3254 1.0328 -0.1702 0.0406  -0.0125 24 GLY A C   
196 O O   . GLY A 26 ? 0.5063 0.3000 1.0898 -0.1665 0.0498  -0.0443 24 GLY A O   
197 N N   . ASP A 27 ? 0.5085 0.3456 1.0176 -0.1592 0.0183  0.0449  25 ASP A N   
198 C CA  . ASP A 27 ? 0.5054 0.3157 1.0395 -0.1447 -0.0015 0.0783  25 ASP A CA  
199 C C   . ASP A 27 ? 0.4291 0.2566 0.8583 -0.1249 -0.0131 0.0855  25 ASP A C   
200 O O   . ASP A 27 ? 0.4624 0.2785 0.8868 -0.1188 -0.0338 0.1221  25 ASP A O   
201 C CB  . ASP A 27 ? 0.6476 0.4526 1.2397 -0.1570 -0.0220 0.1441  25 ASP A CB  
202 C CG  . ASP A 27 ? 0.7637 0.6134 1.2854 -0.1669 -0.0292 0.1794  25 ASP A CG  
203 O OD1 . ASP A 27 ? 0.7636 0.6448 1.1842 -0.1550 -0.0230 0.1647  25 ASP A OD1 
204 O OD2 . ASP A 27 ? 0.8473 0.7011 1.4193 -0.1868 -0.0396 0.2227  25 ASP A OD2 
205 N N   . ALA A 28 ? 0.3879 0.2425 0.7366 -0.1175 -0.0001 0.0522  26 ALA A N   
206 C CA  . ALA A 28 ? 0.3529 0.2164 0.6027 -0.0978 -0.0062 0.0524  26 ALA A CA  
207 C C   . ALA A 28 ? 0.3374 0.1700 0.5889 -0.0872 -0.0152 0.0386  26 ALA A C   
208 O O   . ALA A 28 ? 0.3881 0.2050 0.6933 -0.0897 -0.0058 0.0026  26 ALA A O   
209 C CB  . ALA A 28 ? 0.3635 0.2599 0.5507 -0.0906 0.0103  0.0198  26 ALA A CB  
210 N N   . THR A 29 ? 0.2819 0.1572 0.2967 0.0199  0.0854  0.0360  27 THR A N   
211 C CA  . THR A 29 ? 0.2896 0.1775 0.3000 0.0295  0.0773  0.0316  27 THR A CA  
212 C C   . THR A 29 ? 0.2453 0.1524 0.2560 0.0213  0.0666  0.0214  27 THR A C   
213 O O   . THR A 29 ? 0.2558 0.1685 0.2675 0.0114  0.0641  0.0184  27 THR A O   
214 C CB  . THR A 29 ? 0.3019 0.2016 0.3066 0.0469  0.0736  0.0425  27 THR A CB  
215 O OG1 . THR A 29 ? 0.3145 0.2290 0.3132 0.0470  0.0696  0.0463  27 THR A OG1 
216 C CG2 . THR A 29 ? 0.3853 0.2647 0.3861 0.0586  0.0842  0.0559  27 THR A CG2 
217 N N   . VAL A 30 ? 0.2224 0.1397 0.2345 0.0259  0.0610  0.0173  28 VAL A N   
218 C CA  . VAL A 30 ? 0.2052 0.1382 0.2182 0.0204  0.0517  0.0115  28 VAL A CA  
219 C C   . VAL A 30 ? 0.2001 0.1475 0.2117 0.0235  0.0434  0.0145  28 VAL A C   
220 O O   . VAL A 30 ? 0.2121 0.1666 0.2225 0.0169  0.0378  0.0104  28 VAL A O   
221 C CB  . VAL A 30 ? 0.2127 0.1544 0.2343 0.0247  0.0497  0.0096  28 VAL A CB  
222 C CG1 . VAL A 30 ? 0.1942 0.1490 0.2191 0.0193  0.0408  0.0064  28 VAL A CG1 
223 C CG2 . VAL A 30 ? 0.2411 0.1699 0.2602 0.0230  0.0603  0.0056  28 VAL A CG2 
224 N N   . GLY A 31 ? 0.2151 0.1661 0.2242 0.0360  0.0424  0.0215  29 GLY A N   
225 C CA  . GLY A 31 ? 0.2389 0.2024 0.2411 0.0423  0.0357  0.0234  29 GLY A CA  
226 C C   . GLY A 31 ? 0.2186 0.1804 0.2176 0.0351  0.0432  0.0268  29 GLY A C   
227 O O   . GLY A 31 ? 0.2308 0.2050 0.2278 0.0353  0.0378  0.0239  29 GLY A O   
228 N N   . ASP A 32 ? 0.2294 0.1759 0.2315 0.0289  0.0556  0.0322  30 ASP A N   
229 C CA  . ASP A 32 ? 0.2476 0.1946 0.2562 0.0194  0.0633  0.0350  30 ASP A CA  
230 C C   . ASP A 32 ? 0.2523 0.2070 0.2686 0.0063  0.0552  0.0224  30 ASP A C   
231 O O   . ASP A 32 ? 0.2408 0.2092 0.2628 0.0028  0.0536  0.0215  30 ASP A O   
232 C CB  . ASP A 32 ? 0.2922 0.2176 0.3086 0.0133  0.0776  0.0421  30 ASP A CB  
233 C CG  . ASP A 32 ? 0.3526 0.2686 0.3589 0.0283  0.0877  0.0588  30 ASP A CG  
234 O OD1 . ASP A 32 ? 0.3431 0.2728 0.3362 0.0420  0.0868  0.0666  30 ASP A OD1 
235 O OD2 . ASP A 32 ? 0.3490 0.2423 0.3584 0.0284  0.0964  0.0639  30 ASP A OD2 
236 N N   . ALA A 33 ? 0.2419 0.1887 0.2573 0.0012  0.0504  0.0137  31 ALA A N   
237 C CA  . ALA A 33 ? 0.2155 0.1679 0.2317 -0.0077 0.0420  0.0033  31 ALA A CA  
238 C C   . ALA A 33 ? 0.2038 0.1729 0.2169 -0.0023 0.0317  0.0022  31 ALA A C   
239 O O   . ALA A 33 ? 0.1920 0.1706 0.2077 -0.0065 0.0252  -0.0023 31 ALA A O   
240 C CB  . ALA A 33 ? 0.2061 0.1461 0.2157 -0.0104 0.0417  -0.0038 31 ALA A CB  
241 N N   . LEU A 34 ? 0.2012 0.1735 0.2105 0.0080  0.0287  0.0056  32 LEU A N   
242 C CA  . LEU A 34 ? 0.2017 0.1859 0.2101 0.0135  0.0178  0.0026  32 LEU A CA  
243 C C   . LEU A 34 ? 0.1907 0.1870 0.1982 0.0186  0.0176  0.0042  32 LEU A C   
244 O O   . LEU A 34 ? 0.1752 0.1801 0.1840 0.0190  0.0101  -0.0005 32 LEU A O   
245 C CB  . LEU A 34 ? 0.2013 0.1864 0.2110 0.0223  0.0122  0.0026  32 LEU A CB  
246 C CG  . LEU A 34 ? 0.2119 0.2052 0.2234 0.0282  -0.0007 -0.0029 32 LEU A CG  
247 C CD1 . LEU A 34 ? 0.2377 0.2283 0.2534 0.0202  -0.0058 -0.0063 32 LEU A CD1 
248 C CD2 . LEU A 34 ? 0.2513 0.2467 0.2701 0.0355  -0.0075 -0.0048 32 LEU A CD2 
249 N N   . ASP A 35 ? 0.1812 0.1779 0.1862 0.0235  0.0276  0.0120  33 ASP A N   
250 C CA  . ASP A 35 ? 0.2008 0.2109 0.2056 0.0288  0.0324  0.0159  33 ASP A CA  
251 C C   . ASP A 35 ? 0.1978 0.2157 0.2180 0.0165  0.0341  0.0127  33 ASP A C   
252 O O   . ASP A 35 ? 0.2319 0.2657 0.2561 0.0205  0.0316  0.0106  33 ASP A O   
253 C CB  . ASP A 35 ? 0.1936 0.2004 0.1919 0.0364  0.0467  0.0289  33 ASP A CB  
254 C CG  . ASP A 35 ? 0.2805 0.2886 0.2590 0.0554  0.0414  0.0309  33 ASP A CG  
255 O OD1 . ASP A 35 ? 0.2577 0.2702 0.2327 0.0606  0.0259  0.0201  33 ASP A OD1 
256 O OD2 . ASP A 35 ? 0.2842 0.2881 0.2511 0.0656  0.0522  0.0432  33 ASP A OD2 
257 N N   . ALA A 36 ? 0.1970 0.2045 0.2268 0.0029  0.0367  0.0106  34 ALA A N   
258 C CA  . ALA A 36 ? 0.2169 0.2336 0.2630 -0.0087 0.0338  0.0042  34 ALA A CA  
259 C C   . ALA A 36 ? 0.1870 0.2123 0.2288 -0.0064 0.0187  -0.0045 34 ALA A C   
260 O O   . ALA A 36 ? 0.1937 0.2362 0.2469 -0.0065 0.0144  -0.0075 34 ALA A O   
261 C CB  . ALA A 36 ? 0.2076 0.2089 0.2615 -0.0221 0.0362  -0.0003 34 ALA A CB  
262 N N   . LEU A 37 ? 0.1832 0.1965 0.2106 -0.0036 0.0117  -0.0071 35 LEU A N   
263 C CA  . LEU A 37 ? 0.1954 0.2115 0.2169 -0.0002 -0.0006 -0.0117 35 LEU A CA  
264 C C   . LEU A 37 ? 0.1938 0.2233 0.2176 0.0106  -0.0051 -0.0117 35 LEU A C   
265 O O   . LEU A 37 ? 0.2007 0.2401 0.2290 0.0127  -0.0127 -0.0154 35 LEU A O   
266 C CB  . LEU A 37 ? 0.1952 0.1963 0.2058 0.0014  -0.0029 -0.0108 35 LEU A CB  
267 C CG  . LEU A 37 ? 0.2020 0.2009 0.2084 0.0057  -0.0129 -0.0118 35 LEU A CG  
268 C CD1 . LEU A 37 ? 0.2211 0.2214 0.2222 0.0029  -0.0194 -0.0142 35 LEU A CD1 
269 C CD2 . LEU A 37 ? 0.2184 0.2049 0.2226 0.0054  -0.0110 -0.0087 35 LEU A CD2 
270 N N   . VAL A 38 ? 0.1850 0.2149 0.2040 0.0196  -0.0011 -0.0086 36 VAL A N   
271 C CA  . VAL A 38 ? 0.1980 0.2380 0.2141 0.0329  -0.0059 -0.0113 36 VAL A CA  
272 C C   . VAL A 38 ? 0.1933 0.2535 0.2199 0.0353  0.0013  -0.0095 36 VAL A C   
273 O O   . VAL A 38 ? 0.1971 0.2687 0.2262 0.0443  -0.0042 -0.0139 36 VAL A O   
274 C CB  . VAL A 38 ? 0.2235 0.2590 0.2277 0.0445  -0.0059 -0.0108 36 VAL A CB  
275 C CG1 . VAL A 38 ? 0.2340 0.2792 0.2308 0.0607  -0.0112 -0.0166 36 VAL A CG1 
276 C CG2 . VAL A 38 ? 0.2318 0.2523 0.2351 0.0412  -0.0143 -0.0138 36 VAL A CG2 
277 N N   . GLY A 39 ? 0.1839 0.2487 0.2208 0.0270  0.0143  -0.0029 37 GLY A N   
278 C CA  . GLY A 39 ? 0.1897 0.2763 0.2461 0.0256  0.0233  0.0001  37 GLY A CA  
279 C C   . GLY A 39 ? 0.2071 0.3059 0.2799 0.0200  0.0120  -0.0079 37 GLY A C   
280 O O   . GLY A 39 ? 0.2543 0.3755 0.3411 0.0265  0.0124  -0.0093 37 GLY A O   
281 N N   . ALA A 40 ? 0.2116 0.2969 0.2810 0.0101  0.0018  -0.0132 38 ALA A N   
282 C CA  . ALA A 40 ? 0.2148 0.3095 0.2932 0.0071  -0.0117 -0.0208 38 ALA A CA  
283 C C   . ALA A 40 ? 0.2320 0.3263 0.2987 0.0209  -0.0235 -0.0235 38 ALA A C   
284 O O   . ALA A 40 ? 0.2214 0.3315 0.2988 0.0255  -0.0325 -0.0275 38 ALA A O   
285 C CB  . ALA A 40 ? 0.2359 0.3141 0.3062 -0.0043 -0.0180 -0.0252 38 ALA A CB  
286 N N   . HIS A 41 ? 0.2504 0.3425 0.3127 -0.0203 0.0157  0.0811  39 HIS A N   
287 C CA  . HIS A 41 ? 0.2391 0.3347 0.3118 0.0186  0.0428  0.0727  39 HIS A CA  
288 C C   . HIS A 41 ? 0.2417 0.2861 0.2769 0.0251  0.0525  0.0619  39 HIS A C   
289 O O   . HIS A 41 ? 0.2391 0.2306 0.2601 0.0281  0.0439  0.0445  39 HIS A O   
290 C CB  . HIS A 41 ? 0.2672 0.3379 0.3566 0.0332  0.0346  0.0582  39 HIS A CB  
291 C CG  . HIS A 41 ? 0.2984 0.4109 0.4180 0.0289  0.0258  0.0681  39 HIS A CG  
292 N ND1 . HIS A 41 ? 0.3508 0.5099 0.4942 0.0530  0.0447  0.0760  39 HIS A ND1 
293 C CD2 . HIS A 41 ? 0.3562 0.4624 0.4745 0.0033  -0.0011 0.0725  39 HIS A CD2 
294 C CE1 . HIS A 41 ? 0.3532 0.5433 0.5183 0.0387  0.0292  0.0851  39 HIS A CE1 
295 N NE2 . HIS A 41 ? 0.3509 0.5043 0.4971 0.0067  0.0012  0.0830  39 HIS A NE2 
296 N N   . PRO A 42 ? 0.2420 0.3103 0.2592 0.0253  0.0705  0.0740  40 PRO A N   
297 C CA  . PRO A 42 ? 0.2920 0.3063 0.2645 0.0251  0.0769  0.0659  40 PRO A CA  
298 C C   . PRO A 42 ? 0.3187 0.2742 0.2569 0.0526  0.0933  0.0512  40 PRO A C   
299 O O   . PRO A 42 ? 0.3978 0.2935 0.2955 0.0428  0.0884  0.0407  40 PRO A O   
300 C CB  . PRO A 42 ? 0.3404 0.4115 0.3040 0.0247  0.0980  0.0863  40 PRO A CB  
301 C CG  . PRO A 42 ? 0.3370 0.5023 0.3424 0.0383  0.1106  0.1048  40 PRO A CG  
302 C CD  . PRO A 42 ? 0.2592 0.4180 0.2969 0.0202  0.0832  0.0990  40 PRO A CD  
303 N N   . ALA A 43 ? 0.3270 0.2916 0.2706 0.0822  0.1098  0.0512  41 ALA A N   
304 C CA  . ALA A 43 ? 0.4075 0.2951 0.2994 0.0984  0.1200  0.0373  41 ALA A CA  
305 C C   . ALA A 43 ? 0.3452 0.1891 0.2360 0.0661  0.0925  0.0207  41 ALA A C   
306 O O   . ALA A 43 ? 0.4295 0.2061 0.2656 0.0590  0.0941  0.0106  41 ALA A O   
307 C CB  . ALA A 43 ? 0.4452 0.3413 0.3358 0.1341  0.1382  0.0403  41 ALA A CB  
308 N N   . LEU A 44 ? 0.3059 0.1891 0.2488 0.0470  0.0668  0.0196  42 LEU A N   
309 C CA  . LEU A 44 ? 0.3143 0.1801 0.2605 0.0261  0.0418  0.0069  42 LEU A CA  
310 C C   . LEU A 44 ? 0.3877 0.2220 0.3007 0.0070  0.0293  0.0025  42 LEU A C   
311 O O   . LEU A 44 ? 0.3496 0.1746 0.2539 -0.0090 0.0124  -0.0062 42 LEU A O   
312 C CB  . LEU A 44 ? 0.3092 0.2169 0.3043 0.0231  0.0186  0.0074  42 LEU A CB  
313 C CG  . LEU A 44 ? 0.2682 0.2041 0.2973 0.0357  0.0218  0.0080  42 LEU A CG  
314 C CD1 . LEU A 44 ? 0.2448 0.2036 0.3019 0.0333  -0.0020 0.0094  42 LEU A CD1 
315 C CD2 . LEU A 44 ? 0.3155 0.2355 0.3337 0.0322  0.0229  -0.0028 42 LEU A CD2 
316 N N   . GLU A 45 ? 0.3573 0.1857 0.2530 0.0069  0.0369  0.0104  43 GLU A N   
317 C CA  . GLU A 45 ? 0.3816 0.1811 0.2474 -0.0113 0.0220  0.0076  43 GLU A CA  
318 C C   . GLU A 45 ? 0.4485 0.1991 0.2668 -0.0247 0.0198  -0.0021 43 GLU A C   
319 O O   . GLU A 45 ? 0.4447 0.1965 0.2607 -0.0418 -0.0050 -0.0077 43 GLU A O   
320 C CB  . GLU A 45 ? 0.4228 0.2218 0.2684 -0.0108 0.0371  0.0191  43 GLU A CB  
321 C CG  . GLU A 45 ? 0.4510 0.2225 0.2692 -0.0314 0.0176  0.0182  43 GLU A CG  
322 C CD  . GLU A 45 ? 0.5429 0.2584 0.3064 -0.0384 0.0212  0.0108  43 GLU A CD  
323 O OE1 . GLU A 45 ? 0.5663 0.2523 0.2958 -0.0266 0.0457  0.0096  43 GLU A OE1 
324 O OE2 . GLU A 45 ? 0.5756 0.2683 0.3192 -0.0546 -0.0017 0.0068  43 GLU A OE2 
325 N N   . SER A 46 ? 0.4796 0.1854 0.2509 -0.0167 0.0442  -0.0028 44 SER A N   
326 C CA  . SER A 46 ? 0.5818 0.2214 0.2846 -0.0392 0.0411  -0.0101 44 SER A CA  
327 C C   . SER A 46 ? 0.5790 0.2374 0.2953 -0.0651 0.0203  -0.0165 44 SER A C   
328 O O   . SER A 46 ? 0.6198 0.2499 0.2916 -0.0989 0.0060  -0.0201 44 SER A O   
329 C CB  . SER A 46 ? 0.6703 0.2316 0.2921 -0.0198 0.0726  -0.0089 44 SER A CB  
330 O OG  . SER A 46 ? 0.7080 0.2780 0.3415 0.0059  0.0890  -0.0072 44 SER A OG  
331 N N   . ARG A 47 ? 0.3771 0.2291 0.2872 -0.1257 -0.0278 -0.0168 45 ARG A N   
332 C CA  . ARG A 47 ? 0.3814 0.2652 0.3231 -0.1221 -0.0152 0.0131  45 ARG A CA  
333 C C   . ARG A 47 ? 0.3219 0.2270 0.2641 -0.0959 0.0116  0.0332  45 ARG A C   
334 O O   . ARG A 47 ? 0.3519 0.3069 0.3365 -0.0889 0.0216  0.0691  45 ARG A O   
335 C CB  . ARG A 47 ? 0.4525 0.3191 0.3723 -0.1198 -0.0027 0.0142  45 ARG A CB  
336 C CG  . ARG A 47 ? 0.5535 0.3980 0.4651 -0.1387 -0.0243 -0.0034 45 ARG A CG  
337 C CD  . ARG A 47 ? 0.6337 0.4948 0.5797 -0.1536 -0.0521 0.0075  45 ARG A CD  
338 N NE  . ARG A 47 ? 0.7180 0.5599 0.6413 -0.1537 -0.0649 0.0016  45 ARG A NE  
339 C CZ  . ARG A 47 ? 0.7305 0.5717 0.6711 -0.1672 -0.0659 0.0172  45 ARG A CZ  
340 N NH1 . ARG A 47 ? 0.7432 0.6148 0.7288 -0.1773 -0.0498 0.0490  45 ARG A NH1 
341 N NH2 . ARG A 47 ? 0.7290 0.5449 0.6425 -0.1659 -0.0778 0.0101  45 ARG A NH2 
342 N N   . VAL A 48 ? 0.3464 0.2139 0.2397 -0.0800 0.0230  0.0149  46 VAL A N   
343 C CA  . VAL A 48 ? 0.3663 0.2300 0.2336 -0.0464 0.0505  0.0293  46 VAL A CA  
344 C C   . VAL A 48 ? 0.3356 0.2265 0.2272 -0.0406 0.0468  0.0353  46 VAL A C   
345 O O   . VAL A 48 ? 0.3604 0.2870 0.2658 -0.0134 0.0672  0.0641  46 VAL A O   
346 C CB  . VAL A 48 ? 0.4773 0.2630 0.2608 -0.0336 0.0600  0.0068  46 VAL A CB  
347 C CG1 . VAL A 48 ? 0.5904 0.3482 0.3256 0.0054  0.0845  0.0167  46 VAL A CG1 
348 C CG2 . VAL A 48 ? 0.5077 0.2661 0.2592 -0.0317 0.0654  0.0051  46 VAL A CG2 
349 N N   . PHE A 49 ? 0.2991 0.1772 0.1932 -0.0605 0.0231  0.0119  47 PHE A N   
350 C CA  . PHE A 49 ? 0.2580 0.1517 0.1633 -0.0527 0.0187  0.0131  47 PHE A CA  
351 C C   . PHE A 49 ? 0.2752 0.2043 0.2289 -0.0737 -0.0135 0.0146  47 PHE A C   
352 O O   . PHE A 49 ? 0.3165 0.2311 0.2717 -0.0944 -0.0362 0.0002  47 PHE A O   
353 C CB  . PHE A 49 ? 0.3594 0.2014 0.2150 -0.0510 0.0195  -0.0108 47 PHE A CB  
354 C CG  . PHE A 49 ? 0.4708 0.2543 0.2624 -0.0353 0.0401  -0.0145 47 PHE A CG  
355 C CD1 . PHE A 49 ? 0.4597 0.2329 0.2225 0.0002  0.0658  0.0022  47 PHE A CD1 
356 C CD2 . PHE A 49 ? 0.5037 0.2375 0.2564 -0.0538 0.0309  -0.0321 47 PHE A CD2 
357 C CE1 . PHE A 49 ? 0.5718 0.2659 0.2516 0.0199  0.0803  -0.0038 47 PHE A CE1 
358 C CE2 . PHE A 49 ? 0.5417 0.2035 0.2222 -0.0437 0.0396  -0.0364 47 PHE A CE2 
359 C CZ  . PHE A 49 ? 0.6029 0.2351 0.2391 -0.0056 0.0634  -0.0250 47 PHE A CZ  
360 N N   . GLY A 50 ? 0.2364 0.2051 0.2208 -0.0652 -0.0179 0.0328  48 GLY A N   
361 C CA  . GLY A 50 ? 0.2193 0.2047 0.2326 -0.0834 -0.0560 0.0314  48 GLY A CA  
362 C C   . GLY A 50 ? 0.2564 0.2020 0.2291 -0.0774 -0.0662 0.0016  48 GLY A C   
363 O O   . GLY A 50 ? 0.2663 0.1805 0.2005 -0.0658 -0.0451 -0.0135 48 GLY A O   
364 N N   . ASP A 51 ? 0.3044 0.2496 0.2835 -0.0854 -0.1017 -0.0030 49 ASP A N   
365 C CA  . ASP A 51 ? 0.3467 0.2600 0.2847 -0.0708 -0.1108 -0.0255 49 ASP A CA  
366 C C   . ASP A 51 ? 0.3655 0.2865 0.2911 -0.0466 -0.0826 -0.0231 49 ASP A C   
367 O O   . ASP A 51 ? 0.3667 0.2630 0.2578 -0.0336 -0.0732 -0.0367 49 ASP A O   
368 C CB  . ASP A 51 ? 0.4047 0.3079 0.3402 -0.0774 -0.1569 -0.0279 49 ASP A CB  
369 C CG  . ASP A 51 ? 0.4995 0.3676 0.3824 -0.0521 -0.1646 -0.0485 49 ASP A CG  
370 O OD1 . ASP A 51 ? 0.4807 0.3269 0.3308 -0.0388 -0.1453 -0.0618 49 ASP A OD1 
371 O OD2 . ASP A 51 ? 0.5710 0.4379 0.4462 -0.0439 -0.1899 -0.0472 49 ASP A OD2 
372 N N   . ASP A 52 ? 0.2870 0.2449 0.2406 -0.0382 -0.0683 -0.0006 50 ASP A N   
373 C CA  . ASP A 52 ? 0.3551 0.3130 0.2898 -0.0113 -0.0421 0.0041  50 ASP A CA  
374 C C   . ASP A 52 ? 0.3651 0.2858 0.2629 -0.0020 -0.0069 0.0002  50 ASP A C   
375 O O   . ASP A 52 ? 0.4315 0.3346 0.3009 0.0201  0.0151  0.0046  50 ASP A O   
376 C CB  . ASP A 52 ? 0.3663 0.3806 0.3403 0.0013  -0.0408 0.0343  50 ASP A CB  
377 C CG  . ASP A 52 ? 0.3771 0.4332 0.3908 -0.0041 -0.0295 0.0630  50 ASP A CG  
378 O OD1 . ASP A 52 ? 0.3273 0.3583 0.3291 -0.0153 -0.0204 0.0550  50 ASP A OD1 
379 O OD2 . ASP A 52 ? 0.3721 0.4927 0.4306 0.0053  -0.0285 0.0984  50 ASP A OD2 
380 N N   . GLY A 53 ? 0.3066 0.2060 0.1966 -0.0191 -0.0054 -0.0079 51 GLY A N   
381 C CA  . GLY A 53 ? 0.3706 0.2242 0.2177 -0.0147 0.0184  -0.0116 51 GLY A CA  
382 C C   . GLY A 53 ? 0.3969 0.2525 0.2329 0.0094  0.0441  0.0080  51 GLY A C   
383 O O   . GLY A 53 ? 0.4688 0.2672 0.2477 0.0217  0.0621  0.0043  51 GLY A O   
384 N N   . GLU A 54 ? 0.3538 0.2734 0.2400 0.0176  0.0436  0.0327  52 GLU A N   
385 C CA  . GLU A 54 ? 0.3804 0.3219 0.2633 0.0500  0.0733  0.0626  52 GLU A CA  
386 C C   . GLU A 54 ? 0.3271 0.2881 0.2313 0.0401  0.0762  0.0750  52 GLU A C   
387 O O   . GLU A 54 ? 0.2989 0.2863 0.2492 0.0056  0.0494  0.0719  52 GLU A O   
388 C CB  . GLU A 54 ? 0.3885 0.4094 0.3257 0.0671  0.0738  0.0965  52 GLU A CB  
389 C CG  . GLU A 54 ? 0.5077 0.5185 0.4287 0.0796  0.0699  0.0873  52 GLU A CG  
390 C CD  . GLU A 54 ? 0.6725 0.6579 0.5395 0.1298  0.1077  0.1013  52 GLU A CD  
391 O OE1 . GLU A 54 ? 0.7306 0.7188 0.5899 0.1457  0.1082  0.1019  52 GLU A OE1 
392 O OE2 . GLU A 54 ? 0.7050 0.6606 0.5280 0.1579  0.1367  0.1118  52 GLU A OE2 
393 N N   . LEU A 55 ? 0.3280 0.1857 0.2963 -0.0311 0.1329  0.0150  53 LEU A N   
394 C CA  . LEU A 55 ? 0.2829 0.1547 0.2704 -0.0449 0.1070  -0.0001 53 LEU A CA  
395 C C   . LEU A 55 ? 0.3016 0.1778 0.2627 -0.0346 0.0858  -0.0078 53 LEU A C   
396 O O   . LEU A 55 ? 0.3503 0.2196 0.2812 -0.0230 0.0823  -0.0050 53 LEU A O   
397 C CB  . LEU A 55 ? 0.3199 0.1854 0.3209 -0.0573 0.1017  -0.0017 53 LEU A CB  
398 C CG  . LEU A 55 ? 0.3285 0.2115 0.3449 -0.0654 0.0774  -0.0132 53 LEU A CG  
399 C CD1 . LEU A 55 ? 0.3191 0.2246 0.3726 -0.0749 0.0752  -0.0220 53 LEU A CD1 
400 C CD2 . LEU A 55 ? 0.3749 0.2498 0.3905 -0.0692 0.0724  -0.0144 53 LEU A CD2 
401 N N   . TYR A 56 ? 0.2567 0.1455 0.2337 -0.0383 0.0722  -0.0178 54 TYR A N   
402 C CA  . TYR A 56 ? 0.2389 0.1300 0.2062 -0.0335 0.0519  -0.0269 54 TYR A CA  
403 C C   . TYR A 56 ? 0.2638 0.1579 0.2335 -0.0398 0.0381  -0.0243 54 TYR A C   
404 O O   . TYR A 56 ? 0.2585 0.1581 0.2462 -0.0492 0.0378  -0.0199 54 TYR A O   
405 C CB  . TYR A 56 ? 0.2428 0.1423 0.2357 -0.0381 0.0444  -0.0339 54 TYR A CB  
406 C CG  . TYR A 56 ? 0.2290 0.1258 0.2144 -0.0269 0.0520  -0.0401 54 TYR A CG  
407 C CD1 . TYR A 56 ? 0.2642 0.1526 0.2184 -0.0102 0.0494  -0.0491 54 TYR A CD1 
408 C CD2 . TYR A 56 ? 0.2723 0.1788 0.2802 -0.0292 0.0603  -0.0386 54 TYR A CD2 
409 C CE1 . TYR A 56 ? 0.2990 0.1855 0.2422 0.0047  0.0555  -0.0565 54 TYR A CE1 
410 C CE2 . TYR A 56 ? 0.2939 0.1990 0.2931 -0.0158 0.0682  -0.0432 54 TYR A CE2 
411 C CZ  . TYR A 56 ? 0.2929 0.1863 0.2586 0.0016  0.0661  -0.0520 54 TYR A CZ  
412 O OH  . TYR A 56 ? 0.3837 0.2761 0.3364 0.0194  0.0735  -0.0580 54 TYR A OH  
413 N N   . ASP A 57 ? 0.2986 0.1933 0.2518 -0.0328 0.0256  -0.0288 55 ASP A N   
414 C CA  . ASP A 57 ? 0.3026 0.2051 0.2598 -0.0364 0.0133  -0.0243 55 ASP A CA  
415 C C   . ASP A 57 ? 0.3020 0.2155 0.2939 -0.0472 0.0044  -0.0212 55 ASP A C   
416 O O   . ASP A 57 ? 0.3334 0.2558 0.3312 -0.0489 0.0003  -0.0122 55 ASP A O   
417 C CB  . ASP A 57 ? 0.2916 0.2008 0.2326 -0.0271 0.0000  -0.0320 55 ASP A CB  
418 C CG  . ASP A 57 ? 0.3181 0.2297 0.2749 -0.0280 -0.0135 -0.0496 55 ASP A CG  
419 O OD1 . ASP A 57 ? 0.2695 0.1743 0.2454 -0.0335 -0.0102 -0.0530 55 ASP A OD1 
420 O OD2 . ASP A 57 ? 0.3491 0.2702 0.3005 -0.0219 -0.0283 -0.0622 55 ASP A OD2 
421 N N   . HIS A 58 ? 0.2390 0.1526 0.2515 -0.0501 0.0036  -0.0266 56 HIS A N   
422 C CA  . HIS A 58 ? 0.2313 0.1553 0.2759 -0.0548 -0.0015 -0.0201 56 HIS A CA  
423 C C   . HIS A 58 ? 0.2703 0.2058 0.3258 -0.0549 0.0057  -0.0138 56 HIS A C   
424 O O   . HIS A 58 ? 0.2765 0.2249 0.3540 -0.0525 0.0038  -0.0057 56 HIS A O   
425 C CB  . HIS A 58 ? 0.2326 0.1486 0.2964 -0.0553 -0.0055 -0.0283 56 HIS A CB  
426 C CG  . HIS A 58 ? 0.2552 0.1616 0.3088 -0.0504 0.0028  -0.0381 56 HIS A CG  
427 N ND1 . HIS A 58 ? 0.2732 0.1678 0.3051 -0.0433 0.0012  -0.0531 56 HIS A ND1 
428 C CD2 . HIS A 58 ? 0.2485 0.1603 0.3102 -0.0485 0.0130  -0.0347 56 HIS A CD2 
429 C CE1 . HIS A 58 ? 0.2673 0.1582 0.2938 -0.0368 0.0118  -0.0563 56 HIS A CE1 
430 N NE2 . HIS A 58 ? 0.2622 0.1641 0.3090 -0.0415 0.0191  -0.0452 56 HIS A NE2 
431 N N   . ILE A 59 ? 0.2966 0.2298 0.3400 -0.0562 0.0145  -0.0174 57 ILE A N   
432 C CA  . ILE A 59 ? 0.2906 0.2398 0.3486 -0.0575 0.0175  -0.0178 57 ILE A CA  
433 C C   . ILE A 59 ? 0.2795 0.2323 0.3290 -0.0566 0.0130  -0.0152 57 ILE A C   
434 O O   . ILE A 59 ? 0.3399 0.2762 0.3697 -0.0579 0.0168  -0.0149 57 ILE A O   
435 C CB  . ILE A 59 ? 0.3208 0.2673 0.3827 -0.0622 0.0302  -0.0250 57 ILE A CB  
436 C CG1 . ILE A 59 ? 0.3082 0.2530 0.3744 -0.0584 0.0354  -0.0272 57 ILE A CG1 
437 C CG2 . ILE A 59 ? 0.2982 0.2665 0.3833 -0.0659 0.0297  -0.0315 57 ILE A CG2 
438 C CD1 . ILE A 59 ? 0.2989 0.2604 0.3859 -0.0531 0.0300  -0.0252 57 ILE A CD1 
439 N N   . ASN A 60 ? 0.3068 0.1978 0.3573 -0.0390 -0.0793 0.0071  58 ASN A N   
440 C CA  . ASN A 60 ? 0.2788 0.1929 0.3234 -0.0458 -0.0629 0.0170  58 ASN A CA  
441 C C   . ASN A 60 ? 0.2534 0.1727 0.3000 -0.0352 -0.0553 0.0104  58 ASN A C   
442 O O   . ASN A 60 ? 0.2646 0.1685 0.3080 -0.0323 -0.0660 0.0086  58 ASN A O   
443 C CB  . ASN A 60 ? 0.3437 0.2528 0.3718 -0.0657 -0.0694 0.0342  58 ASN A CB  
444 C CG  . ASN A 60 ? 0.4779 0.3878 0.5032 -0.0838 -0.0749 0.0416  58 ASN A CG  
445 O OD1 . ASN A 60 ? 0.6135 0.4936 0.6247 -0.1010 -0.0917 0.0524  58 ASN A OD1 
446 N ND2 . ASN A 60 ? 0.4976 0.4390 0.5338 -0.0807 -0.0624 0.0355  58 ASN A ND2 
447 N N   . VAL A 61 ? 0.1922 0.1300 0.2417 -0.0293 -0.0387 0.0060  59 VAL A N   
448 C CA  . VAL A 61 ? 0.2050 0.1454 0.2544 -0.0235 -0.0308 -0.0001 59 VAL A CA  
449 C C   . VAL A 61 ? 0.2340 0.1861 0.2722 -0.0251 -0.0238 0.0066  59 VAL A C   
450 O O   . VAL A 61 ? 0.2052 0.1716 0.2380 -0.0239 -0.0173 0.0096  59 VAL A O   
451 C CB  . VAL A 61 ? 0.2409 0.1851 0.2943 -0.0178 -0.0194 -0.0089 59 VAL A CB  
452 C CG1 . VAL A 61 ? 0.2199 0.1625 0.2724 -0.0179 -0.0133 -0.0156 59 VAL A CG1 
453 C CG2 . VAL A 61 ? 0.2759 0.2212 0.3407 -0.0146 -0.0250 -0.0178 59 VAL A CG2 
454 N N   . LEU A 62 ? 0.1981 0.1486 0.2329 -0.0250 -0.0268 0.0061  60 LEU A N   
455 C CA  . LEU A 62 ? 0.1865 0.1522 0.2111 -0.0233 -0.0215 0.0083  60 LEU A CA  
456 C C   . LEU A 62 ? 0.1995 0.1584 0.2248 -0.0163 -0.0172 -0.0029 60 LEU A C   
457 O O   . LEU A 62 ? 0.2112 0.1608 0.2453 -0.0170 -0.0203 -0.0104 60 LEU A O   
458 C CB  . LEU A 62 ? 0.1769 0.1500 0.1922 -0.0314 -0.0298 0.0185  60 LEU A CB  
459 C CG  . LEU A 62 ? 0.2487 0.2218 0.2573 -0.0466 -0.0371 0.0329  60 LEU A CG  
460 C CD1 . LEU A 62 ? 0.2738 0.2559 0.2655 -0.0571 -0.0427 0.0449  60 LEU A CD1 
461 C CD2 . LEU A 62 ? 0.2874 0.2849 0.2979 -0.0508 -0.0288 0.0347  60 LEU A CD2 
462 N N   . ARG A 63 ? 0.1959 0.1613 0.2113 -0.0090 -0.0117 -0.0062 61 ARG A N   
463 C CA  . ARG A 63 ? 0.1717 0.1264 0.1831 -0.0041 -0.0106 -0.0166 61 ARG A CA  
464 C C   . ARG A 63 ? 0.1903 0.1653 0.1920 0.0034  -0.0134 -0.0183 61 ARG A C   
465 O O   . ARG A 63 ? 0.2201 0.2131 0.2126 0.0116  -0.0117 -0.0181 61 ARG A O   
466 C CB  . ARG A 63 ? 0.1935 0.1247 0.1957 -0.0002 -0.0051 -0.0221 61 ARG A CB  
467 C CG  . ARG A 63 ? 0.2150 0.1270 0.2092 0.0010  -0.0064 -0.0326 61 ARG A CG  
468 C CD  . ARG A 63 ? 0.2371 0.1137 0.2112 0.0041  -0.0046 -0.0351 61 ARG A CD  
469 N NE  . ARG A 63 ? 0.2429 0.0955 0.2056 0.0043  -0.0093 -0.0455 61 ARG A NE  
470 C CZ  . ARG A 63 ? 0.3104 0.1413 0.2503 0.0205  -0.0169 -0.0523 61 ARG A CZ  
471 N NH1 . ARG A 63 ? 0.3436 0.1786 0.2695 0.0395  -0.0198 -0.0508 61 ARG A NH1 
472 N NH2 . ARG A 63 ? 0.3829 0.1889 0.3134 0.0191  -0.0235 -0.0634 61 ARG A NH2 
473 N N   . ASN A 64 ? 0.2143 0.1935 0.2184 0.0022  -0.0183 -0.0220 62 ASN A N   
474 C CA  . ASN A 64 ? 0.1969 0.2011 0.1913 0.0095  -0.0214 -0.0244 62 ASN A CA  
475 C C   . ASN A 64 ? 0.2285 0.2667 0.2154 0.0059  -0.0204 -0.0124 62 ASN A C   
476 O O   . ASN A 64 ? 0.2402 0.3105 0.2179 0.0151  -0.0191 -0.0173 62 ASN A O   
477 C CB  . ASN A 64 ? 0.2101 0.2063 0.1959 0.0236  -0.0215 -0.0400 62 ASN A CB  
478 C CG  . ASN A 64 ? 0.2510 0.2140 0.2423 0.0191  -0.0226 -0.0507 62 ASN A CG  
479 O OD1 . ASN A 64 ? 0.2476 0.2126 0.2501 0.0113  -0.0252 -0.0524 62 ASN A OD1 
480 N ND2 . ASN A 64 ? 0.2438 0.1761 0.2248 0.0228  -0.0220 -0.0581 62 ASN A ND2 
481 N N   . GLY A 65 ? 0.2162 0.2499 0.2063 -0.0084 -0.0221 0.0019  63 GLY A N   
482 C CA  . GLY A 65 ? 0.2135 0.2769 0.1944 -0.0208 -0.0221 0.0162  63 GLY A CA  
483 C C   . GLY A 65 ? 0.2644 0.3444 0.2484 -0.0239 -0.0161 0.0184  63 GLY A C   
484 O O   . GLY A 65 ? 0.2948 0.4003 0.2736 -0.0405 -0.0156 0.0305  63 GLY A O   
485 N N   . GLU A 66 ? 0.2157 0.2818 0.2058 -0.0100 -0.0121 0.0070  64 GLU A N   
486 C CA  . GLU A 66 ? 0.2176 0.3009 0.2095 -0.0080 -0.0077 0.0061  64 GLU A CA  
487 C C   . GLU A 66 ? 0.1730 0.2223 0.1738 -0.0098 -0.0074 0.0075  64 GLU A C   
488 O O   . GLU A 66 ? 0.2078 0.2224 0.2125 -0.0074 -0.0084 0.0043  64 GLU A O   
489 C CB  . GLU A 66 ? 0.3578 0.4624 0.3417 0.0151  -0.0058 -0.0097 64 GLU A CB  
490 C CG  . GLU A 66 ? 0.3468 0.4091 0.3245 0.0315  -0.0082 -0.0213 64 GLU A CG  
491 C CD  . GLU A 66 ? 0.3188 0.3968 0.2821 0.0566  -0.0124 -0.0384 64 GLU A CD  
492 O OE1 . GLU A 66 ? 0.3570 0.4736 0.3176 0.0611  -0.0142 -0.0441 64 GLU A OE1 
493 O OE2 . GLU A 66 ? 0.2954 0.3459 0.2474 0.0735  -0.0156 -0.0472 64 GLU A OE2 
494 N N   . ALA A 67 ? 0.2287 0.3632 0.1946 -0.0466 -0.0635 0.0885  65 ALA A N   
495 C CA  . ALA A 67 ? 0.2207 0.3373 0.1978 -0.0475 -0.0658 0.0817  65 ALA A CA  
496 C C   . ALA A 67 ? 0.2330 0.3465 0.2208 -0.0214 -0.0529 0.0680  65 ALA A C   
497 O O   . ALA A 67 ? 0.2395 0.3814 0.2227 -0.0051 -0.0406 0.0679  65 ALA A O   
498 C CB  . ALA A 67 ? 0.2527 0.4069 0.2289 -0.0664 -0.0660 0.0918  65 ALA A CB  
499 N N   . ALA A 68 ? 0.2020 0.2801 0.1993 -0.0172 -0.0566 0.0563  66 ALA A N   
500 C CA  . ALA A 68 ? 0.1907 0.2582 0.1931 0.0011  -0.0447 0.0438  66 ALA A CA  
501 C C   . ALA A 68 ? 0.2211 0.2839 0.2329 0.0016  -0.0436 0.0386  66 ALA A C   
502 O O   . ALA A 68 ? 0.2839 0.3306 0.3027 -0.0079 -0.0558 0.0356  66 ALA A O   
503 C CB  . ALA A 68 ? 0.2035 0.2413 0.2089 0.0052  -0.0476 0.0316  66 ALA A CB  
504 N N   . ALA A 69 ? 0.2085 0.2821 0.2158 0.0152  -0.0304 0.0371  67 ALA A N   
505 C CA  . ALA A 69 ? 0.2200 0.2849 0.2338 0.0186  -0.0272 0.0304  67 ALA A CA  
506 C C   . ALA A 69 ? 0.2095 0.2440 0.2266 0.0211  -0.0235 0.0169  67 ALA A C   
507 O O   . ALA A 69 ? 0.2053 0.2264 0.2150 0.0238  -0.0190 0.0126  67 ALA A O   
508 C CB  . ALA A 69 ? 0.2249 0.3090 0.2264 0.0342  -0.0151 0.0336  67 ALA A CB  
509 N N   . LEU A 70 ? 0.1992 0.2272 0.2272 0.0190  -0.0259 0.0091  68 LEU A N   
510 C CA  . LEU A 70 ? 0.1851 0.1976 0.2184 0.0177  -0.0224 -0.0050 68 LEU A CA  
511 C C   . LEU A 70 ? 0.2010 0.1985 0.2157 0.0222  -0.0049 -0.0073 68 LEU A C   
512 O O   . LEU A 70 ? 0.2189 0.2046 0.2328 0.0154  -0.0003 -0.0178 68 LEU A O   
513 C CB  . LEU A 70 ? 0.2018 0.2181 0.2495 0.0165  -0.0290 -0.0140 68 LEU A CB  
514 C CG  . LEU A 70 ? 0.2138 0.2285 0.2709 0.0137  -0.0499 -0.0168 68 LEU A CG  
515 C CD1 . LEU A 70 ? 0.2375 0.2558 0.3055 0.0184  -0.0561 -0.0312 68 LEU A CD1 
516 C CD2 . LEU A 70 ? 0.2099 0.2164 0.2661 0.0117  -0.0589 -0.0201 68 LEU A CD2 
517 N N   . GLY A 71 ? 0.2303 0.2272 0.2259 0.0333  0.0038  0.0018  69 GLY A N   
518 C CA  . GLY A 71 ? 0.2443 0.2131 0.2093 0.0407  0.0180  0.0008  69 GLY A CA  
519 C C   . GLY A 71 ? 0.2903 0.2421 0.2342 0.0455  0.0203  0.0019  69 GLY A C   
520 O O   . GLY A 71 ? 0.3388 0.2550 0.2489 0.0509  0.0299  0.0002  69 GLY A O   
521 N N   . GLU A 72 ? 0.2473 0.2193 0.2058 0.0435  0.0109  0.0049  70 GLU A N   
522 C CA  . GLU A 72 ? 0.2358 0.1971 0.1750 0.0508  0.0120  0.0059  70 GLU A CA  
523 C C   . GLU A 72 ? 0.2584 0.1891 0.1914 0.0386  0.0149  -0.0060 70 GLU A C   
524 O O   . GLU A 72 ? 0.2664 0.2032 0.2229 0.0227  0.0113  -0.0150 70 GLU A O   
525 C CB  . GLU A 72 ? 0.2198 0.2139 0.1759 0.0489  0.0012  0.0130  70 GLU A CB  
526 C CG  . GLU A 72 ? 0.2347 0.2245 0.1726 0.0580  0.0015  0.0137  70 GLU A CG  
527 C CD  . GLU A 72 ? 0.2408 0.2667 0.1907 0.0551  -0.0076 0.0230  70 GLU A CD  
528 O OE1 . GLU A 72 ? 0.2316 0.2812 0.1996 0.0441  -0.0145 0.0301  70 GLU A OE1 
529 O OE2 . GLU A 72 ? 0.2621 0.2897 0.2000 0.0621  -0.0083 0.0234  70 GLU A OE2 
530 N N   . ALA A 73 ? 0.2987 0.1984 0.1976 0.0466  0.0206  -0.0076 71 ALA A N   
531 C CA  . ALA A 73 ? 0.3298 0.2005 0.2185 0.0317  0.0227  -0.0193 71 ALA A CA  
532 C C   . ALA A 73 ? 0.3348 0.2322 0.2521 0.0245  0.0122  -0.0241 71 ALA A C   
533 O O   . ALA A 73 ? 0.3443 0.2710 0.2774 0.0330  0.0039  -0.0157 71 ALA A O   
534 C CB  . ALA A 73 ? 0.3886 0.2123 0.2259 0.0446  0.0282  -0.0194 71 ALA A CB  
535 N N   . THR A 74 ? 0.3308 0.2185 0.2517 0.0071  0.0124  -0.0377 72 THR A N   
536 C CA  . THR A 74 ? 0.2856 0.1951 0.2279 0.0030  0.0021  -0.0450 72 THR A CA  
537 C C   . THR A 74 ? 0.3141 0.1958 0.2310 -0.0027 0.0050  -0.0545 72 THR A C   
538 O O   . THR A 74 ? 0.3660 0.2058 0.2465 -0.0068 0.0143  -0.0559 72 THR A O   
539 C CB  . THR A 74 ? 0.2731 0.2121 0.2500 -0.0108 -0.0042 -0.0574 72 THR A CB  
540 O OG1 . THR A 74 ? 0.3216 0.2514 0.2923 -0.0302 0.0058  -0.0695 72 THR A OG1 
541 C CG2 . THR A 74 ? 0.2455 0.2052 0.2430 -0.0039 -0.0103 -0.0492 72 THR A CG2 
542 N N   . ALA A 75 ? 0.2730 0.1726 0.2036 -0.0027 -0.0042 -0.0610 73 ALA A N   
543 C CA  . ALA A 75 ? 0.3150 0.1928 0.2245 -0.0088 -0.0037 -0.0721 73 ALA A CA  
544 C C   . ALA A 75 ? 0.3129 0.2251 0.2516 -0.0168 -0.0140 -0.0861 73 ALA A C   
545 O O   . ALA A 75 ? 0.2866 0.2304 0.2520 -0.0078 -0.0241 -0.0825 73 ALA A O   
546 C CB  . ALA A 75 ? 0.3380 0.1968 0.2178 0.0136  -0.0051 -0.0625 73 ALA A CB  
547 N N   . ALA A 76 ? 0.3511 0.2547 0.2806 -0.0339 -0.0124 -0.1028 74 ALA A N   
548 C CA  . ALA A 76 ? 0.3139 0.2551 0.2688 -0.0381 -0.0228 -0.1188 74 ALA A CA  
549 C C   . ALA A 76 ? 0.3190 0.2705 0.2778 -0.0135 -0.0342 -0.1090 74 ALA A C   
550 O O   . ALA A 76 ? 0.3575 0.2848 0.2913 0.0003  -0.0325 -0.0973 74 ALA A O   
551 C CB  . ALA A 76 ? 0.3614 0.2891 0.2983 -0.0601 -0.0194 -0.1372 74 ALA A CB  
552 N N   . GLY A 77 ? 0.2903 0.2337 0.2940 -0.0613 -0.0149 -0.0657 75 GLY A N   
553 C CA  . GLY A 77 ? 0.3170 0.2592 0.3073 -0.0622 -0.0229 -0.0629 75 GLY A CA  
554 C C   . GLY A 77 ? 0.3300 0.2706 0.3167 -0.0540 -0.0224 -0.0566 75 GLY A C   
555 O O   . GLY A 77 ? 0.3436 0.2810 0.3153 -0.0569 -0.0287 -0.0541 75 GLY A O   
556 N N   . ASP A 78 ? 0.2563 0.1973 0.2534 -0.0456 -0.0152 -0.0540 76 ASP A N   
557 C CA  . ASP A 78 ? 0.2202 0.1610 0.2148 -0.0384 -0.0141 -0.0488 76 ASP A CA  
558 C C   . ASP A 78 ? 0.2340 0.1804 0.2289 -0.0373 -0.0263 -0.0429 76 ASP A C   
559 O O   . ASP A 78 ? 0.2451 0.1995 0.2534 -0.0364 -0.0354 -0.0428 76 ASP A O   
560 C CB  . ASP A 78 ? 0.2359 0.1755 0.2416 -0.0300 -0.0067 -0.0463 76 ASP A CB  
561 C CG  . ASP A 78 ? 0.2450 0.1724 0.2445 -0.0272 0.0024  -0.0507 76 ASP A CG  
562 O OD1 . ASP A 78 ? 0.2922 0.2155 0.2820 -0.0303 0.0047  -0.0568 76 ASP A OD1 
563 O OD2 . ASP A 78 ? 0.2783 0.1987 0.2820 -0.0219 0.0063  -0.0488 76 ASP A OD2 
564 N N   . GLU A 79 ? 0.2304 0.1717 0.2104 -0.0374 -0.0267 -0.0397 77 GLU A N   
565 C CA  . GLU A 79 ? 0.2565 0.1964 0.2322 -0.0351 -0.0379 -0.0330 77 GLU A CA  
566 C C   . GLU A 79 ? 0.2449 0.1874 0.2268 -0.0274 -0.0303 -0.0291 77 GLU A C   
567 O O   . GLU A 79 ? 0.2620 0.2025 0.2341 -0.0289 -0.0212 -0.0310 77 GLU A O   
568 C CB  . GLU A 79 ? 0.3204 0.2472 0.2657 -0.0454 -0.0447 -0.0319 77 GLU A CB  
569 C CG  . GLU A 79 ? 0.4165 0.3339 0.3504 -0.0434 -0.0578 -0.0243 77 GLU A CG  
570 C CD  . GLU A 79 ? 0.5542 0.4517 0.4535 -0.0555 -0.0709 -0.0223 77 GLU A CD  
571 O OE1 . GLU A 79 ? 0.5829 0.4754 0.4638 -0.0680 -0.0647 -0.0275 77 GLU A OE1 
572 O OE2 . GLU A 79 ? 0.5761 0.4605 0.4650 -0.0529 -0.0881 -0.0159 77 GLU A OE2 
573 N N   . LEU A 80 ? 0.1908 0.1396 0.1907 -0.0197 -0.0340 -0.0258 78 LEU A N   
574 C CA  . LEU A 80 ? 0.1749 0.1256 0.1810 -0.0128 -0.0278 -0.0218 78 LEU A CA  
575 C C   . LEU A 80 ? 0.2108 0.1562 0.2088 -0.0109 -0.0386 -0.0160 78 LEU A C   
576 O O   . LEU A 80 ? 0.2444 0.1868 0.2419 -0.0108 -0.0529 -0.0155 78 LEU A O   
577 C CB  . LEU A 80 ? 0.1756 0.1343 0.2046 -0.0079 -0.0227 -0.0233 78 LEU A CB  
578 C CG  . LEU A 80 ? 0.2198 0.1772 0.2519 -0.0117 -0.0148 -0.0290 78 LEU A CG  
579 C CD1 . LEU A 80 ? 0.2536 0.2161 0.3029 -0.0121 -0.0103 -0.0318 78 LEU A CD1 
580 C CD2 . LEU A 80 ? 0.2909 0.2402 0.3123 -0.0100 -0.0058 -0.0295 78 LEU A CD2 
581 N N   . ALA A 81 ? 0.1889 0.1314 0.1796 -0.0092 -0.0332 -0.0121 79 ALA A N   
582 C CA  . ALA A 81 ? 0.2093 0.1420 0.1882 -0.0081 -0.0430 -0.0064 79 ALA A CA  
583 C C   . ALA A 81 ? 0.1689 0.1063 0.1588 -0.0012 -0.0364 -0.0032 79 ALA A C   
584 O O   . ALA A 81 ? 0.1965 0.1409 0.1927 -0.0001 -0.0238 -0.0045 79 ALA A O   
585 C CB  . ALA A 81 ? 0.2442 0.1621 0.1892 -0.0190 -0.0443 -0.0050 79 ALA A CB  
586 N N   . LEU A 82 ? 0.2036 0.1351 0.1951 0.0039  -0.0466 0.0006  80 LEU A N   
587 C CA  . LEU A 82 ? 0.2206 0.1533 0.2184 0.0091  -0.0415 0.0039  80 LEU A CA  
588 C C   . LEU A 82 ? 0.2168 0.1300 0.1880 0.0065  -0.0504 0.0096  80 LEU A C   
589 O O   . LEU A 82 ? 0.2668 0.1664 0.2301 0.0088  -0.0673 0.0110  80 LEU A O   
590 C CB  . LEU A 82 ? 0.2877 0.2310 0.3150 0.0178  -0.0445 0.0006  80 LEU A CB  
591 C CG  . LEU A 82 ? 0.2650 0.2241 0.3168 0.0188  -0.0323 -0.0046 80 LEU A CG  
592 C CD1 . LEU A 82 ? 0.2670 0.2349 0.3430 0.0250  -0.0345 -0.0091 80 LEU A CD1 
593 C CD2 . LEU A 82 ? 0.2528 0.2111 0.2971 0.0162  -0.0180 -0.0017 80 LEU A CD2 
594 N N   . PHE A 83 ? 0.2278 0.1685 0.2765 -0.0106 0.0016  -0.0734 81 PHE A N   
595 C CA  . PHE A 83 ? 0.3317 0.2040 0.2355 -0.0348 -0.0319 -0.0584 81 PHE A CA  
596 C C   . PHE A 83 ? 0.4759 0.2107 0.2346 -0.0495 -0.0769 -0.0098 81 PHE A C   
597 O O   . PHE A 83 ? 0.4877 0.2135 0.2936 -0.0740 -0.1005 0.0258  81 PHE A O   
598 C CB  . PHE A 83 ? 0.3112 0.2593 0.3070 -0.0831 -0.0407 -0.0607 81 PHE A CB  
599 C CG  . PHE A 83 ? 0.2555 0.3357 0.3608 -0.0842 0.0049  -0.1172 81 PHE A CG  
600 C CD1 . PHE A 83 ? 0.2864 0.3821 0.2984 -0.0888 0.0076  -0.1347 81 PHE A CD1 
601 C CD2 . PHE A 83 ? 0.1961 0.3872 0.5011 -0.0877 0.0440  -0.1517 81 PHE A CD2 
602 C CE1 . PHE A 83 ? 0.2083 0.4330 0.3033 -0.1021 0.0472  -0.1871 81 PHE A CE1 
603 C CE2 . PHE A 83 ? 0.1845 0.4928 0.5756 -0.0968 0.0904  -0.2153 81 PHE A CE2 
604 C CZ  . PHE A 83 ? 0.1505 0.4828 0.4307 -0.1083 0.0914  -0.2332 81 PHE A CZ  
605 N N   . PRO A 84 ? 0.5974 0.2263 0.1841 -0.0386 -0.0895 -0.0076 82 PRO A N   
606 C CA  . PRO A 84 ? 0.7869 0.2763 0.2168 -0.0618 -0.1297 0.0258  82 PRO A CA  
607 C C   . PRO A 84 ? 0.8465 0.3152 0.2496 -0.1163 -0.1765 0.0524  82 PRO A C   
608 O O   . PRO A 84 ? 0.7845 0.3367 0.2655 -0.1286 -0.1710 0.0419  82 PRO A O   
609 C CB  . PRO A 84 ? 0.9371 0.3341 0.2313 -0.0214 -0.1102 0.0049  82 PRO A CB  
610 C CG  . PRO A 84 ? 0.8503 0.3370 0.2123 -0.0016 -0.0888 -0.0188 82 PRO A CG  
611 C CD  . PRO A 84 ? 0.6476 0.2846 0.1888 -0.0039 -0.0645 -0.0371 82 PRO A CD  
612 N N   . PRO A 85 ? 0.9595 0.3199 0.2483 -0.1539 -0.2217 0.0856  83 PRO A N   
613 C CA  . PRO A 85 ? 1.1788 0.5052 0.4276 -0.2052 -0.2685 0.1113  83 PRO A CA  
614 C C   . PRO A 85 ? 1.5389 0.7922 0.6924 -0.1913 -0.2600 0.0892  83 PRO A C   
615 O O   . PRO A 85 ? 1.4428 0.6399 0.5349 -0.1457 -0.2274 0.0624  83 PRO A O   
616 C CB  . PRO A 85 ? 1.2169 0.4425 0.3697 -0.2504 -0.3156 0.1436  83 PRO A CB  
617 C CG  . PRO A 85 ? 1.2243 0.3835 0.2901 -0.2148 -0.2841 0.1199  83 PRO A CG  
618 C CD  . PRO A 85 ? 1.0679 0.3391 0.2574 -0.1591 -0.2329 0.1014  83 PRO A CD  
619 N N   . VAL A 86 ? 2.0703 1.3268 1.2232 -0.2296 -0.2891 0.1071  84 VAL A N   
620 C CA  . VAL A 86 ? 2.6167 1.8055 1.6916 -0.2216 -0.2887 0.1002  84 VAL A CA  
621 C C   . VAL A 86 ? 3.1999 2.2140 2.1165 -0.2349 -0.3159 0.1026  84 VAL A C   
622 O O   . VAL A 86 ? 3.2928 2.2487 2.1579 -0.2736 -0.3482 0.1169  84 VAL A O   
623 C CB  . VAL A 86 ? 2.6230 1.8802 1.7463 -0.2624 -0.3103 0.1237  84 VAL A CB  
624 C CG1 . VAL A 86 ? 2.4864 1.9144 1.7377 -0.2501 -0.2750 0.1089  84 VAL A CG1 
625 C CG2 . VAL A 86 ? 2.6781 1.9122 1.7993 -0.3247 -0.3625 0.1604  84 VAL A CG2 
626 N N   . SER A 87 ? 3.6419 2.5739 2.4763 -0.2056 -0.3050 0.0920  85 SER A N   
627 C CA  . SER A 87 ? 4.1587 2.9151 2.8267 -0.2131 -0.3229 0.0887  85 SER A CA  
628 C C   . SER A 87 ? 4.6197 3.3067 3.2284 -0.2728 -0.3785 0.1191  85 SER A C   
629 O O   . SER A 87 ? 4.7971 3.3508 3.2745 -0.3063 -0.4074 0.1193  85 SER A O   
630 C CB  . SER A 87 ? 4.1707 2.8604 2.7830 -0.1522 -0.2859 0.0707  85 SER A CB  
631 O OG  . SER A 87 ? 4.0900 2.8204 2.7336 -0.1003 -0.2365 0.0418  85 SER A OG  
632 N N   . GLY A 88 ? 4.8538 3.6337 3.5549 -0.2908 -0.3921 0.1432  86 GLY A N   
633 C CA  . GLY A 88 ? 5.1970 3.9261 3.8599 -0.3477 -0.4436 0.1781  86 GLY A CA  
634 C C   . GLY A 88 ? 5.4322 4.1816 4.1159 -0.4103 -0.4860 0.1985  86 GLY A C   
635 O O   . GLY A 88 ? 5.3674 4.2152 4.1423 -0.4100 -0.4740 0.1954  86 GLY A O   
636 N N   . GLY A 89 ? 5.7114 4.3669 4.3171 -0.4648 -0.5392 0.2274  87 GLY A N   
637 C CA  . GLY A 89 ? 5.8554 4.5242 4.4771 -0.5308 -0.5910 0.2585  87 GLY A CA  
638 C C   . GLY A 89 ? 5.7836 4.6315 4.5824 -0.5439 -0.5864 0.2825  87 GLY A C   
639 O O   . GLY A 89 ? 5.8208 4.7009 4.6667 -0.5984 -0.6316 0.3227  87 GLY A O   
# 
